data_7UTC
#
_entry.id   7UTC
#
_cell.length_a   79.709
_cell.length_b   125.325
_cell.length_c   137.366
_cell.angle_alpha   90.000
_cell.angle_beta   90.000
_cell.angle_gamma   90.000
#
_symmetry.space_group_name_H-M   'P 21 21 21'
#
loop_
_entity.id
_entity.type
_entity.pdbx_description
1 polymer 'Secondary-alcohol dehydrogenase'
2 non-polymer 'ZINC ION'
3 non-polymer 'NADP NICOTINAMIDE-ADENINE-DINUCLEOTIDE PHOSPHATE'
4 non-polymer 'DIMETHYL SULFOXIDE'
5 water water
#
_entity_poly.entity_id   1
_entity_poly.type   'polypeptide(L)'
_entity_poly.pdbx_seq_one_letter_code
;MKGFAMLSIGKVGWIEKEKPAPGPFDAIVRPLAVAPCTSDIHTVFEGAIGERHNMILGHEAVGEVVEVGSEVKDFKPGDR
VVVPAITPDWRTSEVQRGYHQHSGGMLAGWKFSNVKDGVFGEFFHVNDADMNLAHLPKEIPLEAAVMIPDMMTTGFHGAE
LADIELGATVAVLGIGPVGLMAVAGAKLRGAGRIIAVGSRPVCVDAAKYYGATDIVNYKDGPIESQIMNLTEGKGVDAAI
IAGGNADIMATAVKIVKPGGTIANVNYFGEGEVLPVPRLEWGCGMAHKTIKGGLAPGGRLRMERLIDLVFYKRVDPSKLV
THVFRGFDNIEKAFMLMKDKPKDLIKPVVILA
;
_entity_poly.pdbx_strand_id   A,B,C,D
#
# COMPACT_ATOMS: atom_id res chain seq x y z
N MET A 1 44.11 -18.52 -2.18
CA MET A 1 44.48 -17.34 -1.40
C MET A 1 44.90 -16.18 -2.30
N LYS A 2 44.39 -16.15 -3.52
CA LYS A 2 44.66 -15.10 -4.50
C LYS A 2 43.35 -14.44 -4.91
N GLY A 3 43.38 -13.12 -5.11
CA GLY A 3 42.18 -12.40 -5.49
C GLY A 3 42.40 -11.04 -6.10
N PHE A 4 41.54 -10.65 -7.05
CA PHE A 4 41.66 -9.36 -7.70
C PHE A 4 41.02 -8.28 -6.85
N ALA A 5 41.83 -7.34 -6.35
CA ALA A 5 41.38 -6.40 -5.34
C ALA A 5 41.62 -4.96 -5.78
N MET A 6 40.93 -4.05 -5.10
CA MET A 6 41.08 -2.61 -5.29
C MET A 6 42.16 -2.11 -4.35
N LEU A 7 43.34 -1.78 -4.90
CA LEU A 7 44.44 -1.31 -4.06
C LEU A 7 44.12 0.05 -3.46
N SER A 8 43.66 0.98 -4.29
CA SER A 8 43.23 2.30 -3.85
C SER A 8 42.27 2.85 -4.90
N ILE A 9 41.94 4.14 -4.79
CA ILE A 9 41.09 4.77 -5.79
C ILE A 9 41.88 4.94 -7.08
N GLY A 10 41.42 4.29 -8.15
CA GLY A 10 42.09 4.34 -9.43
C GLY A 10 43.11 3.26 -9.69
N LYS A 11 43.44 2.44 -8.69
CA LYS A 11 44.44 1.40 -8.82
C LYS A 11 43.83 0.06 -8.42
N VAL A 12 44.01 -0.95 -9.28
CA VAL A 12 43.53 -2.30 -9.03
C VAL A 12 44.65 -3.28 -9.34
N GLY A 13 44.49 -4.50 -8.84
CA GLY A 13 45.47 -5.54 -9.08
C GLY A 13 45.32 -6.73 -8.16
N TRP A 14 45.93 -7.85 -8.53
CA TRP A 14 45.85 -9.06 -7.71
C TRP A 14 46.65 -8.88 -6.42
N ILE A 15 46.14 -9.45 -5.32
CA ILE A 15 46.85 -9.47 -4.05
C ILE A 15 46.70 -10.85 -3.42
N GLU A 16 47.31 -11.03 -2.25
CA GLU A 16 47.31 -12.27 -1.51
C GLU A 16 46.65 -12.03 -0.16
N LYS A 17 45.73 -12.91 0.23
CA LYS A 17 45.00 -12.76 1.48
C LYS A 17 44.84 -14.12 2.13
N GLU A 18 44.61 -14.10 3.44
CA GLU A 18 44.31 -15.32 4.17
C GLU A 18 42.93 -15.83 3.75
N LYS A 19 42.84 -17.15 3.57
CA LYS A 19 41.55 -17.76 3.27
C LYS A 19 40.60 -17.54 4.44
N PRO A 20 39.39 -17.05 4.21
CA PRO A 20 38.48 -16.75 5.31
C PRO A 20 37.98 -18.02 6.00
N ALA A 21 37.76 -17.91 7.32
CA ALA A 21 37.21 -18.96 8.16
C ALA A 21 35.77 -18.65 8.53
N PRO A 22 34.87 -19.62 8.48
CA PRO A 22 33.45 -19.34 8.72
C PRO A 22 33.08 -19.36 10.20
N GLY A 23 32.22 -18.40 10.58
CA GLY A 23 31.61 -18.43 11.88
C GLY A 23 30.61 -19.57 11.99
N PRO A 24 30.06 -19.75 13.20
CA PRO A 24 29.12 -20.87 13.40
C PRO A 24 27.90 -20.81 12.50
N PHE A 25 27.50 -19.63 12.04
CA PHE A 25 26.34 -19.46 11.17
C PHE A 25 26.71 -19.19 9.71
N ASP A 26 27.99 -19.21 9.37
CA ASP A 26 28.47 -18.74 8.08
C ASP A 26 28.85 -19.92 7.18
N ALA A 27 29.21 -19.60 5.93
CA ALA A 27 29.69 -20.58 4.98
C ALA A 27 30.87 -20.01 4.22
N ILE A 28 31.74 -20.91 3.74
CA ILE A 28 32.80 -20.56 2.82
C ILE A 28 32.46 -21.19 1.47
N VAL A 29 32.54 -20.40 0.41
CA VAL A 29 32.08 -20.80 -0.91
C VAL A 29 33.20 -20.57 -1.89
N ARG A 30 33.45 -21.56 -2.75
CA ARG A 30 34.36 -21.26 -3.85
C ARG A 30 33.55 -20.96 -5.11
N PRO A 31 33.96 -19.96 -5.88
CA PRO A 31 33.12 -19.51 -7.00
C PRO A 31 33.22 -20.44 -8.18
N LEU A 32 32.07 -20.72 -8.79
CA LEU A 32 31.98 -21.45 -10.05
C LEU A 32 31.77 -20.53 -11.24
N ALA A 33 31.23 -19.33 -11.01
CA ALA A 33 31.02 -18.34 -12.06
C ALA A 33 30.88 -16.98 -11.38
N VAL A 34 31.52 -15.95 -11.93
CA VAL A 34 31.44 -14.61 -11.37
C VAL A 34 31.18 -13.63 -12.51
N ALA A 35 30.90 -12.37 -12.13
CA ALA A 35 30.61 -11.32 -13.09
C ALA A 35 30.99 -9.95 -12.52
N PRO A 36 31.62 -9.10 -13.32
CA PRO A 36 31.90 -7.73 -12.86
C PRO A 36 30.70 -6.83 -13.04
N CYS A 37 30.72 -5.70 -12.33
CA CYS A 37 29.61 -4.77 -12.33
C CYS A 37 30.12 -3.35 -12.51
N THR A 38 29.26 -2.51 -13.09
CA THR A 38 29.57 -1.09 -13.19
C THR A 38 29.78 -0.47 -11.82
N SER A 39 29.16 -1.05 -10.78
CA SER A 39 29.30 -0.51 -9.43
C SER A 39 30.75 -0.56 -8.96
N ASP A 40 31.49 -1.61 -9.33
CA ASP A 40 32.90 -1.69 -8.98
C ASP A 40 33.73 -0.65 -9.72
N ILE A 41 33.23 -0.13 -10.85
CA ILE A 41 33.90 0.98 -11.51
C ILE A 41 33.59 2.29 -10.79
N HIS A 42 32.35 2.46 -10.32
CA HIS A 42 31.95 3.67 -9.60
C HIS A 42 32.72 3.83 -8.28
N THR A 43 33.08 2.73 -7.64
CA THR A 43 33.77 2.81 -6.35
C THR A 43 35.28 2.93 -6.51
N VAL A 44 35.85 2.22 -7.47
CA VAL A 44 37.30 2.26 -7.67
C VAL A 44 37.72 3.59 -8.27
N PHE A 45 37.17 3.92 -9.44
CA PHE A 45 37.70 5.03 -10.22
C PHE A 45 37.04 6.36 -9.93
N GLU A 46 35.86 6.36 -9.29
CA GLU A 46 35.21 7.60 -8.88
C GLU A 46 35.25 7.84 -7.37
N GLY A 47 35.70 6.86 -6.59
CA GLY A 47 35.68 7.00 -5.14
C GLY A 47 34.33 7.40 -4.59
N ALA A 48 33.26 6.80 -5.11
CA ALA A 48 31.92 7.26 -4.79
C ALA A 48 31.53 6.96 -3.35
N ILE A 49 32.16 5.97 -2.73
CA ILE A 49 31.86 5.61 -1.36
C ILE A 49 33.14 5.66 -0.52
N GLY A 50 34.04 6.56 -0.89
CA GLY A 50 35.25 6.76 -0.12
C GLY A 50 36.39 5.87 -0.56
N GLU A 51 37.48 5.96 0.20
CA GLU A 51 38.70 5.24 -0.09
C GLU A 51 38.63 3.82 0.44
N ARG A 52 39.27 2.90 -0.28
CA ARG A 52 39.46 1.53 0.17
C ARG A 52 40.94 1.18 0.08
N HIS A 53 41.33 0.11 0.76
CA HIS A 53 42.70 -0.38 0.72
C HIS A 53 42.64 -1.90 0.66
N ASN A 54 43.15 -2.46 -0.44
CA ASN A 54 43.29 -3.91 -0.64
C ASN A 54 41.99 -4.66 -0.33
N MET A 55 40.92 -4.23 -1.00
CA MET A 55 39.60 -4.85 -0.89
C MET A 55 39.32 -5.65 -2.14
N ILE A 56 39.13 -6.97 -1.98
CA ILE A 56 38.79 -7.81 -3.11
C ILE A 56 37.46 -7.37 -3.71
N LEU A 57 37.41 -7.30 -5.04
CA LEU A 57 36.25 -6.79 -5.74
C LEU A 57 35.32 -7.93 -6.16
N GLY A 58 34.17 -7.57 -6.75
CA GLY A 58 33.25 -8.56 -7.26
C GLY A 58 32.16 -8.92 -6.28
N HIS A 59 30.92 -9.02 -6.76
CA HIS A 59 29.82 -9.36 -5.85
C HIS A 59 28.75 -10.23 -6.49
N GLU A 60 28.93 -10.72 -7.70
CA GLU A 60 27.94 -11.54 -8.38
C GLU A 60 28.56 -12.91 -8.60
N ALA A 61 28.08 -13.92 -7.86
CA ALA A 61 28.73 -15.22 -7.89
C ALA A 61 27.73 -16.34 -7.68
N VAL A 62 27.84 -17.38 -8.50
CA VAL A 62 27.33 -18.71 -8.21
C VAL A 62 28.51 -19.57 -7.82
N GLY A 63 28.39 -20.33 -6.72
CA GLY A 63 29.52 -21.03 -6.18
C GLY A 63 29.14 -22.37 -5.59
N GLU A 64 30.14 -23.02 -5.00
CA GLU A 64 29.98 -24.31 -4.33
C GLU A 64 30.41 -24.15 -2.88
N VAL A 65 29.53 -24.57 -1.96
CA VAL A 65 29.87 -24.51 -0.55
C VAL A 65 30.98 -25.51 -0.25
N VAL A 66 32.00 -25.07 0.47
CA VAL A 66 33.07 -25.95 0.89
C VAL A 66 33.17 -26.11 2.40
N GLU A 67 32.61 -25.19 3.20
CA GLU A 67 32.66 -25.30 4.64
C GLU A 67 31.48 -24.53 5.22
N VAL A 68 30.85 -25.11 6.24
CA VAL A 68 29.72 -24.50 6.94
C VAL A 68 30.02 -24.46 8.43
N GLY A 69 29.45 -23.49 9.12
CA GLY A 69 29.59 -23.42 10.55
C GLY A 69 28.76 -24.47 11.27
N SER A 70 29.09 -24.68 12.54
CA SER A 70 28.41 -25.70 13.35
C SER A 70 26.91 -25.48 13.46
N GLU A 71 26.40 -24.31 13.08
CA GLU A 71 24.99 -23.99 13.19
C GLU A 71 24.28 -23.88 11.85
N VAL A 72 25.00 -24.00 10.74
CA VAL A 72 24.36 -24.02 9.43
C VAL A 72 23.54 -25.29 9.29
N LYS A 73 22.27 -25.14 8.91
CA LYS A 73 21.34 -26.26 8.90
C LYS A 73 20.92 -26.71 7.51
N ASP A 74 20.83 -25.80 6.53
CA ASP A 74 20.24 -26.11 5.24
C ASP A 74 21.26 -26.28 4.13
N PHE A 75 22.55 -26.10 4.42
CA PHE A 75 23.57 -26.17 3.39
C PHE A 75 24.72 -27.06 3.87
N LYS A 76 25.17 -27.96 2.99
CA LYS A 76 26.29 -28.87 3.17
C LYS A 76 27.44 -28.47 2.27
N PRO A 77 28.66 -28.92 2.55
CA PRO A 77 29.73 -28.74 1.56
C PRO A 77 29.42 -29.53 0.29
N GLY A 78 29.74 -28.91 -0.85
CA GLY A 78 29.39 -29.46 -2.13
C GLY A 78 28.12 -28.91 -2.74
N ASP A 79 27.30 -28.22 -1.96
CA ASP A 79 26.06 -27.66 -2.50
C ASP A 79 26.37 -26.47 -3.39
N ARG A 80 25.77 -26.46 -4.58
CA ARG A 80 25.88 -25.34 -5.51
C ARG A 80 24.77 -24.33 -5.19
N VAL A 81 25.17 -23.08 -4.99
CA VAL A 81 24.28 -22.06 -4.46
C VAL A 81 24.45 -20.78 -5.26
N VAL A 82 23.34 -20.04 -5.38
CA VAL A 82 23.34 -18.68 -5.90
C VAL A 82 23.52 -17.74 -4.72
N VAL A 83 24.58 -16.95 -4.73
CA VAL A 83 24.87 -16.00 -3.66
C VAL A 83 24.34 -14.64 -4.06
N PRO A 84 23.52 -13.98 -3.24
CA PRO A 84 23.05 -12.64 -3.59
C PRO A 84 24.12 -11.60 -3.32
N ALA A 85 24.08 -10.52 -4.10
CA ALA A 85 25.03 -9.44 -3.89
C ALA A 85 24.81 -8.76 -2.54
N ILE A 86 23.58 -8.76 -2.06
CA ILE A 86 23.22 -8.17 -0.78
C ILE A 86 23.09 -9.31 0.22
N THR A 87 23.98 -9.36 1.21
CA THR A 87 23.97 -10.42 2.23
C THR A 87 23.93 -9.77 3.60
N PRO A 88 22.75 -9.33 4.04
CA PRO A 88 22.68 -8.51 5.24
C PRO A 88 22.89 -9.33 6.50
N ASP A 89 23.18 -8.61 7.58
CA ASP A 89 23.00 -9.17 8.91
C ASP A 89 21.51 -9.08 9.23
N TRP A 90 20.89 -10.22 9.50
CA TRP A 90 19.44 -10.26 9.59
C TRP A 90 18.91 -9.91 10.97
N ARG A 91 19.78 -9.66 11.95
CA ARG A 91 19.33 -9.36 13.29
C ARG A 91 19.71 -7.91 13.63
N THR A 92 18.94 -6.97 13.06
CA THR A 92 19.10 -5.54 13.29
C THR A 92 17.75 -4.87 13.32
N SER A 93 17.72 -3.63 13.83
CA SER A 93 16.48 -2.87 13.87
C SER A 93 15.97 -2.53 12.47
N GLU A 94 16.86 -2.33 11.50
CA GLU A 94 16.39 -2.01 10.16
C GLU A 94 15.64 -3.18 9.53
N VAL A 95 16.04 -4.42 9.83
CA VAL A 95 15.27 -5.56 9.37
C VAL A 95 13.87 -5.53 9.96
N GLN A 96 13.75 -5.19 11.24
CA GLN A 96 12.44 -5.12 11.88
C GLN A 96 11.61 -3.98 11.31
N ARG A 97 12.25 -2.92 10.80
CA ARG A 97 11.55 -1.88 10.05
C ARG A 97 11.26 -2.28 8.61
N GLY A 98 11.75 -3.43 8.15
CA GLY A 98 11.48 -3.90 6.81
C GLY A 98 12.44 -3.47 5.73
N TYR A 99 13.69 -3.10 6.10
CA TYR A 99 14.70 -2.64 5.14
C TYR A 99 16.02 -3.38 5.40
N HIS A 100 16.04 -4.67 5.06
CA HIS A 100 17.26 -5.44 5.24
C HIS A 100 18.42 -4.92 4.40
N GLN A 101 18.15 -4.26 3.26
CA GLN A 101 19.24 -3.70 2.47
C GLN A 101 20.08 -2.70 3.25
N HIS A 102 19.53 -2.13 4.32
CA HIS A 102 20.23 -1.14 5.12
C HIS A 102 20.42 -1.63 6.55
N SER A 103 20.56 -2.95 6.70
CA SER A 103 20.71 -3.59 8.00
C SER A 103 22.04 -3.18 8.63
N GLY A 104 21.97 -2.39 9.69
CA GLY A 104 23.17 -1.90 10.34
C GLY A 104 23.75 -0.64 9.76
N GLY A 105 23.02 0.06 8.89
CA GLY A 105 23.50 1.30 8.32
C GLY A 105 23.12 1.48 6.87
N MET A 106 23.28 2.69 6.33
CA MET A 106 22.90 2.95 4.96
C MET A 106 23.71 2.07 4.01
N LEU A 107 23.00 1.31 3.16
CA LEU A 107 23.57 0.41 2.19
C LEU A 107 24.37 -0.73 2.83
N ALA A 108 24.16 -1.01 4.13
CA ALA A 108 25.05 -1.92 4.82
C ALA A 108 24.76 -3.39 4.54
N GLY A 109 23.60 -3.71 3.96
CA GLY A 109 23.35 -5.09 3.54
C GLY A 109 24.21 -5.51 2.38
N TRP A 110 24.60 -4.56 1.53
CA TRP A 110 25.61 -4.77 0.50
C TRP A 110 26.98 -4.85 1.19
N LYS A 111 27.53 -6.06 1.29
CA LYS A 111 28.82 -6.26 1.95
C LYS A 111 29.96 -6.53 0.97
N PHE A 112 29.74 -7.36 -0.05
CA PHE A 112 30.78 -7.68 -1.02
C PHE A 112 31.25 -6.44 -1.77
N SER A 113 32.59 -6.26 -1.82
CA SER A 113 33.25 -5.14 -2.51
C SER A 113 32.71 -3.77 -2.07
N ASN A 114 32.23 -3.69 -0.84
CA ASN A 114 31.83 -2.43 -0.23
C ASN A 114 32.48 -2.28 1.14
N VAL A 115 32.21 -3.23 2.04
CA VAL A 115 32.79 -3.23 3.37
C VAL A 115 33.26 -4.63 3.73
N LYS A 116 33.44 -5.47 2.70
CA LYS A 116 33.81 -6.86 2.90
C LYS A 116 34.48 -7.34 1.62
N ASP A 117 35.39 -8.30 1.75
CA ASP A 117 36.05 -8.85 0.57
C ASP A 117 35.00 -9.48 -0.35
N GLY A 118 35.18 -9.28 -1.65
CA GLY A 118 34.22 -9.73 -2.64
C GLY A 118 34.46 -11.16 -3.06
N VAL A 119 33.80 -11.55 -4.18
CA VAL A 119 33.83 -12.93 -4.64
C VAL A 119 34.94 -13.21 -5.63
N PHE A 120 35.75 -12.22 -5.99
CA PHE A 120 36.87 -12.42 -6.93
C PHE A 120 38.06 -13.02 -6.19
N GLY A 121 37.89 -14.29 -5.79
CA GLY A 121 38.95 -15.04 -5.14
C GLY A 121 38.65 -16.51 -5.20
N GLU A 122 39.66 -17.32 -4.89
CA GLU A 122 39.46 -18.77 -4.88
C GLU A 122 38.37 -19.17 -3.91
N PHE A 123 38.16 -18.39 -2.85
CA PHE A 123 37.08 -18.58 -1.90
C PHE A 123 36.58 -17.22 -1.42
N PHE A 124 35.38 -17.22 -0.85
CA PHE A 124 34.86 -16.03 -0.18
C PHE A 124 33.93 -16.46 0.95
N HIS A 125 33.57 -15.48 1.77
CA HIS A 125 32.84 -15.71 3.00
C HIS A 125 31.41 -15.17 2.88
N VAL A 126 30.43 -16.03 3.15
CA VAL A 126 29.03 -15.65 3.14
C VAL A 126 28.52 -15.73 4.56
N ASN A 127 28.07 -14.60 5.10
CA ASN A 127 27.58 -14.56 6.46
C ASN A 127 26.13 -15.02 6.52
N ASP A 128 25.81 -15.83 7.54
CA ASP A 128 24.46 -16.34 7.78
C ASP A 128 23.95 -17.11 6.56
N ALA A 129 24.53 -18.31 6.38
CA ALA A 129 24.29 -19.10 5.18
C ALA A 129 22.82 -19.49 5.05
N ASP A 130 22.18 -19.89 6.14
CA ASP A 130 20.77 -20.28 6.07
C ASP A 130 19.87 -19.14 5.66
N MET A 131 20.30 -17.89 5.85
CA MET A 131 19.50 -16.73 5.48
C MET A 131 19.93 -16.08 4.18
N ASN A 132 21.18 -16.29 3.75
CA ASN A 132 21.74 -15.55 2.62
C ASN A 132 22.26 -16.46 1.52
N LEU A 133 21.83 -17.71 1.46
CA LEU A 133 22.17 -18.59 0.34
C LEU A 133 20.89 -19.26 -0.17
N ALA A 134 20.91 -19.63 -1.45
CA ALA A 134 19.79 -20.31 -2.09
C ALA A 134 20.32 -21.41 -2.98
N HIS A 135 19.73 -22.60 -2.88
CA HIS A 135 20.17 -23.73 -3.69
C HIS A 135 19.93 -23.46 -5.16
N LEU A 136 20.89 -23.87 -6.00
CA LEU A 136 20.78 -23.70 -7.43
C LEU A 136 20.19 -24.97 -8.06
N PRO A 137 19.02 -24.89 -8.71
CA PRO A 137 18.50 -26.08 -9.42
C PRO A 137 19.45 -26.53 -10.52
N LYS A 138 19.51 -27.84 -10.73
CA LYS A 138 20.38 -28.40 -11.75
C LYS A 138 19.96 -28.00 -13.16
N GLU A 139 18.76 -27.46 -13.32
CA GLU A 139 18.23 -27.13 -14.64
C GLU A 139 18.61 -25.73 -15.12
N ILE A 140 19.29 -24.92 -14.31
CA ILE A 140 19.61 -23.54 -14.65
C ILE A 140 21.10 -23.45 -14.97
N PRO A 141 21.47 -23.06 -16.20
CA PRO A 141 22.91 -22.97 -16.53
C PRO A 141 23.61 -21.92 -15.69
N LEU A 142 24.93 -22.14 -15.51
CA LEU A 142 25.72 -21.25 -14.68
C LEU A 142 25.73 -19.81 -15.19
N GLU A 143 25.70 -19.63 -16.52
CA GLU A 143 25.76 -18.28 -17.07
C GLU A 143 24.50 -17.48 -16.74
N ALA A 144 23.34 -18.11 -16.86
CA ALA A 144 22.10 -17.41 -16.53
C ALA A 144 22.00 -17.20 -15.03
N ALA A 145 22.42 -18.19 -14.24
CA ALA A 145 22.26 -18.11 -12.78
C ALA A 145 23.05 -16.95 -12.19
N VAL A 146 24.23 -16.66 -12.73
CA VAL A 146 25.05 -15.58 -12.19
C VAL A 146 24.48 -14.21 -12.49
N MET A 147 23.44 -14.12 -13.32
CA MET A 147 22.73 -12.87 -13.55
C MET A 147 21.68 -12.59 -12.48
N ILE A 148 21.32 -13.59 -11.68
CA ILE A 148 20.33 -13.47 -10.61
C ILE A 148 20.87 -12.66 -9.44
N PRO A 149 22.11 -12.90 -8.96
CA PRO A 149 22.56 -12.22 -7.73
C PRO A 149 22.45 -10.70 -7.75
N ASP A 150 22.63 -10.06 -8.89
CA ASP A 150 22.72 -8.60 -8.90
C ASP A 150 21.84 -7.99 -9.98
N MET A 151 22.05 -8.39 -11.22
CA MET A 151 21.37 -7.74 -12.34
C MET A 151 19.86 -7.94 -12.26
N MET A 152 19.43 -9.17 -11.99
CA MET A 152 17.99 -9.45 -12.01
C MET A 152 17.29 -8.82 -10.82
N THR A 153 17.88 -8.90 -9.64
CA THR A 153 17.20 -8.33 -8.48
C THR A 153 17.16 -6.80 -8.54
N THR A 154 18.21 -6.17 -9.09
CA THR A 154 18.22 -4.71 -9.21
C THR A 154 17.24 -4.25 -10.27
N GLY A 155 17.31 -4.83 -11.46
CA GLY A 155 16.35 -4.49 -12.50
C GLY A 155 14.92 -4.72 -12.07
N PHE A 156 14.65 -5.86 -11.44
CA PHE A 156 13.28 -6.12 -11.02
C PHE A 156 12.86 -5.19 -9.89
N HIS A 157 13.79 -4.82 -8.99
CA HIS A 157 13.45 -3.88 -7.93
C HIS A 157 13.05 -2.53 -8.51
N GLY A 158 13.72 -2.10 -9.58
CA GLY A 158 13.29 -0.91 -10.27
C GLY A 158 11.85 -1.00 -10.74
N ALA A 159 11.46 -2.15 -11.30
CA ALA A 159 10.06 -2.29 -11.70
C ALA A 159 9.15 -2.33 -10.47
N GLU A 160 9.62 -2.89 -9.36
CA GLU A 160 8.80 -2.97 -8.15
C GLU A 160 8.56 -1.59 -7.56
N LEU A 161 9.62 -0.79 -7.42
CA LEU A 161 9.47 0.55 -6.89
C LEU A 161 8.55 1.40 -7.75
N ALA A 162 8.47 1.11 -9.06
CA ALA A 162 7.67 1.92 -9.97
C ALA A 162 6.18 1.80 -9.75
N ASP A 163 5.72 0.82 -8.96
CA ASP A 163 4.30 0.62 -8.67
C ASP A 163 3.47 0.58 -9.96
N ILE A 164 3.89 -0.30 -10.87
CA ILE A 164 3.23 -0.42 -12.18
C ILE A 164 1.84 -1.00 -12.00
N GLU A 165 0.85 -0.33 -12.60
CA GLU A 165 -0.48 -0.88 -12.77
C GLU A 165 -0.59 -1.60 -14.11
N LEU A 166 -1.56 -2.50 -14.20
CA LEU A 166 -1.77 -3.26 -15.43
C LEU A 166 -2.02 -2.33 -16.61
N GLY A 167 -1.32 -2.58 -17.71
CA GLY A 167 -1.47 -1.79 -18.91
C GLY A 167 -0.79 -0.44 -18.90
N ALA A 168 -0.11 -0.06 -17.81
CA ALA A 168 0.51 1.25 -17.71
C ALA A 168 1.66 1.38 -18.72
N THR A 169 1.97 2.63 -19.08
CA THR A 169 3.07 2.93 -19.99
C THR A 169 4.31 3.26 -19.17
N VAL A 170 5.37 2.50 -19.37
CA VAL A 170 6.58 2.59 -18.56
C VAL A 170 7.73 3.02 -19.46
N ALA A 171 8.56 3.92 -18.94
CA ALA A 171 9.81 4.29 -19.59
C ALA A 171 10.96 3.75 -18.77
N VAL A 172 11.97 3.22 -19.45
CA VAL A 172 13.17 2.68 -18.82
C VAL A 172 14.34 3.52 -19.32
N LEU A 173 14.91 4.34 -18.44
CA LEU A 173 16.03 5.22 -18.80
C LEU A 173 17.32 4.45 -18.55
N GLY A 174 17.93 3.94 -19.61
CA GLY A 174 19.13 3.13 -19.48
C GLY A 174 18.85 1.67 -19.76
N ILE A 175 19.56 1.10 -20.74
CA ILE A 175 19.34 -0.29 -21.11
C ILE A 175 20.66 -1.05 -21.09
N GLY A 176 21.48 -0.81 -20.08
CA GLY A 176 22.54 -1.73 -19.74
C GLY A 176 21.94 -2.96 -19.10
N PRO A 177 22.77 -3.89 -18.63
CA PRO A 177 22.23 -5.13 -18.04
C PRO A 177 21.17 -4.91 -16.96
N VAL A 178 21.28 -3.81 -16.20
CA VAL A 178 20.29 -3.50 -15.17
C VAL A 178 18.98 -3.04 -15.81
N GLY A 179 19.07 -2.07 -16.74
CA GLY A 179 17.89 -1.58 -17.41
C GLY A 179 17.18 -2.64 -18.22
N LEU A 180 17.93 -3.61 -18.76
CA LEU A 180 17.30 -4.69 -19.50
C LEU A 180 16.45 -5.57 -18.59
N MET A 181 16.92 -5.85 -17.37
CA MET A 181 16.07 -6.53 -16.39
C MET A 181 14.96 -5.63 -15.88
N ALA A 182 15.13 -4.32 -15.95
CA ALA A 182 14.03 -3.42 -15.64
C ALA A 182 12.94 -3.52 -16.70
N VAL A 183 13.34 -3.62 -17.98
CA VAL A 183 12.35 -3.83 -19.04
C VAL A 183 11.62 -5.15 -18.82
N ALA A 184 12.37 -6.21 -18.50
CA ALA A 184 11.74 -7.48 -18.18
C ALA A 184 10.87 -7.37 -16.94
N GLY A 185 11.38 -6.71 -15.90
CA GLY A 185 10.59 -6.52 -14.70
C GLY A 185 9.29 -5.78 -14.95
N ALA A 186 9.33 -4.75 -15.80
CA ALA A 186 8.11 -4.02 -16.11
C ALA A 186 7.09 -4.92 -16.79
N LYS A 187 7.55 -5.70 -17.78
CA LYS A 187 6.66 -6.66 -18.42
C LYS A 187 6.10 -7.66 -17.41
N LEU A 188 6.88 -8.01 -16.38
CA LEU A 188 6.38 -8.90 -15.35
C LEU A 188 5.42 -8.23 -14.39
N ARG A 189 5.40 -6.90 -14.34
CA ARG A 189 4.36 -6.19 -13.60
C ARG A 189 3.19 -5.81 -14.49
N GLY A 190 3.13 -6.34 -15.71
CA GLY A 190 1.97 -6.17 -16.56
C GLY A 190 1.89 -4.83 -17.25
N ALA A 191 3.02 -4.18 -17.47
CA ALA A 191 3.02 -2.95 -18.25
C ALA A 191 2.54 -3.23 -19.66
N GLY A 192 1.94 -2.20 -20.27
CA GLY A 192 1.62 -2.28 -21.68
C GLY A 192 2.79 -1.80 -22.52
N ARG A 193 2.79 -0.51 -22.83
CA ARG A 193 3.86 0.09 -23.60
C ARG A 193 5.11 0.25 -22.74
N ILE A 194 6.24 -0.24 -23.22
CA ILE A 194 7.51 -0.12 -22.52
C ILE A 194 8.48 0.62 -23.43
N ILE A 195 8.80 1.85 -23.07
CA ILE A 195 9.67 2.72 -23.86
C ILE A 195 11.06 2.63 -23.27
N ALA A 196 12.01 2.12 -24.03
CA ALA A 196 13.39 1.95 -23.59
C ALA A 196 14.27 3.03 -24.18
N VAL A 197 15.23 3.52 -23.39
CA VAL A 197 16.10 4.63 -23.79
C VAL A 197 17.55 4.13 -23.77
N GLY A 198 18.17 4.09 -24.95
CA GLY A 198 19.55 3.66 -25.06
C GLY A 198 20.04 3.78 -26.48
N SER A 199 21.32 3.44 -26.67
CA SER A 199 21.95 3.64 -27.98
C SER A 199 22.62 2.40 -28.54
N ARG A 200 23.35 1.64 -27.73
CA ARG A 200 24.10 0.51 -28.24
C ARG A 200 23.15 -0.48 -28.92
N PRO A 201 23.44 -0.91 -30.15
CA PRO A 201 22.51 -1.81 -30.85
C PRO A 201 22.37 -3.18 -30.20
N VAL A 202 23.40 -3.66 -29.50
CA VAL A 202 23.24 -4.94 -28.81
C VAL A 202 22.29 -4.80 -27.64
N CYS A 203 22.28 -3.63 -26.97
CA CYS A 203 21.34 -3.37 -25.89
C CYS A 203 19.92 -3.20 -26.43
N VAL A 204 19.78 -2.51 -27.57
CA VAL A 204 18.47 -2.28 -28.15
C VAL A 204 17.82 -3.58 -28.57
N ASP A 205 18.60 -4.49 -29.16
CA ASP A 205 18.05 -5.80 -29.55
C ASP A 205 17.56 -6.57 -28.33
N ALA A 206 18.35 -6.58 -27.25
CA ALA A 206 17.94 -7.29 -26.04
C ALA A 206 16.72 -6.65 -25.38
N ALA A 207 16.60 -5.32 -25.49
CA ALA A 207 15.46 -4.63 -24.89
C ALA A 207 14.15 -5.05 -25.54
N LYS A 208 14.14 -5.17 -26.87
CA LYS A 208 12.96 -5.70 -27.55
C LYS A 208 12.70 -7.14 -27.12
N TYR A 209 13.76 -7.95 -26.99
CA TYR A 209 13.61 -9.33 -26.54
C TYR A 209 12.89 -9.40 -25.21
N TYR A 210 13.17 -8.46 -24.31
CA TYR A 210 12.59 -8.49 -22.98
C TYR A 210 11.27 -7.74 -22.88
N GLY A 211 10.77 -7.19 -23.99
CA GLY A 211 9.43 -6.63 -24.04
C GLY A 211 9.33 -5.15 -24.37
N ALA A 212 10.42 -4.46 -24.73
CA ALA A 212 10.31 -3.06 -25.10
C ALA A 212 9.53 -2.90 -26.39
N THR A 213 8.53 -2.01 -26.37
CA THR A 213 7.74 -1.73 -27.56
C THR A 213 8.22 -0.50 -28.32
N ASP A 214 9.00 0.37 -27.68
CA ASP A 214 9.56 1.55 -28.34
C ASP A 214 11.00 1.75 -27.89
N ILE A 215 11.86 2.17 -28.82
CA ILE A 215 13.26 2.48 -28.54
C ILE A 215 13.46 3.97 -28.76
N VAL A 216 14.10 4.63 -27.81
CA VAL A 216 14.36 6.07 -27.89
C VAL A 216 15.87 6.27 -27.88
N ASN A 217 16.41 6.78 -28.99
CA ASN A 217 17.82 7.12 -29.11
C ASN A 217 17.96 8.63 -29.07
N TYR A 218 18.94 9.11 -28.28
CA TYR A 218 19.14 10.56 -28.16
C TYR A 218 19.61 11.21 -29.46
N LYS A 219 20.03 10.43 -30.46
CA LYS A 219 20.46 11.01 -31.72
C LYS A 219 19.31 11.74 -32.42
N ASP A 220 18.08 11.28 -32.20
CA ASP A 220 16.91 11.94 -32.77
C ASP A 220 16.59 13.25 -32.06
N GLY A 221 17.21 13.50 -30.91
CA GLY A 221 16.99 14.73 -30.19
C GLY A 221 16.93 14.51 -28.69
N PRO A 222 16.47 15.51 -27.96
CA PRO A 222 16.32 15.36 -26.50
C PRO A 222 15.28 14.31 -26.16
N ILE A 223 15.61 13.45 -25.19
CA ILE A 223 14.75 12.34 -24.83
C ILE A 223 13.41 12.82 -24.29
N GLU A 224 13.40 13.95 -23.56
CA GLU A 224 12.16 14.49 -23.02
C GLU A 224 11.14 14.76 -24.12
N SER A 225 11.49 15.62 -25.09
CA SER A 225 10.55 15.95 -26.15
C SER A 225 10.29 14.77 -27.06
N GLN A 226 11.20 13.80 -27.13
CA GLN A 226 11.00 12.62 -27.96
C GLN A 226 9.94 11.70 -27.37
N ILE A 227 9.99 11.46 -26.05
CA ILE A 227 9.01 10.62 -25.39
C ILE A 227 7.66 11.34 -25.27
N MET A 228 7.68 12.65 -25.06
CA MET A 228 6.44 13.41 -25.02
C MET A 228 5.68 13.32 -26.34
N ASN A 229 6.40 13.22 -27.46
CA ASN A 229 5.72 13.03 -28.74
C ASN A 229 5.14 11.62 -28.85
N LEU A 230 5.86 10.62 -28.35
CA LEU A 230 5.33 9.26 -28.33
C LEU A 230 4.05 9.18 -27.52
N THR A 231 3.93 9.97 -26.45
CA THR A 231 2.78 9.93 -25.56
C THR A 231 1.80 11.08 -25.81
N GLU A 232 2.02 11.86 -26.87
CA GLU A 232 1.10 12.93 -27.26
C GLU A 232 0.90 13.94 -26.13
N GLY A 233 1.98 14.27 -25.44
CA GLY A 233 1.91 15.21 -24.34
C GLY A 233 1.48 14.64 -23.00
N LYS A 234 0.98 13.40 -22.97
CA LYS A 234 0.52 12.85 -21.70
C LYS A 234 1.69 12.44 -20.79
N GLY A 235 2.69 11.77 -21.35
CA GLY A 235 3.79 11.25 -20.56
C GLY A 235 3.63 9.77 -20.26
N VAL A 236 4.54 9.29 -19.42
CA VAL A 236 4.54 7.91 -18.97
C VAL A 236 3.99 7.84 -17.56
N ASP A 237 3.47 6.66 -17.22
CA ASP A 237 2.98 6.41 -15.87
C ASP A 237 4.12 6.18 -14.88
N ALA A 238 5.26 5.69 -15.37
CA ALA A 238 6.41 5.47 -14.50
C ALA A 238 7.68 5.52 -15.35
N ALA A 239 8.77 5.99 -14.74
CA ALA A 239 10.08 6.03 -15.40
C ALA A 239 11.08 5.35 -14.48
N ILE A 240 11.77 4.35 -15.00
CA ILE A 240 12.76 3.59 -14.25
C ILE A 240 14.14 4.07 -14.67
N ILE A 241 14.89 4.58 -13.71
CA ILE A 241 16.24 5.07 -13.97
C ILE A 241 17.22 3.93 -13.72
N ALA A 242 17.96 3.55 -14.77
CA ALA A 242 18.94 2.47 -14.69
C ALA A 242 20.28 2.86 -15.32
N GLY A 243 20.65 4.12 -15.22
CA GLY A 243 21.88 4.60 -15.82
C GLY A 243 21.78 6.08 -16.16
N GLY A 244 22.92 6.65 -16.49
CA GLY A 244 23.02 8.05 -16.85
C GLY A 244 23.60 8.90 -15.73
N ASN A 245 23.82 10.17 -16.05
CA ASN A 245 24.36 11.13 -15.10
C ASN A 245 23.26 11.64 -14.18
N ALA A 246 23.65 12.51 -13.24
CA ALA A 246 22.66 13.07 -12.31
C ALA A 246 21.54 13.79 -13.03
N ASP A 247 21.80 14.34 -14.21
CA ASP A 247 20.78 15.06 -14.95
C ASP A 247 19.66 14.14 -15.43
N ILE A 248 19.87 12.82 -15.45
CA ILE A 248 18.80 11.91 -15.83
C ILE A 248 17.65 11.98 -14.84
N MET A 249 17.92 12.38 -13.59
CA MET A 249 16.85 12.58 -12.64
C MET A 249 15.88 13.64 -13.12
N ALA A 250 16.41 14.74 -13.68
CA ALA A 250 15.54 15.78 -14.22
C ALA A 250 14.77 15.27 -15.43
N THR A 251 15.42 14.50 -16.30
CA THR A 251 14.73 13.92 -17.45
C THR A 251 13.57 13.05 -17.01
N ALA A 252 13.75 12.28 -15.94
CA ALA A 252 12.70 11.38 -15.47
C ALA A 252 11.50 12.16 -14.97
N VAL A 253 11.73 13.21 -14.17
CA VAL A 253 10.61 13.98 -13.65
C VAL A 253 9.87 14.67 -14.79
N LYS A 254 10.57 15.00 -15.87
CA LYS A 254 9.92 15.73 -16.96
C LYS A 254 9.01 14.82 -17.78
N ILE A 255 9.32 13.53 -17.88
CA ILE A 255 8.53 12.64 -18.74
C ILE A 255 7.40 11.93 -17.99
N VAL A 256 7.42 11.93 -16.67
CA VAL A 256 6.39 11.24 -15.89
C VAL A 256 5.20 12.16 -15.69
N LYS A 257 4.00 11.60 -15.83
CA LYS A 257 2.79 12.37 -15.65
C LYS A 257 2.52 12.63 -14.16
N PRO A 258 1.67 13.60 -13.84
CA PRO A 258 1.30 13.81 -12.44
C PRO A 258 0.70 12.56 -11.84
N GLY A 259 1.08 12.26 -10.60
CA GLY A 259 0.69 11.03 -9.96
C GLY A 259 1.53 9.83 -10.32
N GLY A 260 2.41 9.95 -11.31
CA GLY A 260 3.29 8.87 -11.69
C GLY A 260 4.46 8.73 -10.74
N THR A 261 5.32 7.76 -11.03
CA THR A 261 6.40 7.39 -10.13
C THR A 261 7.73 7.36 -10.86
N ILE A 262 8.76 7.88 -10.22
CA ILE A 262 10.14 7.81 -10.70
C ILE A 262 10.87 6.79 -9.83
N ALA A 263 11.26 5.67 -10.42
CA ALA A 263 11.86 4.56 -9.69
C ALA A 263 13.32 4.44 -10.09
N ASN A 264 14.21 4.83 -9.18
CA ASN A 264 15.64 4.82 -9.46
C ASN A 264 16.31 3.62 -8.81
N VAL A 265 17.24 3.01 -9.56
CA VAL A 265 18.10 1.97 -9.01
C VAL A 265 19.52 2.27 -9.44
N ASN A 266 19.73 3.45 -10.02
CA ASN A 266 21.04 3.82 -10.54
C ASN A 266 21.97 4.25 -9.42
N TYR A 267 23.23 3.84 -9.53
CA TYR A 267 24.26 4.19 -8.56
C TYR A 267 24.98 5.42 -9.10
N PHE A 268 24.64 6.59 -8.54
CA PHE A 268 25.28 7.85 -8.93
C PHE A 268 26.61 7.98 -8.22
N GLY A 269 27.69 8.12 -8.99
CA GLY A 269 29.01 8.14 -8.41
C GLY A 269 29.62 9.53 -8.34
N GLU A 270 29.20 10.40 -9.25
CA GLU A 270 29.72 11.75 -9.35
C GLU A 270 28.62 12.76 -9.08
N GLY A 271 29.01 13.99 -8.80
CA GLY A 271 28.05 15.03 -8.54
C GLY A 271 27.65 15.10 -7.07
N GLU A 272 27.37 16.32 -6.62
CA GLU A 272 26.96 16.52 -5.24
C GLU A 272 25.45 16.48 -5.07
N VAL A 273 24.71 16.94 -6.07
CA VAL A 273 23.27 17.13 -5.98
C VAL A 273 22.61 16.44 -7.18
N LEU A 274 21.52 15.73 -6.93
CA LEU A 274 20.71 15.19 -8.00
C LEU A 274 19.57 16.15 -8.30
N PRO A 275 19.51 16.73 -9.50
CA PRO A 275 18.56 17.83 -9.75
C PRO A 275 17.12 17.33 -9.90
N VAL A 276 16.21 18.00 -9.21
CA VAL A 276 14.78 17.78 -9.37
C VAL A 276 14.17 19.06 -9.95
N PRO A 277 13.61 19.01 -11.16
CA PRO A 277 13.07 20.23 -11.79
C PRO A 277 11.89 20.77 -11.00
N ARG A 278 12.02 22.01 -10.51
CA ARG A 278 10.94 22.59 -9.70
C ARG A 278 9.63 22.64 -10.47
N LEU A 279 9.66 23.16 -11.71
CA LEU A 279 8.42 23.37 -12.45
C LEU A 279 7.81 22.05 -12.90
N GLU A 280 8.62 21.13 -13.41
CA GLU A 280 8.08 19.85 -13.85
C GLU A 280 7.70 18.93 -12.68
N TRP A 281 8.12 19.25 -11.46
CA TRP A 281 7.67 18.54 -10.27
C TRP A 281 6.46 19.22 -9.63
N GLY A 282 5.81 20.14 -10.35
CA GLY A 282 4.64 20.81 -9.82
C GLY A 282 4.93 21.87 -8.78
N CYS A 283 6.15 22.43 -8.79
CA CYS A 283 6.62 23.35 -7.75
C CYS A 283 6.55 22.70 -6.37
N GLY A 284 6.67 21.37 -6.34
CA GLY A 284 6.56 20.60 -5.12
C GLY A 284 5.28 19.80 -4.95
N MET A 285 4.37 19.82 -5.94
CA MET A 285 3.01 19.35 -5.68
C MET A 285 2.41 18.50 -6.81
N ALA A 286 3.22 17.89 -7.68
CA ALA A 286 2.71 17.15 -8.82
C ALA A 286 2.43 15.68 -8.54
N HIS A 287 2.60 15.23 -7.29
CA HIS A 287 2.45 13.83 -6.91
C HIS A 287 3.33 12.91 -7.75
N LYS A 288 4.52 13.38 -8.14
CA LYS A 288 5.50 12.56 -8.84
C LYS A 288 6.45 11.97 -7.81
N THR A 289 6.01 10.88 -7.18
CA THR A 289 6.81 10.20 -6.18
C THR A 289 8.15 9.75 -6.75
N ILE A 290 9.21 10.01 -6.00
CA ILE A 290 10.57 9.61 -6.39
C ILE A 290 11.07 8.55 -5.43
N LYS A 291 11.47 7.41 -5.98
CA LYS A 291 12.04 6.32 -5.19
C LYS A 291 13.43 5.97 -5.71
N GLY A 292 14.27 5.50 -4.81
CA GLY A 292 15.60 5.05 -5.16
C GLY A 292 16.11 4.05 -4.16
N GLY A 293 16.26 2.79 -4.56
CA GLY A 293 16.54 1.73 -3.61
C GLY A 293 17.70 0.84 -4.03
N LEU A 294 18.39 0.32 -3.02
CA LEU A 294 19.35 -0.75 -3.19
C LEU A 294 18.61 -2.07 -3.40
N ALA A 295 19.15 -2.93 -4.26
CA ALA A 295 18.44 -4.14 -4.64
C ALA A 295 18.26 -5.07 -3.45
N PRO A 296 17.13 -5.77 -3.33
CA PRO A 296 16.96 -6.72 -2.24
C PRO A 296 17.94 -7.88 -2.38
N GLY A 297 18.27 -8.47 -1.24
CA GLY A 297 19.11 -9.65 -1.21
C GLY A 297 18.56 -10.72 -0.30
N GLY A 298 19.40 -11.70 0.07
CA GLY A 298 19.00 -12.76 0.95
C GLY A 298 18.40 -13.95 0.23
N ARG A 299 18.19 -15.02 1.00
CA ARG A 299 17.78 -16.32 0.44
C ARG A 299 16.43 -16.25 -0.26
N LEU A 300 15.46 -15.54 0.33
CA LEU A 300 14.12 -15.52 -0.27
C LEU A 300 14.12 -14.80 -1.60
N ARG A 301 14.79 -13.65 -1.68
CA ARG A 301 14.87 -12.93 -2.94
C ARG A 301 15.43 -13.82 -4.05
N MET A 302 16.48 -14.58 -3.76
CA MET A 302 17.08 -15.44 -4.76
C MET A 302 16.16 -16.61 -5.12
N GLU A 303 15.52 -17.22 -4.12
CA GLU A 303 14.61 -18.33 -4.42
C GLU A 303 13.46 -17.88 -5.30
N ARG A 304 12.87 -16.72 -4.99
CA ARG A 304 11.80 -16.16 -5.83
C ARG A 304 12.28 -15.96 -7.26
N LEU A 305 13.46 -15.35 -7.43
CA LEU A 305 13.97 -15.10 -8.78
C LEU A 305 14.44 -16.39 -9.45
N ILE A 306 14.82 -17.40 -8.67
CA ILE A 306 15.15 -18.68 -9.26
C ILE A 306 13.90 -19.31 -9.88
N ASP A 307 12.75 -19.20 -9.20
CA ASP A 307 11.50 -19.72 -9.75
C ASP A 307 11.12 -19.00 -11.03
N LEU A 308 11.28 -17.68 -11.07
CA LEU A 308 11.01 -16.93 -12.29
C LEU A 308 11.87 -17.42 -13.44
N VAL A 309 13.14 -17.74 -13.17
CA VAL A 309 13.99 -18.33 -14.20
C VAL A 309 13.54 -19.76 -14.49
N PHE A 310 13.21 -20.51 -13.45
CA PHE A 310 12.86 -21.92 -13.62
C PHE A 310 11.62 -22.08 -14.48
N TYR A 311 10.55 -21.36 -14.16
CA TYR A 311 9.29 -21.49 -14.91
C TYR A 311 9.27 -20.63 -16.17
N LYS A 312 10.43 -20.15 -16.60
CA LYS A 312 10.58 -19.49 -17.90
C LYS A 312 9.80 -18.18 -17.96
N ARG A 313 9.80 -17.43 -16.86
CA ARG A 313 9.21 -16.10 -16.89
C ARG A 313 10.20 -15.08 -17.44
N VAL A 314 11.49 -15.30 -17.21
CA VAL A 314 12.54 -14.43 -17.74
C VAL A 314 13.77 -15.29 -18.04
N ASP A 315 14.38 -15.07 -19.19
CA ASP A 315 15.62 -15.77 -19.54
C ASP A 315 16.79 -14.79 -19.50
N PRO A 316 17.62 -14.82 -18.45
CA PRO A 316 18.70 -13.84 -18.33
C PRO A 316 19.96 -14.17 -19.13
N SER A 317 19.97 -15.30 -19.84
CA SER A 317 21.16 -15.65 -20.62
C SER A 317 21.45 -14.65 -21.72
N LYS A 318 20.46 -13.89 -22.17
CA LYS A 318 20.70 -12.91 -23.23
C LYS A 318 21.47 -11.70 -22.74
N LEU A 319 21.63 -11.53 -21.43
CA LEU A 319 22.51 -10.48 -20.91
C LEU A 319 23.97 -10.85 -21.13
N VAL A 320 24.28 -12.14 -21.14
CA VAL A 320 25.66 -12.63 -21.18
C VAL A 320 26.08 -12.66 -22.65
N THR A 321 26.90 -11.69 -23.04
CA THR A 321 27.47 -11.65 -24.38
C THR A 321 28.86 -12.27 -24.43
N HIS A 322 29.63 -12.14 -23.36
CA HIS A 322 31.01 -12.63 -23.29
C HIS A 322 31.13 -13.63 -22.15
N VAL A 323 31.72 -14.79 -22.45
CA VAL A 323 31.99 -15.82 -21.46
C VAL A 323 33.49 -16.10 -21.50
N PHE A 324 34.20 -15.72 -20.43
CA PHE A 324 35.61 -16.03 -20.25
C PHE A 324 35.77 -17.31 -19.43
N ARG A 325 37.02 -17.75 -19.28
CA ARG A 325 37.34 -18.88 -18.41
C ARG A 325 38.65 -18.62 -17.68
N GLY A 326 38.76 -19.15 -16.48
CA GLY A 326 39.98 -19.06 -15.68
C GLY A 326 40.02 -17.83 -14.80
N PHE A 327 40.64 -18.00 -13.62
CA PHE A 327 40.74 -16.91 -12.66
C PHE A 327 41.41 -15.67 -13.27
N ASP A 328 42.41 -15.87 -14.14
CA ASP A 328 43.17 -14.73 -14.65
C ASP A 328 42.29 -13.79 -15.48
N ASN A 329 41.23 -14.31 -16.09
CA ASN A 329 40.37 -13.48 -16.92
C ASN A 329 39.46 -12.56 -16.11
N ILE A 330 39.44 -12.73 -14.79
CA ILE A 330 38.67 -11.83 -13.94
C ILE A 330 39.14 -10.39 -14.14
N GLU A 331 40.46 -10.18 -14.19
CA GLU A 331 40.98 -8.84 -14.44
C GLU A 331 40.51 -8.30 -15.79
N LYS A 332 40.50 -9.16 -16.82
CA LYS A 332 40.11 -8.69 -18.15
C LYS A 332 38.63 -8.37 -18.20
N ALA A 333 37.79 -9.27 -17.66
CA ALA A 333 36.36 -8.98 -17.62
C ALA A 333 36.07 -7.73 -16.82
N PHE A 334 36.84 -7.47 -15.76
CA PHE A 334 36.67 -6.25 -14.98
C PHE A 334 37.02 -5.03 -15.81
N MET A 335 38.09 -5.10 -16.61
CA MET A 335 38.49 -3.98 -17.44
C MET A 335 37.55 -3.77 -18.62
N LEU A 336 36.89 -4.84 -19.08
CA LEU A 336 35.81 -4.66 -20.05
C LEU A 336 34.69 -3.79 -19.51
N MET A 337 34.57 -3.69 -18.18
CA MET A 337 33.53 -2.87 -17.60
C MET A 337 33.94 -1.39 -17.54
N LYS A 338 35.24 -1.10 -17.45
CA LYS A 338 35.69 0.29 -17.47
C LYS A 338 35.53 0.90 -18.85
N ASP A 339 35.87 0.15 -19.90
CA ASP A 339 35.66 0.56 -21.29
C ASP A 339 34.82 -0.53 -21.95
N LYS A 340 33.54 -0.25 -22.14
CA LYS A 340 32.66 -1.28 -22.66
C LYS A 340 32.82 -1.40 -24.18
N PRO A 341 33.08 -2.59 -24.70
CA PRO A 341 32.93 -2.79 -26.15
C PRO A 341 31.49 -2.61 -26.56
N LYS A 342 31.31 -2.29 -27.84
CA LYS A 342 29.96 -2.04 -28.36
C LYS A 342 29.14 -3.32 -28.47
N ASP A 343 29.78 -4.49 -28.48
CA ASP A 343 29.07 -5.76 -28.55
C ASP A 343 28.89 -6.40 -27.17
N LEU A 344 29.22 -5.70 -26.10
CA LEU A 344 29.18 -6.23 -24.75
C LEU A 344 27.94 -5.74 -24.00
N ILE A 345 27.30 -6.67 -23.28
CA ILE A 345 26.28 -6.32 -22.30
C ILE A 345 26.80 -6.71 -20.93
N LYS A 346 27.05 -8.01 -20.72
CA LYS A 346 27.51 -8.49 -19.43
C LYS A 346 28.47 -9.67 -19.61
N PRO A 347 29.69 -9.59 -19.08
CA PRO A 347 30.60 -10.73 -19.13
C PRO A 347 30.48 -11.64 -17.92
N VAL A 348 30.85 -12.91 -18.15
CA VAL A 348 30.81 -13.96 -17.14
C VAL A 348 32.09 -14.77 -17.23
N VAL A 349 32.72 -15.04 -16.09
CA VAL A 349 33.92 -15.87 -16.02
C VAL A 349 33.55 -17.19 -15.36
N ILE A 350 33.76 -18.30 -16.07
CA ILE A 350 33.50 -19.64 -15.57
C ILE A 350 34.80 -20.22 -15.04
N LEU A 351 34.73 -20.82 -13.85
CA LEU A 351 35.92 -21.28 -13.15
C LEU A 351 35.99 -22.79 -12.96
N ALA A 352 34.86 -23.45 -12.76
CA ALA A 352 34.83 -24.90 -12.62
C ALA A 352 33.44 -25.42 -12.97
N MET B 1 -19.47 43.14 -10.33
CA MET B 1 -19.06 43.14 -8.93
C MET B 1 -17.62 43.60 -8.79
N LYS B 2 -17.16 43.75 -7.55
CA LYS B 2 -15.80 44.18 -7.25
C LYS B 2 -15.05 43.05 -6.56
N GLY B 3 -13.75 42.91 -6.87
CA GLY B 3 -12.95 41.87 -6.26
C GLY B 3 -11.48 42.23 -6.29
N PHE B 4 -10.77 41.80 -5.25
CA PHE B 4 -9.32 42.02 -5.16
C PHE B 4 -8.60 41.05 -6.07
N ALA B 5 -7.86 41.57 -7.04
CA ALA B 5 -7.29 40.75 -8.09
C ALA B 5 -5.80 41.00 -8.23
N MET B 6 -5.14 40.06 -8.92
CA MET B 6 -3.75 40.21 -9.34
C MET B 6 -3.75 40.82 -10.72
N LEU B 7 -3.26 42.07 -10.82
CA LEU B 7 -3.24 42.75 -12.11
C LEU B 7 -2.18 42.16 -13.02
N SER B 8 -0.94 42.11 -12.56
CA SER B 8 0.13 41.41 -13.24
C SER B 8 1.11 40.92 -12.18
N ILE B 9 2.22 40.33 -12.63
CA ILE B 9 3.25 39.86 -11.70
C ILE B 9 3.77 41.06 -10.92
N GLY B 10 3.55 41.04 -9.60
CA GLY B 10 4.02 42.09 -8.73
C GLY B 10 3.04 43.23 -8.50
N LYS B 11 1.89 43.24 -9.17
CA LYS B 11 0.90 44.29 -8.97
C LYS B 11 -0.45 43.66 -8.67
N VAL B 12 -1.11 44.18 -7.62
CA VAL B 12 -2.45 43.78 -7.23
C VAL B 12 -3.30 45.03 -7.02
N GLY B 13 -4.60 44.82 -7.01
CA GLY B 13 -5.55 45.90 -6.83
C GLY B 13 -6.95 45.43 -7.16
N TRP B 14 -7.92 46.25 -6.77
CA TRP B 14 -9.33 45.94 -7.01
C TRP B 14 -9.69 46.18 -8.48
N ILE B 15 -10.52 45.30 -9.04
CA ILE B 15 -10.98 45.44 -10.41
C ILE B 15 -12.50 45.31 -10.45
N GLU B 16 -13.05 45.46 -11.65
CA GLU B 16 -14.48 45.34 -11.90
C GLU B 16 -14.71 44.16 -12.84
N LYS B 17 -15.58 43.25 -12.44
CA LYS B 17 -15.90 42.07 -13.23
C LYS B 17 -17.39 41.77 -13.11
N GLU B 18 -17.95 41.18 -14.16
CA GLU B 18 -19.33 40.72 -14.10
C GLU B 18 -19.45 39.58 -13.09
N LYS B 19 -20.53 39.62 -12.31
CA LYS B 19 -20.86 38.50 -11.43
C LYS B 19 -20.94 37.21 -12.25
N PRO B 20 -20.30 36.13 -11.81
CA PRO B 20 -20.28 34.91 -12.62
C PRO B 20 -21.66 34.25 -12.70
N ALA B 21 -21.83 33.45 -13.76
CA ALA B 21 -23.07 32.74 -14.03
C ALA B 21 -22.85 31.24 -13.93
N PRO B 22 -23.70 30.52 -13.19
CA PRO B 22 -23.50 29.07 -13.03
C PRO B 22 -24.08 28.24 -14.16
N GLY B 23 -23.38 27.15 -14.47
CA GLY B 23 -23.96 26.13 -15.31
C GLY B 23 -24.95 25.28 -14.55
N PRO B 24 -25.56 24.31 -15.26
CA PRO B 24 -26.57 23.47 -14.62
C PRO B 24 -26.06 22.73 -13.39
N PHE B 25 -24.75 22.51 -13.26
CA PHE B 25 -24.19 21.77 -12.14
C PHE B 25 -23.45 22.64 -11.14
N ASP B 26 -23.36 23.95 -11.38
CA ASP B 26 -22.52 24.84 -10.59
C ASP B 26 -23.34 25.62 -9.57
N ALA B 27 -22.62 26.32 -8.70
CA ALA B 27 -23.25 27.17 -7.68
C ALA B 27 -22.52 28.49 -7.61
N ILE B 28 -23.27 29.53 -7.23
CA ILE B 28 -22.71 30.84 -6.93
C ILE B 28 -22.77 31.02 -5.42
N VAL B 29 -21.64 31.38 -4.83
CA VAL B 29 -21.50 31.45 -3.39
C VAL B 29 -21.07 32.85 -3.01
N ARG B 30 -21.71 33.40 -1.97
CA ARG B 30 -21.13 34.63 -1.44
C ARG B 30 -20.36 34.31 -0.16
N PRO B 31 -19.20 34.93 0.01
CA PRO B 31 -18.31 34.54 1.12
C PRO B 31 -18.80 35.10 2.45
N LEU B 32 -18.76 34.25 3.47
CA LEU B 32 -19.00 34.63 4.85
C LEU B 32 -17.72 34.81 5.65
N ALA B 33 -16.65 34.11 5.26
CA ALA B 33 -15.34 34.22 5.91
C ALA B 33 -14.29 33.80 4.89
N VAL B 34 -13.22 34.59 4.77
CA VAL B 34 -12.14 34.30 3.83
C VAL B 34 -10.82 34.36 4.58
N ALA B 35 -9.77 33.85 3.92
CA ALA B 35 -8.41 33.91 4.46
C ALA B 35 -7.41 33.98 3.33
N PRO B 36 -6.35 34.77 3.47
CA PRO B 36 -5.30 34.80 2.45
C PRO B 36 -4.28 33.70 2.69
N CYS B 37 -3.51 33.41 1.65
CA CYS B 37 -2.58 32.30 1.65
C CYS B 37 -1.22 32.73 1.12
N THR B 38 -0.18 32.08 1.64
CA THR B 38 1.17 32.31 1.14
C THR B 38 1.30 31.92 -0.33
N SER B 39 0.47 30.97 -0.79
CA SER B 39 0.52 30.54 -2.18
C SER B 39 0.22 31.69 -3.13
N ASP B 40 -0.70 32.58 -2.76
CA ASP B 40 -1.00 33.72 -3.60
C ASP B 40 0.15 34.73 -3.65
N ILE B 41 1.00 34.73 -2.62
CA ILE B 41 2.20 35.55 -2.68
C ILE B 41 3.20 34.98 -3.68
N HIS B 42 3.37 33.64 -3.66
CA HIS B 42 4.26 32.98 -4.60
C HIS B 42 3.89 33.26 -6.05
N THR B 43 2.59 33.36 -6.35
CA THR B 43 2.20 33.57 -7.75
C THR B 43 2.24 35.03 -8.13
N VAL B 44 1.81 35.92 -7.24
CA VAL B 44 1.77 37.34 -7.55
C VAL B 44 3.19 37.91 -7.67
N PHE B 45 3.99 37.73 -6.63
CA PHE B 45 5.25 38.47 -6.52
C PHE B 45 6.47 37.68 -6.97
N GLU B 46 6.38 36.34 -7.04
CA GLU B 46 7.46 35.53 -7.57
C GLU B 46 7.19 35.02 -8.98
N GLY B 47 5.97 35.13 -9.47
CA GLY B 47 5.60 34.58 -10.78
C GLY B 47 5.91 33.11 -10.91
N ALA B 48 5.54 32.31 -9.89
CA ALA B 48 5.96 30.92 -9.87
C ALA B 48 5.20 30.07 -10.88
N ILE B 49 3.96 30.43 -11.21
CA ILE B 49 3.19 29.69 -12.19
C ILE B 49 2.84 30.59 -13.37
N GLY B 50 3.74 31.52 -13.71
CA GLY B 50 3.58 32.32 -14.90
C GLY B 50 2.78 33.59 -14.68
N GLU B 51 2.59 34.31 -15.77
CA GLU B 51 1.92 35.60 -15.74
C GLU B 51 0.41 35.41 -15.65
N ARG B 52 -0.26 36.35 -14.98
CA ARG B 52 -1.70 36.45 -14.95
C ARG B 52 -2.12 37.88 -15.21
N HIS B 53 -3.38 38.07 -15.58
CA HIS B 53 -3.94 39.39 -15.86
C HIS B 53 -5.35 39.46 -15.31
N ASN B 54 -5.55 40.30 -14.29
CA ASN B 54 -6.87 40.56 -13.70
C ASN B 54 -7.55 39.27 -13.24
N MET B 55 -6.85 38.54 -12.39
CA MET B 55 -7.35 37.31 -11.78
C MET B 55 -7.67 37.58 -10.32
N ILE B 56 -8.95 37.45 -9.95
CA ILE B 56 -9.33 37.58 -8.56
C ILE B 56 -8.57 36.54 -7.74
N LEU B 57 -8.15 36.94 -6.54
CA LEU B 57 -7.33 36.11 -5.68
C LEU B 57 -8.20 35.42 -4.63
N GLY B 58 -7.57 34.53 -3.86
CA GLY B 58 -8.24 33.89 -2.74
C GLY B 58 -8.73 32.50 -3.06
N HIS B 59 -8.48 31.54 -2.15
CA HIS B 59 -9.02 30.20 -2.34
C HIS B 59 -9.43 29.53 -1.04
N GLU B 60 -9.48 30.25 0.08
CA GLU B 60 -9.95 29.70 1.35
C GLU B 60 -11.18 30.48 1.76
N ALA B 61 -12.34 29.84 1.75
CA ALA B 61 -13.56 30.57 1.99
C ALA B 61 -14.64 29.67 2.55
N VAL B 62 -15.45 30.24 3.44
CA VAL B 62 -16.70 29.67 3.93
C VAL B 62 -17.81 30.61 3.50
N GLY B 63 -18.83 30.08 2.82
CA GLY B 63 -19.80 30.96 2.21
C GLY B 63 -21.26 30.57 2.35
N GLU B 64 -22.12 31.28 1.64
CA GLU B 64 -23.53 30.96 1.54
C GLU B 64 -23.90 30.80 0.07
N VAL B 65 -24.49 29.67 -0.27
CA VAL B 65 -24.97 29.47 -1.63
C VAL B 65 -26.07 30.48 -1.91
N VAL B 66 -25.98 31.15 -3.06
CA VAL B 66 -27.00 32.10 -3.45
C VAL B 66 -27.75 31.69 -4.72
N GLU B 67 -27.22 30.75 -5.49
CA GLU B 67 -27.86 30.31 -6.73
C GLU B 67 -27.25 28.98 -7.14
N VAL B 68 -28.08 28.05 -7.59
CA VAL B 68 -27.59 26.76 -8.06
C VAL B 68 -28.13 26.52 -9.46
N GLY B 69 -27.41 25.69 -10.21
CA GLY B 69 -27.88 25.25 -11.51
C GLY B 69 -29.05 24.28 -11.38
N SER B 70 -29.72 24.07 -12.52
CA SER B 70 -30.91 23.23 -12.55
C SER B 70 -30.63 21.80 -12.14
N GLU B 71 -29.37 21.38 -12.15
CA GLU B 71 -29.00 19.99 -11.85
C GLU B 71 -28.34 19.80 -10.49
N VAL B 72 -28.20 20.87 -9.70
CA VAL B 72 -27.67 20.73 -8.35
C VAL B 72 -28.74 20.10 -7.45
N LYS B 73 -28.39 18.99 -6.81
CA LYS B 73 -29.34 18.23 -6.01
C LYS B 73 -29.22 18.47 -4.52
N ASP B 74 -28.00 18.66 -4.00
CA ASP B 74 -27.73 18.62 -2.57
C ASP B 74 -27.57 19.99 -1.94
N PHE B 75 -27.57 21.06 -2.73
CA PHE B 75 -27.33 22.38 -2.18
C PHE B 75 -28.38 23.34 -2.70
N LYS B 76 -28.92 24.14 -1.80
CA LYS B 76 -29.94 25.15 -2.04
C LYS B 76 -29.41 26.53 -1.72
N PRO B 77 -30.04 27.58 -2.24
CA PRO B 77 -29.72 28.92 -1.74
C PRO B 77 -30.01 29.01 -0.25
N GLY B 78 -29.11 29.67 0.48
CA GLY B 78 -29.21 29.76 1.92
C GLY B 78 -28.40 28.73 2.68
N ASP B 79 -27.85 27.73 2.00
CA ASP B 79 -27.00 26.74 2.66
C ASP B 79 -25.65 27.36 2.98
N ARG B 80 -25.17 27.13 4.21
CA ARG B 80 -23.82 27.52 4.61
C ARG B 80 -22.89 26.35 4.33
N VAL B 81 -21.80 26.61 3.60
CA VAL B 81 -20.96 25.56 3.04
C VAL B 81 -19.48 25.89 3.27
N VAL B 82 -18.69 24.84 3.42
CA VAL B 82 -17.23 24.93 3.41
C VAL B 82 -16.77 24.64 1.99
N VAL B 83 -16.09 25.60 1.38
CA VAL B 83 -15.63 25.51 0.00
C VAL B 83 -14.17 25.08 0.03
N PRO B 84 -13.80 23.95 -0.57
CA PRO B 84 -12.39 23.55 -0.61
C PRO B 84 -11.57 24.39 -1.58
N ALA B 85 -10.29 24.53 -1.28
CA ALA B 85 -9.40 25.21 -2.23
C ALA B 85 -9.33 24.46 -3.55
N ILE B 86 -9.39 23.14 -3.52
CA ILE B 86 -9.35 22.31 -4.71
C ILE B 86 -10.78 21.94 -5.08
N THR B 87 -11.20 22.35 -6.28
CA THR B 87 -12.56 22.08 -6.79
C THR B 87 -12.45 21.49 -8.20
N PRO B 88 -12.07 20.22 -8.32
CA PRO B 88 -11.74 19.68 -9.63
C PRO B 88 -12.98 19.42 -10.48
N ASP B 89 -12.75 19.33 -11.78
CA ASP B 89 -13.70 18.69 -12.67
C ASP B 89 -13.59 17.19 -12.44
N TRP B 90 -14.68 16.55 -12.03
CA TRP B 90 -14.57 15.18 -11.57
C TRP B 90 -14.69 14.14 -12.69
N ARG B 91 -15.02 14.54 -13.91
CA ARG B 91 -15.15 13.59 -15.02
C ARG B 91 -13.96 13.76 -15.96
N THR B 92 -12.80 13.26 -15.51
CA THR B 92 -11.58 13.25 -16.32
C THR B 92 -10.85 11.94 -16.10
N SER B 93 -9.86 11.67 -16.96
CA SER B 93 -9.07 10.45 -16.83
C SER B 93 -8.21 10.47 -15.56
N GLU B 94 -7.70 11.65 -15.18
CA GLU B 94 -6.91 11.75 -13.96
C GLU B 94 -7.71 11.33 -12.73
N VAL B 95 -9.00 11.66 -12.69
CA VAL B 95 -9.83 11.21 -11.58
C VAL B 95 -9.94 9.69 -11.61
N GLN B 96 -10.09 9.10 -12.79
CA GLN B 96 -10.13 7.64 -12.89
C GLN B 96 -8.79 7.01 -12.51
N ARG B 97 -7.69 7.76 -12.66
CA ARG B 97 -6.40 7.29 -12.17
C ARG B 97 -6.22 7.49 -10.67
N GLY B 98 -7.13 8.22 -10.02
CA GLY B 98 -7.01 8.47 -8.59
C GLY B 98 -6.22 9.69 -8.19
N TYR B 99 -6.19 10.75 -9.03
CA TYR B 99 -5.47 11.99 -8.70
C TYR B 99 -6.33 13.18 -9.11
N HIS B 100 -7.41 13.42 -8.35
CA HIS B 100 -8.32 14.49 -8.68
C HIS B 100 -7.63 15.85 -8.65
N GLN B 101 -6.61 16.01 -7.80
CA GLN B 101 -5.88 17.28 -7.75
C GLN B 101 -5.32 17.68 -9.10
N HIS B 102 -5.15 16.72 -10.01
CA HIS B 102 -4.55 16.98 -11.32
C HIS B 102 -5.54 16.75 -12.45
N SER B 103 -6.83 16.84 -12.14
CA SER B 103 -7.87 16.60 -13.12
C SER B 103 -7.85 17.67 -14.20
N GLY B 104 -7.46 17.29 -15.42
CA GLY B 104 -7.32 18.23 -16.51
C GLY B 104 -5.94 18.79 -16.71
N GLY B 105 -4.96 18.33 -15.94
CA GLY B 105 -3.62 18.86 -16.07
C GLY B 105 -2.94 18.97 -14.73
N MET B 106 -1.63 19.24 -14.73
CA MET B 106 -0.90 19.38 -13.48
C MET B 106 -1.49 20.52 -12.65
N LEU B 107 -1.80 20.22 -11.39
CA LEU B 107 -2.41 21.15 -10.43
C LEU B 107 -3.78 21.65 -10.87
N ALA B 108 -4.39 21.03 -11.89
CA ALA B 108 -5.57 21.61 -12.52
C ALA B 108 -6.83 21.49 -11.67
N GLY B 109 -6.80 20.64 -10.63
CA GLY B 109 -7.88 20.64 -9.65
C GLY B 109 -7.87 21.86 -8.75
N TRP B 110 -6.74 22.56 -8.68
CA TRP B 110 -6.64 23.83 -7.97
C TRP B 110 -7.04 24.92 -8.95
N LYS B 111 -8.27 25.43 -8.83
CA LYS B 111 -8.78 26.42 -9.78
C LYS B 111 -8.74 27.84 -9.25
N PHE B 112 -9.15 28.06 -8.00
CA PHE B 112 -9.22 29.42 -7.45
C PHE B 112 -7.84 30.08 -7.43
N SER B 113 -7.76 31.28 -8.00
CA SER B 113 -6.54 32.08 -8.07
C SER B 113 -5.38 31.34 -8.73
N ASN B 114 -5.68 30.31 -9.52
CA ASN B 114 -4.71 29.66 -10.40
C ASN B 114 -5.14 29.79 -11.86
N VAL B 115 -6.31 29.26 -12.22
CA VAL B 115 -6.82 29.36 -13.59
C VAL B 115 -8.26 29.86 -13.53
N LYS B 116 -8.63 30.51 -12.43
CA LYS B 116 -10.02 30.89 -12.20
C LYS B 116 -10.05 32.01 -11.18
N ASP B 117 -11.03 32.91 -11.32
CA ASP B 117 -11.22 33.98 -10.35
C ASP B 117 -11.51 33.40 -8.97
N GLY B 118 -10.81 33.93 -7.96
CA GLY B 118 -10.85 33.38 -6.61
C GLY B 118 -12.05 33.85 -5.80
N VAL B 119 -11.94 33.66 -4.48
CA VAL B 119 -13.06 33.95 -3.57
C VAL B 119 -13.01 35.37 -3.01
N PHE B 120 -11.99 36.15 -3.34
CA PHE B 120 -11.92 37.55 -2.90
C PHE B 120 -12.81 38.39 -3.80
N GLY B 121 -14.12 38.17 -3.66
CA GLY B 121 -15.10 38.91 -4.41
C GLY B 121 -16.45 38.83 -3.74
N GLU B 122 -17.36 39.69 -4.18
CA GLU B 122 -18.72 39.68 -3.64
C GLU B 122 -19.39 38.33 -3.87
N PHE B 123 -19.09 37.68 -5.00
CA PHE B 123 -19.52 36.32 -5.28
C PHE B 123 -18.35 35.57 -5.92
N PHE B 124 -18.51 34.26 -6.03
CA PHE B 124 -17.57 33.46 -6.80
C PHE B 124 -18.27 32.20 -7.29
N HIS B 125 -17.66 31.57 -8.29
CA HIS B 125 -18.23 30.44 -8.99
C HIS B 125 -17.61 29.15 -8.47
N VAL B 126 -18.46 28.20 -8.08
CA VAL B 126 -18.01 26.87 -7.67
C VAL B 126 -18.54 25.86 -8.67
N ASN B 127 -17.63 25.15 -9.35
CA ASN B 127 -18.03 24.14 -10.31
C ASN B 127 -18.45 22.86 -9.58
N ASP B 128 -19.53 22.24 -10.08
CA ASP B 128 -20.01 20.96 -9.56
C ASP B 128 -20.25 21.04 -8.05
N ALA B 129 -21.33 21.74 -7.67
CA ALA B 129 -21.61 21.96 -6.26
C ALA B 129 -21.81 20.65 -5.50
N ASP B 130 -22.48 19.68 -6.12
CA ASP B 130 -22.74 18.41 -5.47
C ASP B 130 -21.46 17.63 -5.17
N MET B 131 -20.38 17.88 -5.91
CA MET B 131 -19.12 17.17 -5.73
CA MET B 131 -19.13 17.17 -5.72
C MET B 131 -18.05 17.98 -5.03
N ASN B 132 -18.22 19.31 -4.94
CA ASN B 132 -17.16 20.20 -4.42
C ASN B 132 -17.64 21.10 -3.29
N LEU B 133 -18.79 20.82 -2.67
CA LEU B 133 -19.23 21.57 -1.51
C LEU B 133 -19.58 20.61 -0.39
N ALA B 134 -19.39 21.07 0.85
CA ALA B 134 -19.77 20.34 2.05
C ALA B 134 -20.59 21.25 2.94
N HIS B 135 -21.62 20.69 3.58
CA HIS B 135 -22.44 21.47 4.48
C HIS B 135 -21.68 21.73 5.78
N LEU B 136 -21.73 22.97 6.25
CA LEU B 136 -21.02 23.37 7.47
C LEU B 136 -21.94 23.26 8.67
N PRO B 137 -21.63 22.39 9.63
CA PRO B 137 -22.51 22.27 10.81
C PRO B 137 -22.49 23.55 11.63
N LYS B 138 -23.62 23.81 12.30
CA LYS B 138 -23.75 25.02 13.09
C LYS B 138 -22.78 25.06 14.26
N GLU B 139 -22.22 23.92 14.65
CA GLU B 139 -21.39 23.82 15.84
C GLU B 139 -19.94 24.27 15.61
N ILE B 140 -19.53 24.52 14.38
CA ILE B 140 -18.16 24.88 14.07
C ILE B 140 -18.12 26.37 13.74
N PRO B 141 -17.31 27.18 14.43
CA PRO B 141 -17.28 28.62 14.15
C PRO B 141 -16.67 28.92 12.79
N LEU B 142 -16.96 30.12 12.29
CA LEU B 142 -16.44 30.52 10.99
C LEU B 142 -14.92 30.57 10.98
N GLU B 143 -14.30 30.97 12.10
CA GLU B 143 -12.85 31.07 12.12
C GLU B 143 -12.19 29.70 12.06
N ALA B 144 -12.77 28.71 12.74
CA ALA B 144 -12.24 27.36 12.64
C ALA B 144 -12.54 26.74 11.28
N ALA B 145 -13.74 26.97 10.75
CA ALA B 145 -14.13 26.34 9.50
C ALA B 145 -13.32 26.84 8.32
N VAL B 146 -12.93 28.12 8.32
CA VAL B 146 -12.15 28.65 7.20
C VAL B 146 -10.72 28.09 7.16
N MET B 147 -10.31 27.34 8.18
CA MET B 147 -9.00 26.70 8.16
C MET B 147 -9.01 25.36 7.43
N ILE B 148 -10.19 24.81 7.20
CA ILE B 148 -10.36 23.49 6.59
C ILE B 148 -10.09 23.52 5.08
N PRO B 149 -10.54 24.53 4.31
CA PRO B 149 -10.35 24.46 2.86
C PRO B 149 -8.91 24.27 2.40
N ASP B 150 -7.94 24.86 3.09
CA ASP B 150 -6.57 24.89 2.57
C ASP B 150 -5.55 24.42 3.61
N MET B 151 -5.52 25.08 4.76
CA MET B 151 -4.50 24.80 5.76
C MET B 151 -4.61 23.37 6.28
N MET B 152 -5.82 22.94 6.65
CA MET B 152 -5.95 21.63 7.28
C MET B 152 -5.74 20.51 6.27
N THR B 153 -6.35 20.60 5.09
CA THR B 153 -6.17 19.52 4.11
C THR B 153 -4.73 19.44 3.63
N THR B 154 -4.01 20.56 3.59
CA THR B 154 -2.62 20.52 3.16
C THR B 154 -1.71 19.94 4.22
N GLY B 155 -1.83 20.44 5.47
CA GLY B 155 -1.04 19.87 6.55
C GLY B 155 -1.32 18.40 6.74
N PHE B 156 -2.60 18.00 6.78
CA PHE B 156 -2.91 16.58 6.93
C PHE B 156 -2.41 15.77 5.74
N HIS B 157 -2.34 16.38 4.55
CA HIS B 157 -1.83 15.65 3.39
C HIS B 157 -0.33 15.40 3.53
N GLY B 158 0.40 16.33 4.14
CA GLY B 158 1.80 16.06 4.45
C GLY B 158 1.97 14.86 5.36
N ALA B 159 1.14 14.75 6.39
CA ALA B 159 1.23 13.59 7.28
C ALA B 159 0.79 12.31 6.56
N GLU B 160 -0.22 12.40 5.70
CA GLU B 160 -0.64 11.25 4.91
C GLU B 160 0.49 10.78 3.99
N LEU B 161 1.12 11.72 3.29
CA LEU B 161 2.20 11.35 2.37
C LEU B 161 3.38 10.74 3.11
N ALA B 162 3.56 11.09 4.39
CA ALA B 162 4.73 10.65 5.16
C ALA B 162 4.70 9.18 5.54
N ASP B 163 3.58 8.48 5.35
CA ASP B 163 3.45 7.06 5.67
C ASP B 163 3.92 6.77 7.11
N ILE B 164 3.33 7.50 8.05
CA ILE B 164 3.70 7.38 9.46
C ILE B 164 3.19 6.06 10.01
N GLU B 165 4.07 5.34 10.71
CA GLU B 165 3.71 4.16 11.48
C GLU B 165 3.55 4.55 12.94
N LEU B 166 2.77 3.76 13.67
CA LEU B 166 2.50 4.05 15.07
C LEU B 166 3.81 4.18 15.84
N GLY B 167 3.94 5.25 16.60
CA GLY B 167 5.13 5.50 17.38
C GLY B 167 6.31 6.07 16.63
N ALA B 168 6.20 6.27 15.32
CA ALA B 168 7.34 6.77 14.56
C ALA B 168 7.73 8.18 15.01
N THR B 169 8.99 8.55 14.73
CA THR B 169 9.51 9.88 15.04
C THR B 169 9.46 10.74 13.79
N VAL B 170 8.74 11.86 13.86
CA VAL B 170 8.44 12.69 12.71
C VAL B 170 9.04 14.07 12.93
N ALA B 171 9.64 14.62 11.87
CA ALA B 171 10.10 15.99 11.85
C ALA B 171 9.23 16.81 10.92
N VAL B 172 8.86 18.01 11.34
CA VAL B 172 8.10 18.93 10.49
C VAL B 172 8.96 20.17 10.27
N LEU B 173 9.37 20.38 9.02
CA LEU B 173 10.20 21.51 8.64
C LEU B 173 9.28 22.66 8.24
N GLY B 174 9.11 23.61 9.15
CA GLY B 174 8.22 24.73 8.89
C GLY B 174 6.99 24.64 9.76
N ILE B 175 6.77 25.64 10.60
CA ILE B 175 5.63 25.60 11.51
C ILE B 175 4.77 26.84 11.33
N GLY B 176 4.58 27.26 10.08
CA GLY B 176 3.51 28.16 9.74
C GLY B 176 2.19 27.42 9.78
N PRO B 177 1.09 28.06 9.35
CA PRO B 177 -0.23 27.42 9.46
C PRO B 177 -0.32 26.02 8.83
N VAL B 178 0.36 25.79 7.70
CA VAL B 178 0.34 24.46 7.08
C VAL B 178 1.13 23.47 7.93
N GLY B 179 2.35 23.86 8.32
CA GLY B 179 3.16 22.97 9.14
C GLY B 179 2.57 22.72 10.51
N LEU B 180 1.88 23.71 11.06
CA LEU B 180 1.16 23.49 12.30
C LEU B 180 0.09 22.42 12.12
N MET B 181 -0.61 22.43 10.98
CA MET B 181 -1.57 21.37 10.73
C MET B 181 -0.87 20.06 10.42
N ALA B 182 0.36 20.11 9.91
CA ALA B 182 1.12 18.87 9.71
C ALA B 182 1.57 18.27 11.03
N VAL B 183 1.85 19.10 12.04
CA VAL B 183 2.13 18.55 13.37
C VAL B 183 0.88 17.88 13.93
N ALA B 184 -0.28 18.50 13.72
CA ALA B 184 -1.54 17.89 14.12
C ALA B 184 -1.82 16.62 13.34
N GLY B 185 -1.63 16.67 12.02
CA GLY B 185 -1.83 15.47 11.21
C GLY B 185 -0.90 14.35 11.61
N ALA B 186 0.37 14.68 11.85
CA ALA B 186 1.32 13.67 12.34
C ALA B 186 0.81 13.01 13.62
N LYS B 187 0.31 13.80 14.57
CA LYS B 187 -0.25 13.21 15.78
C LYS B 187 -1.46 12.35 15.47
N LEU B 188 -2.28 12.79 14.51
CA LEU B 188 -3.45 11.99 14.14
C LEU B 188 -3.08 10.73 13.39
N ARG B 189 -1.86 10.64 12.86
CA ARG B 189 -1.37 9.39 12.31
C ARG B 189 -0.61 8.56 13.35
N GLY B 190 -0.63 8.99 14.61
CA GLY B 190 -0.08 8.19 15.68
C GLY B 190 1.40 8.33 15.89
N ALA B 191 2.01 9.42 15.45
CA ALA B 191 3.44 9.62 15.65
C ALA B 191 3.77 9.66 17.14
N GLY B 192 4.98 9.23 17.47
CA GLY B 192 5.46 9.35 18.82
C GLY B 192 6.08 10.71 19.04
N ARG B 193 7.40 10.79 18.84
CA ARG B 193 8.12 12.05 18.95
C ARG B 193 7.89 12.89 17.69
N ILE B 194 7.55 14.15 17.88
CA ILE B 194 7.29 15.07 16.78
C ILE B 194 8.22 16.25 16.95
N ILE B 195 9.22 16.35 16.08
CA ILE B 195 10.22 17.41 16.14
C ILE B 195 9.81 18.51 15.16
N ALA B 196 9.47 19.68 15.68
CA ALA B 196 9.03 20.80 14.85
C ALA B 196 10.17 21.77 14.66
N VAL B 197 10.25 22.38 13.48
CA VAL B 197 11.36 23.26 13.12
C VAL B 197 10.79 24.64 12.79
N GLY B 198 11.11 25.62 13.63
CA GLY B 198 10.66 26.99 13.41
C GLY B 198 11.29 27.90 14.45
N SER B 199 10.96 29.19 14.32
CA SER B 199 11.55 30.19 15.21
C SER B 199 10.54 31.13 15.85
N ARG B 200 9.50 31.53 15.12
CA ARG B 200 8.55 32.51 15.63
C ARG B 200 7.92 32.03 16.93
N PRO B 201 7.97 32.81 18.01
CA PRO B 201 7.40 32.34 19.29
C PRO B 201 5.93 31.99 19.22
N VAL B 202 5.13 32.73 18.44
CA VAL B 202 3.71 32.41 18.32
C VAL B 202 3.52 31.06 17.63
N CYS B 203 4.40 30.72 16.69
CA CYS B 203 4.32 29.43 16.01
C CYS B 203 4.79 28.30 16.92
N VAL B 204 5.84 28.54 17.70
CA VAL B 204 6.36 27.51 18.60
C VAL B 204 5.33 27.13 19.64
N ASP B 205 4.64 28.12 20.21
CA ASP B 205 3.58 27.81 21.16
C ASP B 205 2.48 26.97 20.51
N ALA B 206 2.14 27.27 19.26
CA ALA B 206 1.11 26.51 18.56
C ALA B 206 1.60 25.12 18.19
N ALA B 207 2.89 24.99 17.86
CA ALA B 207 3.46 23.68 17.56
C ALA B 207 3.32 22.74 18.76
N LYS B 208 3.69 23.21 19.95
CA LYS B 208 3.52 22.37 21.14
C LYS B 208 2.04 22.05 21.37
N TYR B 209 1.16 23.02 21.12
CA TYR B 209 -0.27 22.78 21.31
C TYR B 209 -0.77 21.65 20.43
N TYR B 210 -0.24 21.53 19.21
CA TYR B 210 -0.71 20.53 18.27
C TYR B 210 0.06 19.22 18.33
N GLY B 211 1.10 19.14 19.16
CA GLY B 211 1.70 17.83 19.42
C GLY B 211 3.20 17.77 19.43
N ALA B 212 3.87 18.85 19.02
CA ALA B 212 5.32 18.82 18.92
C ALA B 212 5.94 18.55 20.29
N THR B 213 6.91 17.65 20.31
CA THR B 213 7.61 17.30 21.54
C THR B 213 8.98 17.96 21.64
N ASP B 214 9.53 18.43 20.52
CA ASP B 214 10.82 19.08 20.48
C ASP B 214 10.76 20.24 19.50
N ILE B 215 11.37 21.36 19.86
CA ILE B 215 11.44 22.55 19.03
C ILE B 215 12.88 22.75 18.59
N VAL B 216 13.11 22.81 17.29
CA VAL B 216 14.44 23.04 16.73
C VAL B 216 14.43 24.42 16.08
N ASN B 217 15.26 25.32 16.60
CA ASN B 217 15.48 26.65 16.07
C ASN B 217 16.84 26.69 15.40
N TYR B 218 16.93 27.35 14.24
CA TYR B 218 18.21 27.42 13.53
C TYR B 218 19.27 28.19 14.31
N LYS B 219 18.91 28.88 15.39
CA LYS B 219 19.88 29.67 16.15
C LYS B 219 20.96 28.80 16.75
N ASP B 220 20.60 27.59 17.20
CA ASP B 220 21.58 26.69 17.80
C ASP B 220 22.56 26.15 16.77
N GLY B 221 22.26 26.27 15.48
CA GLY B 221 23.14 25.77 14.45
C GLY B 221 22.38 25.18 13.28
N PRO B 222 23.05 24.34 12.49
CA PRO B 222 22.38 23.69 11.37
C PRO B 222 21.23 22.81 11.86
N ILE B 223 20.12 22.85 11.13
CA ILE B 223 18.98 22.02 11.50
C ILE B 223 19.36 20.55 11.42
N GLU B 224 20.14 20.17 10.42
CA GLU B 224 20.57 18.78 10.27
C GLU B 224 21.39 18.31 11.47
N SER B 225 22.43 19.07 11.82
CA SER B 225 23.25 18.70 12.97
C SER B 225 22.45 18.70 14.27
N GLN B 226 21.44 19.56 14.36
CA GLN B 226 20.66 19.68 15.58
C GLN B 226 19.73 18.48 15.76
N ILE B 227 19.09 18.05 14.67
CA ILE B 227 18.19 16.90 14.72
C ILE B 227 18.95 15.59 14.90
N MET B 228 20.17 15.50 14.36
CA MET B 228 20.96 14.29 14.54
C MET B 228 21.37 14.10 16.00
N ASN B 229 21.65 15.19 16.71
CA ASN B 229 21.93 15.08 18.13
C ASN B 229 20.69 14.66 18.91
N LEU B 230 19.52 15.14 18.51
CA LEU B 230 18.29 14.76 19.20
C LEU B 230 17.99 13.28 19.06
N THR B 231 18.36 12.68 17.93
CA THR B 231 18.05 11.28 17.66
C THR B 231 19.28 10.38 17.75
N GLU B 232 20.35 10.87 18.36
CA GLU B 232 21.55 10.06 18.58
C GLU B 232 22.05 9.42 17.28
N GLY B 233 22.05 10.22 16.21
CA GLY B 233 22.54 9.80 14.92
C GLY B 233 21.57 9.00 14.08
N LYS B 234 20.49 8.49 14.68
CA LYS B 234 19.57 7.65 13.91
C LYS B 234 18.82 8.45 12.85
N GLY B 235 18.28 9.61 13.25
CA GLY B 235 17.45 10.39 12.36
C GLY B 235 15.97 10.21 12.66
N VAL B 236 15.15 10.74 11.77
CA VAL B 236 13.71 10.69 11.90
C VAL B 236 13.15 9.70 10.89
N ASP B 237 11.99 9.11 11.23
CA ASP B 237 11.36 8.17 10.32
C ASP B 237 10.74 8.87 9.12
N ALA B 238 10.28 10.11 9.29
CA ALA B 238 9.76 10.89 8.18
C ALA B 238 9.92 12.37 8.47
N ALA B 239 9.99 13.16 7.40
CA ALA B 239 10.12 14.60 7.48
C ALA B 239 9.06 15.24 6.60
N ILE B 240 8.25 16.10 7.17
CA ILE B 240 7.22 16.83 6.43
C ILE B 240 7.75 18.22 6.16
N ILE B 241 7.87 18.57 4.88
CA ILE B 241 8.33 19.89 4.47
C ILE B 241 7.12 20.79 4.30
N ALA B 242 7.07 21.88 5.07
CA ALA B 242 5.96 22.82 5.01
C ALA B 242 6.49 24.24 4.99
N GLY B 243 7.62 24.46 4.34
CA GLY B 243 8.18 25.79 4.22
C GLY B 243 9.68 25.72 4.01
N GLY B 244 10.25 26.88 3.71
CA GLY B 244 11.68 27.00 3.43
C GLY B 244 11.96 27.10 1.96
N ASN B 245 13.21 27.43 1.64
CA ASN B 245 13.63 27.57 0.26
C ASN B 245 13.95 26.20 -0.32
N ALA B 246 14.47 26.15 -1.55
CA ALA B 246 14.73 24.87 -2.21
C ALA B 246 15.78 24.05 -1.48
N ASP B 247 16.61 24.67 -0.65
CA ASP B 247 17.62 23.94 0.10
C ASP B 247 17.01 23.11 1.22
N ILE B 248 15.77 23.38 1.62
CA ILE B 248 15.15 22.60 2.68
C ILE B 248 14.97 21.15 2.24
N MET B 249 14.81 20.90 0.94
CA MET B 249 14.75 19.54 0.42
C MET B 249 16.01 18.75 0.76
N ALA B 250 17.18 19.38 0.62
CA ALA B 250 18.42 18.72 1.01
C ALA B 250 18.44 18.45 2.50
N THR B 251 17.92 19.38 3.29
CA THR B 251 17.88 19.20 4.74
C THR B 251 17.04 18.00 5.12
N ALA B 252 15.92 17.80 4.43
CA ALA B 252 15.01 16.71 4.79
C ALA B 252 15.63 15.35 4.50
N VAL B 253 16.34 15.22 3.38
CA VAL B 253 16.98 13.95 3.05
C VAL B 253 18.09 13.64 4.04
N LYS B 254 18.81 14.66 4.49
CA LYS B 254 19.91 14.43 5.41
C LYS B 254 19.43 13.97 6.78
N ILE B 255 18.23 14.39 7.21
CA ILE B 255 17.76 14.05 8.55
C ILE B 255 16.90 12.79 8.60
N VAL B 256 16.46 12.29 7.47
CA VAL B 256 15.58 11.12 7.42
C VAL B 256 16.44 9.86 7.35
N LYS B 257 16.06 8.85 8.12
CA LYS B 257 16.81 7.60 8.13
C LYS B 257 16.54 6.80 6.85
N PRO B 258 17.42 5.86 6.50
CA PRO B 258 17.16 5.03 5.32
C PRO B 258 15.85 4.29 5.46
N GLY B 259 15.08 4.25 4.37
CA GLY B 259 13.74 3.71 4.38
C GLY B 259 12.68 4.70 4.79
N GLY B 260 13.06 5.90 5.20
CA GLY B 260 12.11 6.91 5.61
C GLY B 260 11.49 7.61 4.43
N THR B 261 10.61 8.56 4.72
CA THR B 261 9.89 9.27 3.68
C THR B 261 10.02 10.76 3.87
N ILE B 262 10.31 11.46 2.78
CA ILE B 262 10.22 12.93 2.71
C ILE B 262 8.87 13.27 2.09
N ALA B 263 8.03 13.93 2.85
CA ALA B 263 6.69 14.30 2.40
C ALA B 263 6.63 15.82 2.30
N ASN B 264 6.60 16.34 1.08
CA ASN B 264 6.61 17.77 0.84
C ASN B 264 5.22 18.26 0.48
N VAL B 265 4.81 19.38 1.10
CA VAL B 265 3.58 20.06 0.72
C VAL B 265 3.88 21.54 0.52
N ASN B 266 5.16 21.89 0.60
CA ASN B 266 5.59 23.26 0.36
C ASN B 266 5.43 23.61 -1.12
N TYR B 267 4.95 24.83 -1.39
CA TYR B 267 4.86 25.37 -2.74
C TYR B 267 6.15 26.15 -3.00
N PHE B 268 7.05 25.56 -3.79
CA PHE B 268 8.33 26.19 -4.09
C PHE B 268 8.14 27.19 -5.24
N GLY B 269 8.51 28.44 -5.01
CA GLY B 269 8.24 29.48 -5.98
C GLY B 269 9.46 29.94 -6.76
N GLU B 270 10.65 29.77 -6.18
CA GLU B 270 11.88 30.26 -6.77
C GLU B 270 12.83 29.11 -7.06
N GLY B 271 13.77 29.36 -7.96
CA GLY B 271 14.78 28.38 -8.31
C GLY B 271 14.28 27.39 -9.35
N GLU B 272 15.24 26.83 -10.10
CA GLU B 272 14.88 25.85 -11.10
C GLU B 272 14.97 24.43 -10.59
N VAL B 273 15.90 24.16 -9.67
CA VAL B 273 16.25 22.81 -9.27
C VAL B 273 16.08 22.69 -7.76
N LEU B 274 15.36 21.66 -7.32
CA LEU B 274 15.31 21.29 -5.91
C LEU B 274 16.42 20.29 -5.66
N PRO B 275 17.43 20.62 -4.84
CA PRO B 275 18.59 19.74 -4.71
C PRO B 275 18.29 18.50 -3.88
N VAL B 276 18.79 17.36 -4.35
CA VAL B 276 18.73 16.10 -3.61
C VAL B 276 20.15 15.61 -3.38
N PRO B 277 20.65 15.58 -2.15
CA PRO B 277 22.08 15.31 -1.93
C PRO B 277 22.41 13.87 -2.28
N ARG B 278 23.37 13.69 -3.19
CA ARG B 278 23.70 12.36 -3.70
C ARG B 278 24.09 11.42 -2.57
N LEU B 279 24.99 11.86 -1.71
CA LEU B 279 25.53 10.97 -0.68
C LEU B 279 24.48 10.62 0.36
N GLU B 280 23.78 11.63 0.90
CA GLU B 280 22.77 11.37 1.92
C GLU B 280 21.52 10.71 1.36
N TRP B 281 21.36 10.65 0.03
CA TRP B 281 20.33 9.84 -0.59
C TRP B 281 20.86 8.46 -0.99
N GLY B 282 21.91 7.98 -0.35
CA GLY B 282 22.47 6.67 -0.64
C GLY B 282 22.97 6.50 -2.06
N CYS B 283 23.42 7.58 -2.69
CA CYS B 283 23.85 7.57 -4.10
C CYS B 283 22.77 7.01 -5.01
N GLY B 284 21.51 7.16 -4.60
CA GLY B 284 20.38 6.65 -5.36
C GLY B 284 19.71 5.40 -4.81
N MET B 285 20.14 4.93 -3.63
CA MET B 285 19.73 3.60 -3.18
C MET B 285 19.35 3.53 -1.70
N ALA B 286 19.11 4.66 -1.03
CA ALA B 286 18.84 4.68 0.40
C ALA B 286 17.38 4.42 0.74
N HIS B 287 16.53 4.13 -0.26
CA HIS B 287 15.09 3.93 -0.03
C HIS B 287 14.48 5.10 0.73
N LYS B 288 14.97 6.31 0.47
CA LYS B 288 14.38 7.52 1.03
C LYS B 288 13.38 8.03 0.00
N THR B 289 12.13 7.60 0.14
CA THR B 289 11.10 8.01 -0.80
C THR B 289 10.80 9.49 -0.65
N ILE B 290 10.64 10.17 -1.78
CA ILE B 290 10.35 11.60 -1.82
C ILE B 290 8.97 11.78 -2.43
N LYS B 291 8.12 12.52 -1.74
CA LYS B 291 6.77 12.79 -2.21
C LYS B 291 6.50 14.27 -2.16
N GLY B 292 5.56 14.70 -3.00
CA GLY B 292 5.18 16.10 -3.01
C GLY B 292 3.82 16.23 -3.66
N GLY B 293 2.83 16.75 -2.95
CA GLY B 293 1.46 16.70 -3.41
C GLY B 293 0.68 17.97 -3.15
N LEU B 294 -0.18 18.28 -4.11
CA LEU B 294 -1.21 19.29 -3.90
C LEU B 294 -2.31 18.72 -3.01
N ALA B 295 -2.80 19.54 -2.08
CA ALA B 295 -3.73 19.04 -1.08
C ALA B 295 -5.01 18.53 -1.73
N PRO B 296 -5.62 17.48 -1.19
CA PRO B 296 -6.90 17.01 -1.75
C PRO B 296 -8.01 18.01 -1.48
N GLY B 297 -9.01 17.99 -2.35
CA GLY B 297 -10.18 18.83 -2.21
C GLY B 297 -11.46 18.05 -2.43
N GLY B 298 -12.52 18.72 -2.85
CA GLY B 298 -13.78 18.07 -3.10
C GLY B 298 -14.59 17.86 -1.82
N ARG B 299 -15.84 17.43 -2.03
CA ARG B 299 -16.81 17.36 -0.94
C ARG B 299 -16.38 16.38 0.14
N LEU B 300 -15.89 15.20 -0.25
CA LEU B 300 -15.59 14.17 0.73
C LEU B 300 -14.42 14.57 1.63
N ARG B 301 -13.36 15.13 1.04
CA ARG B 301 -12.26 15.62 1.85
C ARG B 301 -12.75 16.59 2.92
N MET B 302 -13.64 17.51 2.53
CA MET B 302 -14.14 18.51 3.47
C MET B 302 -14.99 17.87 4.56
N GLU B 303 -15.88 16.95 4.17
CA GLU B 303 -16.73 16.30 5.16
C GLU B 303 -15.90 15.53 6.18
N ARG B 304 -14.82 14.90 5.74
CA ARG B 304 -13.98 14.12 6.67
C ARG B 304 -13.26 15.02 7.65
N LEU B 305 -12.76 16.17 7.19
CA LEU B 305 -12.09 17.08 8.10
C LEU B 305 -13.08 17.79 8.99
N ILE B 306 -14.28 18.08 8.47
CA ILE B 306 -15.36 18.59 9.30
C ILE B 306 -15.62 17.63 10.47
N ASP B 307 -15.67 16.32 10.20
CA ASP B 307 -15.86 15.35 11.28
C ASP B 307 -14.70 15.42 12.26
N LEU B 308 -13.47 15.61 11.77
CA LEU B 308 -12.33 15.72 12.67
C LEU B 308 -12.44 16.94 13.57
N VAL B 309 -13.04 18.02 13.09
CA VAL B 309 -13.23 19.18 13.95
C VAL B 309 -14.45 18.99 14.85
N PHE B 310 -15.51 18.41 14.29
CA PHE B 310 -16.74 18.20 15.06
C PHE B 310 -16.48 17.30 16.27
N TYR B 311 -15.81 16.17 16.06
CA TYR B 311 -15.55 15.24 17.16
C TYR B 311 -14.30 15.59 17.96
N LYS B 312 -13.78 16.81 17.77
CA LYS B 312 -12.75 17.38 18.65
C LYS B 312 -11.43 16.63 18.52
N ARG B 313 -11.13 16.14 17.32
CA ARG B 313 -9.82 15.56 17.07
C ARG B 313 -8.76 16.63 16.80
N VAL B 314 -9.16 17.79 16.29
CA VAL B 314 -8.23 18.90 16.04
C VAL B 314 -9.00 20.20 16.17
N ASP B 315 -8.38 21.20 16.82
CA ASP B 315 -8.96 22.53 16.93
C ASP B 315 -8.14 23.48 16.10
N PRO B 316 -8.58 23.85 14.89
CA PRO B 316 -7.81 24.76 14.05
C PRO B 316 -7.92 26.23 14.44
N SER B 317 -8.76 26.56 15.42
CA SER B 317 -8.96 27.96 15.77
C SER B 317 -7.70 28.62 16.29
N LYS B 318 -6.73 27.84 16.77
CA LYS B 318 -5.49 28.39 17.28
C LYS B 318 -4.57 28.91 16.18
N LEU B 319 -4.87 28.59 14.92
CA LEU B 319 -4.13 29.19 13.81
C LEU B 319 -4.51 30.65 13.60
N VAL B 320 -5.70 31.05 14.04
CA VAL B 320 -6.25 32.36 13.71
C VAL B 320 -5.75 33.36 14.75
N THR B 321 -4.79 34.18 14.35
CA THR B 321 -4.23 35.19 15.22
C THR B 321 -4.85 36.57 15.01
N HIS B 322 -5.39 36.82 13.82
CA HIS B 322 -5.96 38.12 13.46
C HIS B 322 -7.32 37.91 12.82
N VAL B 323 -8.32 38.65 13.28
CA VAL B 323 -9.69 38.57 12.76
C VAL B 323 -10.10 39.97 12.29
N PHE B 324 -10.00 40.22 10.98
CA PHE B 324 -10.51 41.44 10.39
C PHE B 324 -11.99 41.30 10.05
N ARG B 325 -12.61 42.42 9.64
CA ARG B 325 -14.01 42.46 9.26
C ARG B 325 -14.22 43.39 8.08
N GLY B 326 -15.06 42.96 7.14
CA GLY B 326 -15.42 43.77 6.00
C GLY B 326 -14.70 43.43 4.71
N PHE B 327 -15.42 43.49 3.57
CA PHE B 327 -14.80 43.20 2.28
C PHE B 327 -13.56 44.03 2.02
N ASP B 328 -13.52 45.25 2.53
CA ASP B 328 -12.38 46.13 2.26
C ASP B 328 -11.09 45.60 2.88
N ASN B 329 -11.18 44.95 4.05
CA ASN B 329 -9.99 44.48 4.75
C ASN B 329 -9.33 43.28 4.10
N ILE B 330 -9.88 42.75 3.00
CA ILE B 330 -9.21 41.66 2.29
C ILE B 330 -7.85 42.11 1.79
N GLU B 331 -7.79 43.30 1.19
CA GLU B 331 -6.51 43.85 0.75
C GLU B 331 -5.53 43.99 1.93
N LYS B 332 -6.03 44.37 3.10
CA LYS B 332 -5.15 44.51 4.27
C LYS B 332 -4.56 43.15 4.65
N ALA B 333 -5.39 42.11 4.69
CA ALA B 333 -4.89 40.80 5.11
C ALA B 333 -3.96 40.19 4.08
N PHE B 334 -4.16 40.48 2.79
CA PHE B 334 -3.31 39.89 1.75
C PHE B 334 -1.89 40.42 1.84
N MET B 335 -1.73 41.74 1.93
CA MET B 335 -0.40 42.32 2.09
C MET B 335 0.21 41.94 3.44
N LEU B 336 -0.64 41.70 4.44
CA LEU B 336 -0.14 41.19 5.72
C LEU B 336 0.54 39.84 5.58
N MET B 337 0.36 39.15 4.45
CA MET B 337 0.98 37.85 4.23
C MET B 337 2.32 37.94 3.51
N LYS B 338 2.58 39.04 2.79
CA LYS B 338 3.86 39.20 2.11
C LYS B 338 4.99 39.39 3.12
N ASP B 339 4.76 40.20 4.14
CA ASP B 339 5.68 40.36 5.27
C ASP B 339 4.94 39.92 6.52
N LYS B 340 5.18 38.70 6.96
CA LYS B 340 4.49 38.15 8.12
C LYS B 340 4.99 38.82 9.39
N PRO B 341 4.13 39.45 10.19
CA PRO B 341 4.55 39.90 11.52
C PRO B 341 4.95 38.73 12.39
N LYS B 342 5.65 39.04 13.48
CA LYS B 342 6.12 38.00 14.38
C LYS B 342 4.98 37.35 15.16
N ASP B 343 3.87 38.06 15.36
CA ASP B 343 2.73 37.54 16.10
C ASP B 343 1.64 36.96 15.18
N LEU B 344 1.93 36.82 13.89
CA LEU B 344 0.95 36.34 12.91
C LEU B 344 1.14 34.84 12.66
N ILE B 345 0.02 34.14 12.52
CA ILE B 345 0.00 32.81 11.93
C ILE B 345 -0.87 32.86 10.69
N LYS B 346 -2.17 33.08 10.90
CA LYS B 346 -3.14 33.10 9.81
C LYS B 346 -4.20 34.15 10.10
N PRO B 347 -4.48 35.06 9.17
CA PRO B 347 -5.56 36.03 9.37
C PRO B 347 -6.84 35.61 8.68
N VAL B 348 -7.96 36.10 9.22
CA VAL B 348 -9.30 35.76 8.75
C VAL B 348 -10.13 37.02 8.68
N VAL B 349 -10.73 37.28 7.52
CA VAL B 349 -11.63 38.42 7.34
C VAL B 349 -13.07 37.90 7.37
N ILE B 350 -13.86 38.37 8.35
CA ILE B 350 -15.27 38.05 8.44
C ILE B 350 -16.06 39.11 7.67
N LEU B 351 -17.06 38.68 6.92
CA LEU B 351 -17.77 39.57 6.02
C LEU B 351 -19.23 39.79 6.39
N ALA B 352 -19.91 38.77 6.91
CA ALA B 352 -21.31 38.89 7.30
C ALA B 352 -21.63 37.88 8.39
N MET C 1 12.16 -24.28 40.07
CA MET C 1 11.40 -23.08 40.37
C MET C 1 9.89 -23.36 40.34
N LYS C 2 9.11 -22.36 40.75
CA LYS C 2 7.65 -22.45 40.78
C LYS C 2 7.07 -21.75 39.57
N GLY C 3 5.91 -22.21 39.13
CA GLY C 3 5.25 -21.65 37.96
C GLY C 3 3.79 -22.06 37.87
N PHE C 4 2.94 -21.15 37.41
CA PHE C 4 1.52 -21.44 37.26
C PHE C 4 1.29 -21.95 35.84
N ALA C 5 0.88 -23.21 35.72
CA ALA C 5 0.92 -23.89 34.43
C ALA C 5 -0.44 -24.46 34.06
N MET C 6 -0.61 -24.67 32.76
CA MET C 6 -1.72 -25.45 32.23
C MET C 6 -1.37 -26.92 32.34
N LEU C 7 -1.98 -27.61 33.30
CA LEU C 7 -1.71 -29.04 33.47
C LEU C 7 -2.19 -29.83 32.27
N SER C 8 -3.46 -29.67 31.91
CA SER C 8 -4.04 -30.23 30.70
C SER C 8 -5.19 -29.32 30.29
N ILE C 9 -5.92 -29.71 29.24
CA ILE C 9 -7.09 -28.94 28.87
C ILE C 9 -8.07 -28.98 30.03
N GLY C 10 -8.40 -27.80 30.57
CA GLY C 10 -9.37 -27.67 31.63
C GLY C 10 -8.80 -27.57 33.04
N LYS C 11 -7.54 -27.96 33.25
CA LYS C 11 -6.94 -27.95 34.57
C LYS C 11 -5.67 -27.11 34.58
N VAL C 12 -5.55 -26.23 35.58
CA VAL C 12 -4.36 -25.41 35.78
C VAL C 12 -3.86 -25.67 37.22
N GLY C 13 -2.62 -25.25 37.47
CA GLY C 13 -2.05 -25.47 38.78
C GLY C 13 -0.60 -25.02 38.83
N TRP C 14 -0.07 -24.99 40.06
CA TRP C 14 1.34 -24.71 40.27
C TRP C 14 2.15 -25.98 40.08
N ILE C 15 3.25 -25.89 39.34
CA ILE C 15 4.15 -27.02 39.12
C ILE C 15 5.57 -26.61 39.47
N GLU C 16 6.48 -27.59 39.40
CA GLU C 16 7.90 -27.36 39.62
C GLU C 16 8.65 -27.62 38.32
N LYS C 17 9.48 -26.66 37.90
CA LYS C 17 10.26 -26.78 36.67
C LYS C 17 11.68 -26.29 36.91
N GLU C 18 12.57 -26.66 35.99
CA GLU C 18 13.95 -26.18 36.05
C GLU C 18 14.01 -24.71 35.64
N LYS C 19 14.85 -23.95 36.34
CA LYS C 19 15.12 -22.57 35.94
C LYS C 19 15.79 -22.60 34.58
N PRO C 20 15.26 -21.89 33.58
CA PRO C 20 15.85 -21.96 32.24
C PRO C 20 17.24 -21.36 32.20
N ALA C 21 18.05 -21.88 31.28
CA ALA C 21 19.37 -21.36 30.99
C ALA C 21 19.38 -20.67 29.63
N PRO C 22 20.13 -19.58 29.48
CA PRO C 22 20.14 -18.88 28.19
C PRO C 22 21.15 -19.47 27.22
N GLY C 23 20.76 -19.51 25.95
CA GLY C 23 21.72 -19.72 24.90
C GLY C 23 22.55 -18.47 24.68
N PRO C 24 23.49 -18.55 23.73
CA PRO C 24 24.40 -17.40 23.53
C PRO C 24 23.70 -16.08 23.21
N PHE C 25 22.50 -16.12 22.62
CA PHE C 25 21.78 -14.92 22.23
C PHE C 25 20.58 -14.63 23.12
N ASP C 26 20.36 -15.41 24.17
CA ASP C 26 19.13 -15.34 24.96
C ASP C 26 19.36 -14.59 26.27
N ALA C 27 18.27 -14.38 27.00
CA ALA C 27 18.31 -13.78 28.32
C ALA C 27 17.31 -14.47 29.23
N ILE C 28 17.64 -14.49 30.52
CA ILE C 28 16.73 -14.96 31.56
C ILE C 28 16.20 -13.73 32.31
N VAL C 29 14.90 -13.66 32.49
CA VAL C 29 14.24 -12.51 33.08
C VAL C 29 13.48 -12.96 34.32
N ARG C 30 13.57 -12.17 35.38
CA ARG C 30 12.59 -12.41 36.43
C ARG C 30 11.53 -11.32 36.38
N PRO C 31 10.26 -11.69 36.52
CA PRO C 31 9.19 -10.73 36.29
C PRO C 31 9.04 -9.76 37.46
N LEU C 32 8.83 -8.49 37.13
CA LEU C 32 8.46 -7.47 38.10
C LEU C 32 6.96 -7.24 38.15
N ALA C 33 6.27 -7.38 37.01
CA ALA C 33 4.82 -7.34 36.96
C ALA C 33 4.36 -8.26 35.83
N VAL C 34 3.19 -8.86 36.02
CA VAL C 34 2.63 -9.76 35.02
C VAL C 34 1.12 -9.51 34.95
N ALA C 35 0.51 -10.00 33.87
CA ALA C 35 -0.92 -9.87 33.69
C ALA C 35 -1.46 -11.10 32.98
N PRO C 36 -2.67 -11.53 33.29
CA PRO C 36 -3.28 -12.66 32.57
C PRO C 36 -4.13 -12.18 31.39
N CYS C 37 -4.37 -13.10 30.47
CA CYS C 37 -5.00 -12.77 29.21
C CYS C 37 -6.21 -13.66 28.97
N THR C 38 -7.22 -13.11 28.28
CA THR C 38 -8.34 -13.92 27.82
C THR C 38 -7.88 -15.05 26.92
N SER C 39 -6.80 -14.83 26.17
CA SER C 39 -6.27 -15.87 25.27
C SER C 39 -5.89 -17.14 26.01
N ASP C 40 -5.42 -17.02 27.27
CA ASP C 40 -5.08 -18.22 28.04
C ASP C 40 -6.31 -18.95 28.54
N ILE C 41 -7.43 -18.24 28.66
CA ILE C 41 -8.69 -18.91 28.94
C ILE C 41 -9.14 -19.72 27.72
N HIS C 42 -9.02 -19.14 26.51
CA HIS C 42 -9.35 -19.89 25.30
C HIS C 42 -8.50 -21.16 25.19
N THR C 43 -7.21 -21.05 25.52
CA THR C 43 -6.30 -22.19 25.36
C THR C 43 -6.59 -23.29 26.36
N VAL C 44 -6.71 -22.94 27.65
CA VAL C 44 -6.87 -23.95 28.69
C VAL C 44 -8.26 -24.55 28.63
N PHE C 45 -9.30 -23.72 28.76
CA PHE C 45 -10.64 -24.22 29.01
C PHE C 45 -11.42 -24.53 27.74
N GLU C 46 -11.11 -23.88 26.63
CA GLU C 46 -11.73 -24.20 25.35
C GLU C 46 -10.88 -25.13 24.51
N GLY C 47 -9.64 -25.41 24.92
CA GLY C 47 -8.75 -26.22 24.11
C GLY C 47 -8.60 -25.67 22.71
N ALA C 48 -8.58 -24.34 22.57
CA ALA C 48 -8.75 -23.70 21.27
C ALA C 48 -7.60 -24.03 20.32
N ILE C 49 -6.38 -24.20 20.85
CA ILE C 49 -5.23 -24.50 20.01
C ILE C 49 -4.59 -25.84 20.40
N GLY C 50 -5.36 -26.74 21.01
CA GLY C 50 -4.92 -28.10 21.25
C GLY C 50 -4.52 -28.36 22.70
N GLU C 51 -4.21 -29.62 22.97
CA GLU C 51 -3.76 -30.02 24.30
C GLU C 51 -2.37 -29.45 24.58
N ARG C 52 -2.08 -29.30 25.87
CA ARG C 52 -0.75 -28.92 26.34
C ARG C 52 -0.48 -29.65 27.64
N HIS C 53 0.81 -29.78 28.00
CA HIS C 53 1.17 -30.48 29.22
C HIS C 53 2.24 -29.71 29.97
N ASN C 54 1.91 -29.30 31.19
CA ASN C 54 2.81 -28.61 32.12
C ASN C 54 3.42 -27.36 31.51
N MET C 55 2.61 -26.59 30.79
CA MET C 55 3.06 -25.33 30.19
C MET C 55 2.74 -24.18 31.14
N ILE C 56 3.78 -23.51 31.63
CA ILE C 56 3.59 -22.29 32.41
C ILE C 56 2.85 -21.27 31.56
N LEU C 57 1.85 -20.62 32.15
CA LEU C 57 0.99 -19.72 31.42
C LEU C 57 1.53 -18.30 31.43
N GLY C 58 0.81 -17.39 30.76
CA GLY C 58 1.14 -15.97 30.79
C GLY C 58 2.05 -15.51 29.68
N HIS C 59 1.76 -14.35 29.11
CA HIS C 59 2.67 -13.80 28.11
C HIS C 59 2.78 -12.29 28.18
N GLU C 60 2.34 -11.65 29.26
CA GLU C 60 2.45 -10.20 29.45
C GLU C 60 3.28 -9.95 30.69
N ALA C 61 4.46 -9.38 30.49
CA ALA C 61 5.38 -9.24 31.61
C ALA C 61 6.35 -8.10 31.36
N VAL C 62 6.58 -7.35 32.43
CA VAL C 62 7.76 -6.50 32.53
CA VAL C 62 7.75 -6.47 32.56
C VAL C 62 8.66 -7.13 33.59
N GLY C 63 9.96 -7.14 33.33
CA GLY C 63 10.84 -7.86 34.23
C GLY C 63 12.20 -7.24 34.34
N GLU C 64 13.05 -7.92 35.11
CA GLU C 64 14.45 -7.55 35.28
C GLU C 64 15.33 -8.63 34.67
N VAL C 65 16.25 -8.22 33.79
CA VAL C 65 17.22 -9.16 33.25
C VAL C 65 18.13 -9.63 34.38
N VAL C 66 18.24 -10.95 34.54
CA VAL C 66 19.16 -11.51 35.52
C VAL C 66 20.34 -12.23 34.87
N GLU C 67 20.17 -12.79 33.67
CA GLU C 67 21.26 -13.46 32.97
CA GLU C 67 21.23 -13.51 32.97
C GLU C 67 21.09 -13.25 31.48
N VAL C 68 22.22 -13.08 30.79
CA VAL C 68 22.26 -12.92 29.34
C VAL C 68 23.31 -13.88 28.79
N GLY C 69 23.17 -14.20 27.50
CA GLY C 69 24.11 -15.07 26.84
C GLY C 69 25.38 -14.35 26.42
N SER C 70 26.37 -15.15 25.98
CA SER C 70 27.66 -14.57 25.64
C SER C 70 27.60 -13.62 24.45
N GLU C 71 26.56 -13.72 23.61
CA GLU C 71 26.43 -12.86 22.44
C GLU C 71 25.48 -11.69 22.64
N VAL C 72 24.82 -11.60 23.80
CA VAL C 72 23.89 -10.50 24.04
C VAL C 72 24.68 -9.21 24.23
N LYS C 73 24.31 -8.17 23.47
CA LYS C 73 25.08 -6.93 23.41
C LYS C 73 24.38 -5.73 24.03
N ASP C 74 23.06 -5.68 24.04
CA ASP C 74 22.33 -4.47 24.42
C ASP C 74 21.67 -4.56 25.79
N PHE C 75 21.72 -5.71 26.46
CA PHE C 75 21.02 -5.89 27.72
C PHE C 75 21.92 -6.61 28.71
N LYS C 76 22.00 -6.07 29.92
CA LYS C 76 22.83 -6.59 30.99
C LYS C 76 21.97 -6.96 32.19
N PRO C 77 22.44 -7.84 33.07
CA PRO C 77 21.70 -8.12 34.30
C PRO C 77 21.46 -6.84 35.08
N GLY C 78 20.24 -6.70 35.58
CA GLY C 78 19.79 -5.50 36.23
C GLY C 78 18.86 -4.65 35.39
N ASP C 79 18.93 -4.77 34.07
CA ASP C 79 18.12 -3.94 33.18
C ASP C 79 16.65 -4.31 33.30
N ARG C 80 15.80 -3.30 33.47
CA ARG C 80 14.36 -3.49 33.48
C ARG C 80 13.84 -3.39 32.06
N VAL C 81 13.05 -4.38 31.65
CA VAL C 81 12.70 -4.56 30.26
C VAL C 81 11.20 -4.74 30.11
N VAL C 82 10.69 -4.33 28.96
CA VAL C 82 9.35 -4.70 28.52
C VAL C 82 9.51 -5.87 27.56
N VAL C 83 8.81 -6.96 27.82
CA VAL C 83 8.93 -8.20 27.06
C VAL C 83 7.70 -8.32 26.17
N PRO C 84 7.84 -8.36 24.84
CA PRO C 84 6.66 -8.51 24.00
C PRO C 84 6.07 -9.90 24.16
N ALA C 85 4.75 -9.98 23.97
CA ALA C 85 4.10 -11.27 23.98
C ALA C 85 4.58 -12.14 22.83
N ILE C 86 4.96 -11.51 21.72
CA ILE C 86 5.47 -12.21 20.54
C ILE C 86 6.97 -11.99 20.49
N THR C 87 7.72 -13.09 20.54
CA THR C 87 9.19 -13.08 20.55
C THR C 87 9.66 -14.07 19.50
N PRO C 88 9.64 -13.69 18.24
CA PRO C 88 9.90 -14.66 17.16
C PRO C 88 11.38 -15.04 17.07
N ASP C 89 11.61 -16.18 16.42
CA ASP C 89 12.92 -16.49 15.87
C ASP C 89 13.10 -15.63 14.63
N TRP C 90 14.08 -14.72 14.66
CA TRP C 90 14.11 -13.72 13.60
C TRP C 90 14.79 -14.20 12.32
N ARG C 91 15.45 -15.35 12.34
CA ARG C 91 16.15 -15.85 11.16
C ARG C 91 15.34 -16.98 10.54
N THR C 92 14.24 -16.62 9.89
CA THR C 92 13.41 -17.57 9.17
C THR C 92 12.94 -16.91 7.87
N SER C 93 12.41 -17.74 6.98
CA SER C 93 11.92 -17.22 5.71
C SER C 93 10.69 -16.34 5.90
N GLU C 94 9.86 -16.63 6.91
CA GLU C 94 8.66 -15.81 7.11
C GLU C 94 9.03 -14.39 7.49
N VAL C 95 10.11 -14.21 8.26
CA VAL C 95 10.60 -12.86 8.52
C VAL C 95 10.99 -12.17 7.22
N GLN C 96 11.63 -12.92 6.31
CA GLN C 96 12.02 -12.33 5.03
C GLN C 96 10.80 -11.96 4.18
N ARG C 97 9.67 -12.66 4.37
CA ARG C 97 8.42 -12.27 3.72
C ARG C 97 7.72 -11.13 4.44
N GLY C 98 8.14 -10.81 5.67
CA GLY C 98 7.58 -9.70 6.41
C GLY C 98 6.55 -10.07 7.45
N TYR C 99 6.50 -11.33 7.89
CA TYR C 99 5.50 -11.81 8.83
C TYR C 99 6.19 -12.51 9.98
N HIS C 100 6.82 -11.74 10.86
CA HIS C 100 7.52 -12.33 11.99
C HIS C 100 6.55 -13.04 12.94
N GLN C 101 5.30 -12.60 13.02
CA GLN C 101 4.34 -13.26 13.90
C GLN C 101 4.20 -14.74 13.56
N HIS C 102 4.52 -15.15 12.34
CA HIS C 102 4.42 -16.54 11.91
C HIS C 102 5.79 -17.12 11.59
N SER C 103 6.80 -16.67 12.32
CA SER C 103 8.18 -17.12 12.10
C SER C 103 8.32 -18.56 12.57
N GLY C 104 8.45 -19.48 11.62
CA GLY C 104 8.52 -20.90 11.92
C GLY C 104 7.23 -21.65 11.74
N GLY C 105 6.15 -20.97 11.44
CA GLY C 105 4.84 -21.60 11.32
C GLY C 105 3.77 -20.64 11.75
N MET C 106 2.52 -21.01 11.43
CA MET C 106 1.37 -20.17 11.81
C MET C 106 1.37 -19.91 13.31
N LEU C 107 1.29 -18.63 13.67
CA LEU C 107 1.28 -18.14 15.05
C LEU C 107 2.58 -18.43 15.80
N ALA C 108 3.61 -18.97 15.14
CA ALA C 108 4.78 -19.45 15.86
C ALA C 108 5.62 -18.34 16.47
N GLY C 109 5.41 -17.08 16.07
CA GLY C 109 6.10 -15.98 16.73
C GLY C 109 5.61 -15.79 18.15
N TRP C 110 4.37 -16.14 18.43
CA TRP C 110 3.83 -16.17 19.78
C TRP C 110 4.35 -17.43 20.46
N LYS C 111 5.30 -17.26 21.40
CA LYS C 111 5.91 -18.41 22.08
C LYS C 111 5.33 -18.66 23.47
N PHE C 112 5.30 -17.63 24.32
CA PHE C 112 4.82 -17.77 25.70
C PHE C 112 3.40 -18.28 25.74
N SER C 113 3.18 -19.38 26.48
CA SER C 113 1.87 -20.00 26.70
C SER C 113 1.21 -20.40 25.39
N ASN C 114 2.04 -20.68 24.38
CA ASN C 114 1.62 -21.35 23.15
C ASN C 114 2.50 -22.58 22.94
N VAL C 115 3.77 -22.36 22.58
CA VAL C 115 4.72 -23.44 22.36
C VAL C 115 5.90 -23.36 23.33
N LYS C 116 5.75 -22.60 24.41
CA LYS C 116 6.88 -22.32 25.29
C LYS C 116 6.35 -21.92 26.65
N ASP C 117 7.15 -22.20 27.68
CA ASP C 117 6.82 -21.77 29.04
C ASP C 117 6.64 -20.26 29.09
N GLY C 118 5.54 -19.82 29.69
CA GLY C 118 5.19 -18.42 29.76
C GLY C 118 5.91 -17.70 30.88
N VAL C 119 5.38 -16.51 31.22
CA VAL C 119 6.06 -15.62 32.16
C VAL C 119 5.61 -15.81 33.61
N PHE C 120 4.60 -16.65 33.86
CA PHE C 120 4.10 -16.88 35.23
C PHE C 120 5.03 -17.82 36.02
N GLY C 121 6.29 -17.42 36.10
CA GLY C 121 7.28 -18.22 36.81
C GLY C 121 8.32 -17.33 37.46
N GLU C 122 9.09 -17.91 38.37
CA GLU C 122 10.10 -17.11 39.07
C GLU C 122 11.12 -16.56 38.09
N PHE C 123 11.33 -17.24 36.98
CA PHE C 123 12.12 -16.74 35.86
C PHE C 123 11.49 -17.24 34.57
N PHE C 124 11.76 -16.53 33.47
CA PHE C 124 11.41 -17.06 32.16
C PHE C 124 12.55 -16.76 31.20
N HIS C 125 12.46 -17.37 30.02
CA HIS C 125 13.50 -17.34 29.02
C HIS C 125 13.01 -16.49 27.85
N VAL C 126 13.87 -15.59 27.36
CA VAL C 126 13.53 -14.77 26.21
C VAL C 126 14.55 -15.05 25.11
N ASN C 127 14.09 -15.67 24.03
CA ASN C 127 14.97 -15.98 22.92
C ASN C 127 15.37 -14.70 22.17
N ASP C 128 16.66 -14.58 21.88
CA ASP C 128 17.20 -13.45 21.11
C ASP C 128 16.92 -12.12 21.79
N ALA C 129 17.62 -11.86 22.90
CA ALA C 129 17.34 -10.69 23.73
C ALA C 129 17.49 -9.39 22.93
N ASP C 130 18.57 -9.25 22.17
CA ASP C 130 18.79 -8.02 21.42
C ASP C 130 17.68 -7.71 20.44
N MET C 131 16.92 -8.71 20.00
CA MET C 131 15.83 -8.48 19.06
C MET C 131 14.45 -8.46 19.71
N ASN C 132 14.31 -9.01 20.92
CA ASN C 132 12.99 -9.24 21.51
C ASN C 132 12.82 -8.62 22.90
N LEU C 133 13.64 -7.64 23.27
CA LEU C 133 13.47 -6.93 24.53
C LEU C 133 13.55 -5.44 24.25
N ALA C 134 12.92 -4.65 25.10
CA ALA C 134 13.10 -3.20 25.04
C ALA C 134 13.36 -2.68 26.43
N HIS C 135 14.14 -1.61 26.52
CA HIS C 135 14.40 -0.99 27.81
C HIS C 135 13.16 -0.26 28.30
N LEU C 136 12.95 -0.30 29.61
CA LEU C 136 11.80 0.36 30.21
C LEU C 136 12.22 1.70 30.77
N PRO C 137 11.71 2.81 30.23
CA PRO C 137 12.01 4.12 30.83
C PRO C 137 11.49 4.18 32.25
N LYS C 138 12.27 4.84 33.11
CA LYS C 138 11.88 4.96 34.51
C LYS C 138 10.58 5.75 34.67
N GLU C 139 10.22 6.57 33.69
CA GLU C 139 9.04 7.43 33.77
C GLU C 139 7.72 6.67 33.64
N ILE C 140 7.75 5.41 33.21
CA ILE C 140 6.55 4.65 32.92
C ILE C 140 6.35 3.62 34.04
N PRO C 141 5.24 3.67 34.78
CA PRO C 141 5.05 2.75 35.90
C PRO C 141 4.84 1.32 35.42
N LEU C 142 4.97 0.40 36.38
CA LEU C 142 4.88 -1.02 36.06
C LEU C 142 3.51 -1.38 35.50
N GLU C 143 2.44 -0.87 36.12
CA GLU C 143 1.09 -1.24 35.69
C GLU C 143 0.83 -0.82 34.25
N ALA C 144 1.27 0.38 33.88
CA ALA C 144 1.09 0.82 32.50
C ALA C 144 1.97 0.03 31.54
N ALA C 145 3.25 -0.14 31.90
CA ALA C 145 4.19 -0.84 31.03
C ALA C 145 3.71 -2.23 30.67
N VAL C 146 3.09 -2.95 31.61
CA VAL C 146 2.69 -4.31 31.31
C VAL C 146 1.49 -4.39 30.40
N MET C 147 0.86 -3.26 30.06
CA MET C 147 -0.18 -3.24 29.03
C MET C 147 0.38 -3.19 27.63
N ILE C 148 1.68 -2.89 27.49
CA ILE C 148 2.33 -2.77 26.19
C ILE C 148 2.60 -4.13 25.54
N PRO C 149 3.09 -5.15 26.25
CA PRO C 149 3.42 -6.42 25.57
C PRO C 149 2.30 -7.01 24.73
N ASP C 150 1.05 -6.84 25.12
CA ASP C 150 -0.01 -7.56 24.43
C ASP C 150 -1.25 -6.73 24.19
N MET C 151 -1.78 -6.07 25.23
CA MET C 151 -3.03 -5.34 25.05
C MET C 151 -2.84 -4.22 24.04
N MET C 152 -1.79 -3.44 24.20
CA MET C 152 -1.63 -2.26 23.34
C MET C 152 -1.22 -2.66 21.92
N THR C 153 -0.28 -3.60 21.77
CA THR C 153 0.11 -3.98 20.42
C THR C 153 -1.03 -4.70 19.69
N THR C 154 -1.86 -5.46 20.39
CA THR C 154 -2.96 -6.14 19.71
C THR C 154 -4.05 -5.16 19.29
N GLY C 155 -4.50 -4.34 20.23
CA GLY C 155 -5.53 -3.36 19.91
C GLY C 155 -5.08 -2.37 18.85
N PHE C 156 -3.83 -1.91 18.94
CA PHE C 156 -3.31 -1.02 17.91
C PHE C 156 -3.18 -1.74 16.56
N HIS C 157 -2.91 -3.05 16.57
CA HIS C 157 -2.79 -3.76 15.31
C HIS C 157 -4.14 -3.85 14.61
N GLY C 158 -5.22 -4.02 15.38
CA GLY C 158 -6.54 -3.90 14.82
C GLY C 158 -6.73 -2.61 14.04
N ALA C 159 -6.34 -1.48 14.64
CA ALA C 159 -6.47 -0.21 13.95
C ALA C 159 -5.56 -0.15 12.74
N GLU C 160 -4.36 -0.74 12.82
CA GLU C 160 -3.43 -0.78 11.69
C GLU C 160 -4.05 -1.53 10.52
N LEU C 161 -4.57 -2.73 10.80
CA LEU C 161 -5.17 -3.55 9.76
C LEU C 161 -6.43 -2.92 9.18
N ALA C 162 -7.07 -2.00 9.90
CA ALA C 162 -8.32 -1.41 9.44
C ALA C 162 -8.13 -0.40 8.32
N ASP C 163 -6.89 0.02 8.06
CA ASP C 163 -6.59 0.96 6.97
C ASP C 163 -7.43 2.24 7.09
N ILE C 164 -7.36 2.84 8.27
CA ILE C 164 -8.20 3.98 8.61
C ILE C 164 -7.70 5.23 7.90
N GLU C 165 -8.62 5.94 7.25
CA GLU C 165 -8.36 7.24 6.64
C GLU C 165 -8.79 8.37 7.58
N LEU C 166 -8.15 9.52 7.42
CA LEU C 166 -8.43 10.65 8.28
C LEU C 166 -9.91 11.00 8.25
N GLY C 167 -10.52 11.09 9.42
CA GLY C 167 -11.92 11.45 9.55
C GLY C 167 -12.89 10.32 9.32
N ALA C 168 -12.42 9.11 9.02
CA ALA C 168 -13.32 8.00 8.74
C ALA C 168 -14.09 7.62 10.00
N THR C 169 -15.23 6.95 9.79
CA THR C 169 -16.07 6.44 10.87
C THR C 169 -15.70 4.98 11.14
N VAL C 170 -15.33 4.67 12.38
CA VAL C 170 -14.83 3.34 12.73
C VAL C 170 -15.70 2.75 13.84
N ALA C 171 -16.02 1.47 13.72
CA ALA C 171 -16.73 0.73 14.75
C ALA C 171 -15.77 -0.26 15.39
N VAL C 172 -15.86 -0.41 16.71
CA VAL C 172 -15.06 -1.38 17.44
C VAL C 172 -16.01 -2.35 18.11
N LEU C 173 -15.93 -3.61 17.70
CA LEU C 173 -16.84 -4.65 18.17
C LEU C 173 -16.15 -5.39 19.32
N GLY C 174 -16.49 -5.01 20.55
CA GLY C 174 -15.87 -5.57 21.72
C GLY C 174 -14.95 -4.56 22.38
N ILE C 175 -15.20 -4.28 23.66
CA ILE C 175 -14.41 -3.25 24.34
C ILE C 175 -13.90 -3.79 25.67
N GLY C 176 -13.34 -5.00 25.64
CA GLY C 176 -12.43 -5.43 26.67
C GLY C 176 -11.12 -4.69 26.47
N PRO C 177 -10.08 -5.07 27.21
CA PRO C 177 -8.81 -4.34 27.08
C PRO C 177 -8.29 -4.24 25.65
N VAL C 178 -8.40 -5.30 24.85
CA VAL C 178 -7.95 -5.23 23.46
C VAL C 178 -8.78 -4.22 22.67
N GLY C 179 -10.10 -4.27 22.83
CA GLY C 179 -10.96 -3.35 22.12
C GLY C 179 -10.78 -1.91 22.57
N LEU C 180 -10.55 -1.71 23.87
CA LEU C 180 -10.28 -0.36 24.36
C LEU C 180 -9.02 0.21 23.71
N MET C 181 -8.00 -0.63 23.52
CA MET C 181 -6.81 -0.18 22.81
C MET C 181 -7.07 -0.04 21.32
N ALA C 182 -8.06 -0.75 20.78
CA ALA C 182 -8.44 -0.53 19.39
C ALA C 182 -9.15 0.80 19.23
N VAL C 183 -9.94 1.20 20.23
CA VAL C 183 -10.53 2.53 20.22
C VAL C 183 -9.43 3.59 20.24
N ALA C 184 -8.50 3.48 21.19
CA ALA C 184 -7.34 4.36 21.22
C ALA C 184 -6.57 4.31 19.90
N GLY C 185 -6.37 3.10 19.37
CA GLY C 185 -5.66 2.98 18.11
C GLY C 185 -6.35 3.67 16.95
N ALA C 186 -7.67 3.51 16.86
CA ALA C 186 -8.42 4.21 15.83
C ALA C 186 -8.22 5.73 15.95
N LYS C 187 -8.23 6.26 17.18
CA LYS C 187 -7.95 7.68 17.40
C LYS C 187 -6.57 8.05 16.88
N LEU C 188 -5.57 7.21 17.16
CA LEU C 188 -4.22 7.44 16.65
C LEU C 188 -4.08 7.24 15.15
N ARG C 189 -5.10 6.78 14.43
CA ARG C 189 -5.06 6.77 12.97
C ARG C 189 -5.93 7.88 12.38
N GLY C 190 -6.44 8.77 13.22
CA GLY C 190 -7.21 9.90 12.71
C GLY C 190 -8.68 9.63 12.48
N ALA C 191 -9.25 8.62 13.12
CA ALA C 191 -10.68 8.38 12.98
C ALA C 191 -11.48 9.59 13.45
N GLY C 192 -12.59 9.85 12.80
CA GLY C 192 -13.53 10.85 13.29
C GLY C 192 -14.45 10.23 14.31
N ARG C 193 -15.59 9.72 13.85
CA ARG C 193 -16.56 9.06 14.71
C ARG C 193 -16.05 7.66 15.06
N ILE C 194 -16.04 7.33 16.34
CA ILE C 194 -15.67 5.99 16.81
C ILE C 194 -16.85 5.42 17.57
N ILE C 195 -17.41 4.33 17.07
CA ILE C 195 -18.60 3.70 17.63
C ILE C 195 -18.14 2.43 18.34
N ALA C 196 -18.28 2.41 19.67
CA ALA C 196 -17.83 1.28 20.48
C ALA C 196 -19.02 0.45 20.92
N VAL C 197 -18.87 -0.87 20.82
CA VAL C 197 -19.96 -1.82 21.07
C VAL C 197 -19.61 -2.63 22.30
N GLY C 198 -20.43 -2.51 23.34
CA GLY C 198 -20.20 -3.21 24.59
C GLY C 198 -21.30 -2.89 25.57
N SER C 199 -21.20 -3.48 26.75
CA SER C 199 -22.27 -3.30 27.73
C SER C 199 -21.78 -2.95 29.12
N ARG C 200 -20.63 -3.49 29.55
CA ARG C 200 -20.14 -3.29 30.91
C ARG C 200 -19.80 -1.81 31.14
N PRO C 201 -20.36 -1.17 32.16
CA PRO C 201 -20.11 0.27 32.36
C PRO C 201 -18.64 0.62 32.53
N VAL C 202 -17.87 -0.23 33.21
CA VAL C 202 -16.45 0.04 33.38
C VAL C 202 -15.76 0.13 32.02
N CYS C 203 -16.11 -0.77 31.10
CA CYS C 203 -15.53 -0.73 29.76
C CYS C 203 -16.08 0.44 28.95
N VAL C 204 -17.36 0.74 29.11
CA VAL C 204 -17.95 1.88 28.41
C VAL C 204 -17.26 3.17 28.83
N ASP C 205 -17.01 3.33 30.14
CA ASP C 205 -16.31 4.51 30.60
C ASP C 205 -14.92 4.62 29.97
N ALA C 206 -14.16 3.52 29.98
CA ALA C 206 -12.83 3.55 29.38
C ALA C 206 -12.89 3.82 27.89
N ALA C 207 -13.88 3.26 27.19
CA ALA C 207 -14.00 3.49 25.76
C ALA C 207 -14.23 4.96 25.45
N LYS C 208 -15.08 5.61 26.25
CA LYS C 208 -15.23 7.05 26.13
C LYS C 208 -13.91 7.77 26.41
N TYR C 209 -13.16 7.31 27.43
CA TYR C 209 -11.89 7.94 27.74
C TYR C 209 -10.90 7.80 26.59
N TYR C 210 -10.90 6.66 25.91
CA TYR C 210 -9.98 6.44 24.81
C TYR C 210 -10.45 7.00 23.48
N GLY C 211 -11.63 7.62 23.42
CA GLY C 211 -12.03 8.37 22.24
C GLY C 211 -13.34 7.95 21.61
N ALA C 212 -14.05 6.96 22.15
CA ALA C 212 -15.33 6.57 21.55
C ALA C 212 -16.30 7.73 21.58
N THR C 213 -16.92 8.02 20.44
CA THR C 213 -17.90 9.08 20.36
C THR C 213 -19.33 8.57 20.50
N ASP C 214 -19.53 7.26 20.39
CA ASP C 214 -20.85 6.63 20.43
C ASP C 214 -20.73 5.27 21.10
N ILE C 215 -21.71 4.91 21.92
CA ILE C 215 -21.73 3.64 22.62
C ILE C 215 -22.96 2.87 22.18
N VAL C 216 -22.76 1.65 21.67
CA VAL C 216 -23.85 0.77 21.25
C VAL C 216 -23.89 -0.41 22.20
N ASN C 217 -25.04 -0.64 22.81
CA ASN C 217 -25.19 -1.71 23.80
C ASN C 217 -25.80 -2.94 23.14
N TYR C 218 -25.03 -4.04 23.08
CA TYR C 218 -25.45 -5.21 22.32
C TYR C 218 -26.57 -5.98 22.99
N LYS C 219 -26.73 -5.84 24.31
CA LYS C 219 -27.93 -6.35 24.96
C LYS C 219 -29.11 -5.42 24.83
N ASP C 220 -28.88 -4.18 24.39
CA ASP C 220 -29.96 -3.21 24.21
C ASP C 220 -30.76 -3.52 22.94
N GLY C 221 -30.13 -4.12 21.95
CA GLY C 221 -30.79 -4.43 20.70
C GLY C 221 -29.82 -4.93 19.64
N PRO C 222 -30.30 -5.10 18.41
CA PRO C 222 -29.43 -5.62 17.35
C PRO C 222 -28.34 -4.62 17.00
N ILE C 223 -27.09 -5.07 17.04
N ILE C 223 -27.10 -5.08 17.04
CA ILE C 223 -25.97 -4.20 16.73
CA ILE C 223 -25.96 -4.21 16.71
C ILE C 223 -26.12 -3.62 15.32
C ILE C 223 -26.13 -3.63 15.32
N GLU C 224 -26.48 -4.47 14.35
CA GLU C 224 -26.57 -4.03 12.96
C GLU C 224 -27.60 -2.93 12.79
N SER C 225 -28.80 -3.12 13.35
CA SER C 225 -29.82 -2.07 13.29
C SER C 225 -29.33 -0.79 13.93
N GLN C 226 -28.75 -0.90 15.13
CA GLN C 226 -28.34 0.30 15.85
C GLN C 226 -27.30 1.08 15.08
N ILE C 227 -26.32 0.40 14.49
CA ILE C 227 -25.23 1.10 13.81
C ILE C 227 -25.71 1.67 12.47
N MET C 228 -26.65 0.99 11.79
CA MET C 228 -27.18 1.57 10.57
C MET C 228 -27.97 2.83 10.86
N ASN C 229 -28.73 2.86 11.95
CA ASN C 229 -29.43 4.07 12.34
C ASN C 229 -28.45 5.20 12.63
N LEU C 230 -27.39 4.91 13.38
CA LEU C 230 -26.39 5.93 13.67
C LEU C 230 -25.76 6.46 12.41
N THR C 231 -25.52 5.60 11.42
CA THR C 231 -24.85 6.01 10.19
C THR C 231 -25.83 6.31 9.07
N GLU C 232 -27.12 6.41 9.38
CA GLU C 232 -28.15 6.73 8.38
C GLU C 232 -28.07 5.79 7.17
N GLY C 233 -27.93 4.50 7.44
CA GLY C 233 -27.89 3.50 6.40
C GLY C 233 -26.58 3.39 5.65
N LYS C 234 -25.61 4.25 5.94
CA LYS C 234 -24.36 4.25 5.19
C LYS C 234 -23.41 3.15 5.65
N GLY C 235 -23.43 2.82 6.94
CA GLY C 235 -22.43 1.91 7.47
C GLY C 235 -21.17 2.64 7.89
N VAL C 236 -20.18 1.86 8.29
CA VAL C 236 -18.92 2.42 8.76
C VAL C 236 -17.84 2.16 7.73
N ASP C 237 -16.76 2.95 7.81
CA ASP C 237 -15.61 2.75 6.96
C ASP C 237 -14.81 1.53 7.38
N ALA C 238 -14.81 1.20 8.67
CA ALA C 238 -14.11 0.02 9.11
C ALA C 238 -14.72 -0.45 10.44
N ALA C 239 -14.69 -1.77 10.62
CA ALA C 239 -15.09 -2.39 11.87
C ALA C 239 -13.92 -3.22 12.36
N ILE C 240 -13.51 -3.00 13.61
CA ILE C 240 -12.45 -3.75 14.25
C ILE C 240 -13.12 -4.76 15.16
N ILE C 241 -12.83 -6.05 14.96
CA ILE C 241 -13.38 -7.09 15.82
C ILE C 241 -12.40 -7.36 16.95
N ALA C 242 -12.86 -7.17 18.19
CA ALA C 242 -12.02 -7.37 19.36
C ALA C 242 -12.70 -8.24 20.41
N GLY C 243 -13.73 -8.99 20.02
CA GLY C 243 -14.38 -9.91 20.94
C GLY C 243 -15.61 -10.51 20.28
N GLY C 244 -16.25 -11.41 21.02
CA GLY C 244 -17.50 -12.01 20.59
C GLY C 244 -17.31 -13.41 20.02
N ASN C 245 -18.44 -14.01 19.69
CA ASN C 245 -18.48 -15.35 19.12
C ASN C 245 -18.27 -15.28 17.61
N ALA C 246 -18.22 -16.46 16.97
CA ALA C 246 -17.94 -16.52 15.53
C ALA C 246 -18.89 -15.64 14.72
N ASP C 247 -20.14 -15.50 15.14
CA ASP C 247 -21.10 -14.75 14.35
C ASP C 247 -20.87 -13.24 14.39
N ILE C 248 -19.88 -12.77 15.17
CA ILE C 248 -19.50 -11.36 15.11
C ILE C 248 -18.89 -11.03 13.75
N MET C 249 -18.31 -12.03 13.06
CA MET C 249 -17.84 -11.81 11.69
C MET C 249 -18.96 -11.34 10.79
N ALA C 250 -20.14 -11.98 10.88
CA ALA C 250 -21.26 -11.54 10.06
C ALA C 250 -21.71 -10.16 10.45
N THR C 251 -21.74 -9.86 11.75
CA THR C 251 -22.11 -8.52 12.18
C THR C 251 -21.16 -7.49 11.60
N ALA C 252 -19.87 -7.80 11.56
CA ALA C 252 -18.89 -6.85 11.02
C ALA C 252 -19.12 -6.60 9.53
N VAL C 253 -19.33 -7.67 8.76
CA VAL C 253 -19.56 -7.52 7.31
C VAL C 253 -20.82 -6.71 7.06
N LYS C 254 -21.83 -6.90 7.92
CA LYS C 254 -23.12 -6.25 7.71
C LYS C 254 -23.08 -4.75 7.98
N ILE C 255 -22.14 -4.27 8.79
CA ILE C 255 -22.12 -2.86 9.17
C ILE C 255 -21.11 -2.04 8.37
N VAL C 256 -20.16 -2.69 7.71
CA VAL C 256 -19.14 -1.99 6.93
C VAL C 256 -19.68 -1.68 5.54
N LYS C 257 -19.38 -0.49 5.03
CA LYS C 257 -19.79 -0.09 3.70
C LYS C 257 -18.92 -0.74 2.63
N PRO C 258 -19.41 -0.84 1.39
CA PRO C 258 -18.56 -1.37 0.31
C PRO C 258 -17.25 -0.59 0.22
N GLY C 259 -16.16 -1.32 0.03
CA GLY C 259 -14.83 -0.72 0.06
C GLY C 259 -14.23 -0.59 1.44
N GLY C 260 -15.00 -0.88 2.49
CA GLY C 260 -14.49 -0.81 3.85
C GLY C 260 -13.67 -2.03 4.22
N THR C 261 -13.16 -2.02 5.45
CA THR C 261 -12.31 -3.09 5.91
C THR C 261 -12.84 -3.65 7.22
N ILE C 262 -12.87 -4.98 7.31
CA ILE C 262 -13.10 -5.69 8.57
C ILE C 262 -11.74 -6.15 9.08
N ALA C 263 -11.37 -5.71 10.26
CA ALA C 263 -10.05 -5.95 10.84
C ALA C 263 -10.23 -6.76 12.13
N ASN C 264 -9.94 -8.05 12.08
CA ASN C 264 -10.08 -8.90 13.26
C ASN C 264 -8.76 -9.04 14.00
N VAL C 265 -8.79 -8.80 15.31
CA VAL C 265 -7.75 -9.26 16.23
C VAL C 265 -8.30 -10.21 17.29
N ASN C 266 -9.58 -10.58 17.22
CA ASN C 266 -10.14 -11.54 18.17
C ASN C 266 -9.54 -12.92 17.98
N TYR C 267 -9.27 -13.59 19.09
CA TYR C 267 -8.87 -14.99 19.11
C TYR C 267 -10.16 -15.79 19.24
N PHE C 268 -10.57 -16.45 18.14
CA PHE C 268 -11.77 -17.29 18.15
C PHE C 268 -11.41 -18.69 18.64
N GLY C 269 -12.13 -19.16 19.65
CA GLY C 269 -11.74 -20.39 20.31
C GLY C 269 -12.71 -21.53 20.17
N GLU C 270 -13.83 -21.30 19.48
CA GLU C 270 -14.88 -22.30 19.33
C GLU C 270 -15.51 -22.18 17.95
N GLY C 271 -16.02 -23.30 17.44
CA GLY C 271 -16.73 -23.30 16.18
C GLY C 271 -15.87 -23.68 15.00
N GLU C 272 -16.44 -24.44 14.06
CA GLU C 272 -15.65 -24.88 12.92
C GLU C 272 -15.38 -23.76 11.93
N VAL C 273 -16.37 -22.89 11.67
CA VAL C 273 -16.23 -21.85 10.66
C VAL C 273 -16.68 -20.50 11.22
N LEU C 274 -16.09 -19.44 10.66
CA LEU C 274 -16.53 -18.08 10.92
C LEU C 274 -17.37 -17.61 9.74
N PRO C 275 -18.61 -17.19 9.95
CA PRO C 275 -19.53 -16.98 8.81
C PRO C 275 -19.34 -15.62 8.15
N VAL C 276 -19.25 -15.61 6.83
CA VAL C 276 -19.30 -14.38 6.05
C VAL C 276 -20.65 -14.35 5.34
N PRO C 277 -21.51 -13.37 5.63
CA PRO C 277 -22.83 -13.31 4.97
C PRO C 277 -22.68 -13.03 3.48
N ARG C 278 -23.13 -13.98 2.66
CA ARG C 278 -22.93 -13.90 1.20
C ARG C 278 -23.46 -12.59 0.62
N LEU C 279 -24.73 -12.27 0.91
CA LEU C 279 -25.35 -11.09 0.29
C LEU C 279 -24.69 -9.79 0.74
N GLU C 280 -24.47 -9.63 2.04
CA GLU C 280 -23.87 -8.41 2.55
C GLU C 280 -22.38 -8.31 2.24
N TRP C 281 -21.76 -9.43 1.85
CA TRP C 281 -20.45 -9.40 1.23
C TRP C 281 -20.55 -9.20 -0.28
N GLY C 282 -21.69 -8.73 -0.76
CA GLY C 282 -21.87 -8.47 -2.17
C GLY C 282 -21.74 -9.69 -3.04
N CYS C 283 -22.17 -10.85 -2.53
CA CYS C 283 -22.04 -12.11 -3.26
C CYS C 283 -20.59 -12.36 -3.68
N GLY C 284 -19.65 -11.86 -2.89
CA GLY C 284 -18.24 -12.02 -3.14
C GLY C 284 -17.56 -10.83 -3.75
N MET C 285 -18.29 -9.72 -3.99
CA MET C 285 -17.81 -8.65 -4.87
C MET C 285 -17.91 -7.25 -4.26
N ALA C 286 -18.07 -7.13 -2.95
CA ALA C 286 -18.36 -5.83 -2.34
C ALA C 286 -17.12 -5.08 -1.91
N HIS C 287 -15.92 -5.59 -2.21
CA HIS C 287 -14.65 -4.99 -1.75
C HIS C 287 -14.62 -4.75 -0.25
N LYS C 288 -15.27 -5.63 0.52
CA LYS C 288 -15.17 -5.58 1.97
C LYS C 288 -14.03 -6.50 2.38
N THR C 289 -12.85 -5.91 2.53
CA THR C 289 -11.66 -6.68 2.84
C THR C 289 -11.71 -7.15 4.30
N ILE C 290 -11.38 -8.41 4.53
CA ILE C 290 -11.37 -8.99 5.86
C ILE C 290 -9.93 -9.34 6.21
N LYS C 291 -9.42 -8.74 7.28
CA LYS C 291 -8.10 -9.05 7.80
C LYS C 291 -8.21 -9.71 9.18
N GLY C 292 -7.16 -10.43 9.55
CA GLY C 292 -7.12 -11.02 10.87
C GLY C 292 -5.70 -11.36 11.25
N GLY C 293 -5.22 -10.81 12.35
CA GLY C 293 -3.79 -10.93 12.59
C GLY C 293 -3.31 -10.98 14.04
N LEU C 294 -2.31 -11.84 14.26
CA LEU C 294 -1.56 -11.86 15.50
C LEU C 294 -0.81 -10.55 15.69
N ALA C 295 -0.79 -10.05 16.91
CA ALA C 295 -0.19 -8.74 17.18
C ALA C 295 1.30 -8.77 16.86
N PRO C 296 1.87 -7.67 16.36
CA PRO C 296 3.33 -7.60 16.21
C PRO C 296 4.02 -7.66 17.56
N GLY C 297 5.26 -8.16 17.55
CA GLY C 297 6.14 -8.21 18.70
C GLY C 297 7.54 -7.75 18.34
N GLY C 298 8.52 -8.21 19.12
CA GLY C 298 9.90 -7.82 18.92
C GLY C 298 10.23 -6.47 19.54
N ARG C 299 11.54 -6.19 19.59
CA ARG C 299 12.03 -4.97 20.24
C ARG C 299 11.43 -3.71 19.61
N LEU C 300 11.38 -3.64 18.28
CA LEU C 300 10.96 -2.41 17.62
C LEU C 300 9.52 -2.06 17.93
N ARG C 301 8.64 -3.06 17.95
CA ARG C 301 7.26 -2.79 18.28
C ARG C 301 7.13 -2.25 19.70
N MET C 302 7.85 -2.86 20.65
CA MET C 302 7.82 -2.40 22.04
C MET C 302 8.35 -0.97 22.15
N GLU C 303 9.49 -0.69 21.50
CA GLU C 303 10.06 0.64 21.58
C GLU C 303 9.13 1.69 21.02
N ARG C 304 8.37 1.35 19.97
CA ARG C 304 7.48 2.34 19.39
C ARG C 304 6.26 2.58 20.26
N LEU C 305 5.73 1.53 20.90
CA LEU C 305 4.60 1.74 21.79
C LEU C 305 5.02 2.43 23.09
N ILE C 306 6.26 2.21 23.53
CA ILE C 306 6.81 2.91 24.68
C ILE C 306 6.89 4.41 24.41
N ASP C 307 7.23 4.79 23.19
CA ASP C 307 7.24 6.21 22.83
C ASP C 307 5.85 6.80 22.86
N LEU C 308 4.85 6.02 22.42
CA LEU C 308 3.47 6.48 22.50
C LEU C 308 3.05 6.68 23.93
N VAL C 309 3.55 5.86 24.85
CA VAL C 309 3.29 6.09 26.27
C VAL C 309 4.12 7.25 26.79
N PHE C 310 5.41 7.30 26.42
CA PHE C 310 6.31 8.31 26.97
C PHE C 310 5.87 9.73 26.59
N TYR C 311 5.46 9.93 25.34
CA TYR C 311 4.99 11.23 24.90
C TYR C 311 3.50 11.42 25.10
N LYS C 312 2.88 10.55 25.91
CA LYS C 312 1.51 10.72 26.36
C LYS C 312 0.51 10.68 25.22
N ARG C 313 0.78 9.87 24.19
CA ARG C 313 -0.24 9.67 23.16
C ARG C 313 -1.35 8.76 23.67
N VAL C 314 -1.00 7.75 24.47
CA VAL C 314 -1.97 6.83 25.07
CA VAL C 314 -1.97 6.83 25.07
C VAL C 314 -1.56 6.59 26.51
N ASP C 315 -2.55 6.53 27.40
CA ASP C 315 -2.34 6.17 28.79
C ASP C 315 -3.03 4.83 29.03
N PRO C 316 -2.30 3.71 28.99
CA PRO C 316 -2.94 2.41 29.20
C PRO C 316 -3.31 2.13 30.65
N SER C 317 -2.93 3.02 31.57
CA SER C 317 -3.16 2.75 32.99
C SER C 317 -4.65 2.64 33.31
N LYS C 318 -5.53 3.15 32.46
CA LYS C 318 -6.95 3.02 32.74
C LYS C 318 -7.47 1.62 32.46
N LEU C 319 -6.68 0.77 31.79
CA LEU C 319 -7.09 -0.61 31.58
C LEU C 319 -6.95 -1.44 32.85
N VAL C 320 -6.15 -0.99 33.80
CA VAL C 320 -5.82 -1.78 34.98
C VAL C 320 -6.84 -1.46 36.06
N THR C 321 -7.77 -2.40 36.28
CA THR C 321 -8.80 -2.22 37.30
C THR C 321 -8.49 -2.93 38.60
N HIS C 322 -7.55 -3.87 38.59
CA HIS C 322 -7.19 -4.65 39.77
C HIS C 322 -5.68 -4.80 39.82
N VAL C 323 -5.08 -4.51 40.97
CA VAL C 323 -3.66 -4.72 41.18
C VAL C 323 -3.47 -5.54 42.43
N PHE C 324 -2.70 -6.61 42.32
CA PHE C 324 -2.38 -7.49 43.44
C PHE C 324 -0.88 -7.57 43.60
N ARG C 325 -0.47 -8.04 44.77
CA ARG C 325 0.93 -8.12 45.12
C ARG C 325 1.24 -9.56 45.49
N GLY C 326 2.29 -10.11 44.90
CA GLY C 326 2.74 -11.39 45.37
C GLY C 326 2.58 -12.50 44.35
N PHE C 327 3.48 -13.47 44.41
CA PHE C 327 3.49 -14.54 43.42
C PHE C 327 2.20 -15.35 43.43
N ASP C 328 1.73 -15.73 44.63
CA ASP C 328 0.55 -16.59 44.73
C ASP C 328 -0.70 -15.95 44.14
N ASN C 329 -0.71 -14.64 43.93
CA ASN C 329 -1.89 -13.98 43.39
C ASN C 329 -1.96 -14.05 41.87
N ILE C 330 -0.95 -14.62 41.23
CA ILE C 330 -1.06 -14.99 39.83
C ILE C 330 -2.25 -15.90 39.61
N GLU C 331 -2.47 -16.83 40.53
CA GLU C 331 -3.65 -17.70 40.45
C GLU C 331 -4.92 -16.88 40.56
N LYS C 332 -4.99 -15.97 41.54
CA LYS C 332 -6.20 -15.19 41.75
CA LYS C 332 -6.19 -15.17 41.75
C LYS C 332 -6.50 -14.30 40.54
N ALA C 333 -5.49 -13.60 40.02
CA ALA C 333 -5.70 -12.79 38.83
C ALA C 333 -6.12 -13.65 37.64
N PHE C 334 -5.56 -14.85 37.51
CA PHE C 334 -5.90 -15.72 36.39
C PHE C 334 -7.37 -16.13 36.43
N MET C 335 -7.84 -16.55 37.61
CA MET C 335 -9.25 -16.91 37.74
C MET C 335 -10.14 -15.70 37.54
N LEU C 336 -9.64 -14.50 37.85
CA LEU C 336 -10.38 -13.29 37.57
C LEU C 336 -10.70 -13.17 36.08
N MET C 337 -9.74 -13.54 35.22
CA MET C 337 -10.01 -13.53 33.77
C MET C 337 -11.01 -14.62 33.38
N LYS C 338 -11.03 -15.73 34.12
CA LYS C 338 -12.01 -16.76 33.83
C LYS C 338 -13.41 -16.31 34.24
N ASP C 339 -13.53 -15.69 35.42
CA ASP C 339 -14.83 -15.34 35.96
C ASP C 339 -15.39 -14.06 35.31
N LYS C 340 -14.52 -13.12 34.97
CA LYS C 340 -14.92 -11.84 34.38
C LYS C 340 -16.04 -11.19 35.18
N PRO C 341 -15.76 -10.65 36.38
CA PRO C 341 -16.76 -9.81 37.05
C PRO C 341 -17.00 -8.52 36.28
N LYS C 342 -18.11 -7.85 36.64
CA LYS C 342 -18.56 -6.68 35.89
C LYS C 342 -17.62 -5.48 36.00
N ASP C 343 -16.79 -5.40 37.04
CA ASP C 343 -15.90 -4.26 37.24
C ASP C 343 -14.49 -4.51 36.72
N LEU C 344 -14.27 -5.63 36.04
CA LEU C 344 -12.95 -6.04 35.62
C LEU C 344 -12.69 -5.60 34.18
N ILE C 345 -11.53 -4.98 33.96
CA ILE C 345 -10.96 -4.86 32.62
C ILE C 345 -9.69 -5.70 32.52
N LYS C 346 -8.70 -5.40 33.32
CA LYS C 346 -7.42 -6.09 33.25
C LYS C 346 -6.78 -6.06 34.64
N PRO C 347 -6.40 -7.22 35.20
CA PRO C 347 -5.68 -7.21 36.48
C PRO C 347 -4.18 -7.33 36.28
N VAL C 348 -3.40 -6.79 37.21
CA VAL C 348 -1.95 -6.82 37.16
C VAL C 348 -1.45 -7.34 38.49
N VAL C 349 -0.39 -8.15 38.45
CA VAL C 349 0.26 -8.61 39.67
C VAL C 349 1.65 -7.99 39.73
N ILE C 350 1.96 -7.35 40.86
CA ILE C 350 3.25 -6.74 41.11
C ILE C 350 4.09 -7.69 41.94
N LEU C 351 5.29 -7.99 41.46
CA LEU C 351 6.22 -8.85 42.17
C LEU C 351 7.46 -8.10 42.69
N ALA C 352 7.52 -6.79 42.46
CA ALA C 352 8.66 -5.98 42.87
C ALA C 352 8.80 -5.95 44.39
N MET D 1 -37.75 -2.00 -30.92
CA MET D 1 -36.49 -2.71 -30.70
C MET D 1 -36.68 -4.08 -30.04
N LYS D 2 -36.01 -5.10 -30.59
CA LYS D 2 -36.05 -6.44 -30.03
C LYS D 2 -34.90 -6.64 -29.06
N GLY D 3 -35.15 -7.46 -28.04
CA GLY D 3 -34.12 -7.73 -27.04
C GLY D 3 -34.35 -9.02 -26.26
N PHE D 4 -33.27 -9.73 -25.97
CA PHE D 4 -33.34 -10.96 -25.19
C PHE D 4 -33.29 -10.61 -23.72
N ALA D 5 -34.36 -10.92 -22.99
CA ALA D 5 -34.56 -10.37 -21.66
C ALA D 5 -34.86 -11.47 -20.64
N MET D 6 -34.58 -11.15 -19.38
CA MET D 6 -35.01 -11.95 -18.24
C MET D 6 -36.42 -11.53 -17.88
N LEU D 7 -37.39 -12.42 -18.10
CA LEU D 7 -38.79 -12.09 -17.81
C LEU D 7 -39.07 -12.15 -16.32
N SER D 8 -38.55 -13.17 -15.65
CA SER D 8 -38.65 -13.33 -14.20
C SER D 8 -37.55 -14.32 -13.79
N ILE D 9 -37.54 -14.70 -12.51
CA ILE D 9 -36.54 -15.66 -12.07
C ILE D 9 -36.83 -17.00 -12.74
N GLY D 10 -35.86 -17.49 -13.50
CA GLY D 10 -35.95 -18.80 -14.13
C GLY D 10 -36.52 -18.82 -15.52
N LYS D 11 -36.83 -17.66 -16.10
CA LYS D 11 -37.48 -17.61 -17.42
C LYS D 11 -36.89 -16.47 -18.22
N VAL D 12 -36.52 -16.74 -19.47
CA VAL D 12 -35.98 -15.74 -20.39
C VAL D 12 -36.75 -15.82 -21.70
N GLY D 13 -36.61 -14.78 -22.50
CA GLY D 13 -37.27 -14.73 -23.80
C GLY D 13 -37.04 -13.39 -24.46
N TRP D 14 -37.49 -13.32 -25.72
CA TRP D 14 -37.39 -12.12 -26.53
C TRP D 14 -38.58 -11.19 -26.25
N ILE D 15 -38.29 -9.92 -25.99
CA ILE D 15 -39.33 -8.92 -25.76
C ILE D 15 -39.11 -7.73 -26.69
N GLU D 16 -40.10 -6.84 -26.70
CA GLU D 16 -40.06 -5.60 -27.48
C GLU D 16 -40.02 -4.42 -26.52
N LYS D 17 -39.05 -3.53 -26.73
CA LYS D 17 -38.93 -2.32 -25.94
C LYS D 17 -38.62 -1.15 -26.87
N GLU D 18 -38.92 0.04 -26.38
CA GLU D 18 -38.57 1.26 -27.09
C GLU D 18 -37.06 1.41 -27.16
N LYS D 19 -36.57 1.90 -28.29
CA LYS D 19 -35.16 2.18 -28.47
C LYS D 19 -34.76 3.33 -27.56
N PRO D 20 -33.74 3.17 -26.71
CA PRO D 20 -33.41 4.24 -25.76
C PRO D 20 -32.91 5.50 -26.43
N ALA D 21 -33.15 6.63 -25.78
CA ALA D 21 -32.53 7.88 -26.17
C ALA D 21 -31.51 8.29 -25.12
N PRO D 22 -30.45 9.01 -25.52
CA PRO D 22 -29.41 9.36 -24.56
C PRO D 22 -29.62 10.72 -23.92
N GLY D 23 -29.18 10.83 -22.67
CA GLY D 23 -29.02 12.12 -22.05
C GLY D 23 -27.90 12.91 -22.70
N PRO D 24 -27.71 14.15 -22.26
CA PRO D 24 -26.68 15.00 -22.90
C PRO D 24 -25.28 14.44 -22.76
N PHE D 25 -25.03 13.56 -21.78
CA PHE D 25 -23.71 12.95 -21.58
C PHE D 25 -23.64 11.51 -22.05
N ASP D 26 -24.69 10.98 -22.67
CA ASP D 26 -24.80 9.56 -22.91
C ASP D 26 -24.65 9.24 -24.39
N ALA D 27 -24.57 7.94 -24.68
CA ALA D 27 -24.48 7.46 -26.05
C ALA D 27 -25.37 6.24 -26.22
N ILE D 28 -25.96 6.11 -27.41
CA ILE D 28 -26.65 4.89 -27.82
C ILE D 28 -25.71 4.12 -28.74
N VAL D 29 -25.60 2.82 -28.50
CA VAL D 29 -24.62 1.98 -29.19
C VAL D 29 -25.35 0.78 -29.80
N ARG D 30 -24.99 0.43 -31.02
CA ARG D 30 -25.52 -0.85 -31.48
C ARG D 30 -24.43 -1.91 -31.41
N PRO D 31 -24.75 -3.12 -30.95
CA PRO D 31 -23.68 -4.11 -30.77
C PRO D 31 -23.18 -4.67 -32.09
N LEU D 32 -21.86 -4.77 -32.20
CA LEU D 32 -21.23 -5.53 -33.28
C LEU D 32 -20.87 -6.93 -32.84
N ALA D 33 -20.50 -7.13 -31.58
CA ALA D 33 -20.26 -8.46 -31.02
C ALA D 33 -20.63 -8.43 -29.54
N VAL D 34 -21.24 -9.52 -29.07
CA VAL D 34 -21.65 -9.65 -27.68
C VAL D 34 -21.29 -11.06 -27.20
N ALA D 35 -21.32 -11.24 -25.88
CA ALA D 35 -21.02 -12.53 -25.29
C ALA D 35 -21.88 -12.70 -24.05
N PRO D 36 -22.34 -13.91 -23.76
CA PRO D 36 -23.06 -14.16 -22.52
C PRO D 36 -22.12 -14.50 -21.37
N CYS D 37 -22.63 -14.32 -20.15
CA CYS D 37 -21.83 -14.48 -18.96
C CYS D 37 -22.48 -15.45 -17.99
N THR D 38 -21.65 -16.19 -17.26
CA THR D 38 -22.13 -17.03 -16.17
C THR D 38 -22.90 -16.23 -15.13
N SER D 39 -22.53 -14.96 -14.94
CA SER D 39 -23.20 -14.13 -13.94
C SER D 39 -24.69 -13.97 -14.25
N ASP D 40 -25.05 -13.91 -15.54
CA ASP D 40 -26.46 -13.82 -15.89
C ASP D 40 -27.19 -15.11 -15.58
N ILE D 41 -26.50 -16.25 -15.65
CA ILE D 41 -27.11 -17.51 -15.23
C ILE D 41 -27.42 -17.47 -13.73
N HIS D 42 -26.44 -17.06 -12.92
CA HIS D 42 -26.68 -16.86 -11.48
C HIS D 42 -27.89 -15.95 -11.25
N THR D 43 -27.98 -14.87 -12.02
CA THR D 43 -29.07 -13.91 -11.84
C THR D 43 -30.40 -14.51 -12.26
N VAL D 44 -30.47 -15.06 -13.47
CA VAL D 44 -31.74 -15.53 -13.99
C VAL D 44 -32.24 -16.76 -13.22
N PHE D 45 -31.39 -17.79 -13.10
CA PHE D 45 -31.85 -19.09 -12.64
C PHE D 45 -31.60 -19.36 -11.15
N GLU D 46 -30.72 -18.60 -10.50
CA GLU D 46 -30.62 -18.67 -9.05
C GLU D 46 -31.23 -17.48 -8.35
N GLY D 47 -31.50 -16.39 -9.06
CA GLY D 47 -32.05 -15.20 -8.42
C GLY D 47 -31.10 -14.62 -7.40
N ALA D 48 -29.80 -14.65 -7.69
CA ALA D 48 -28.79 -14.28 -6.70
C ALA D 48 -28.90 -12.84 -6.24
N ILE D 49 -29.52 -11.97 -7.05
CA ILE D 49 -29.66 -10.57 -6.69
C ILE D 49 -31.13 -10.15 -6.79
N GLY D 50 -32.03 -11.11 -6.68
CA GLY D 50 -33.45 -10.83 -6.61
C GLY D 50 -34.17 -10.94 -7.95
N GLU D 51 -35.42 -10.47 -7.93
CA GLU D 51 -36.33 -10.59 -9.06
C GLU D 51 -36.16 -9.44 -10.03
N ARG D 52 -36.20 -9.75 -11.33
CA ARG D 52 -36.25 -8.75 -12.39
C ARG D 52 -37.41 -9.05 -13.33
N HIS D 53 -37.89 -8.01 -13.99
CA HIS D 53 -39.05 -8.10 -14.88
C HIS D 53 -38.70 -7.43 -16.20
N ASN D 54 -38.62 -8.23 -17.27
CA ASN D 54 -38.37 -7.74 -18.63
C ASN D 54 -37.06 -6.96 -18.73
N MET D 55 -36.02 -7.44 -18.06
CA MET D 55 -34.71 -6.81 -18.11
C MET D 55 -33.89 -7.45 -19.21
N ILE D 56 -33.46 -6.64 -20.18
CA ILE D 56 -32.60 -7.15 -21.25
C ILE D 56 -31.29 -7.61 -20.66
N LEU D 57 -30.87 -8.82 -21.02
CA LEU D 57 -29.69 -9.43 -20.45
C LEU D 57 -28.43 -8.97 -21.17
N GLY D 58 -27.28 -9.39 -20.67
CA GLY D 58 -26.02 -9.15 -21.35
C GLY D 58 -25.27 -7.93 -20.84
N HIS D 59 -23.98 -8.09 -20.57
CA HIS D 59 -23.17 -6.95 -20.18
C HIS D 59 -21.79 -6.99 -20.84
N GLU D 60 -21.64 -7.70 -21.95
CA GLU D 60 -20.36 -7.85 -22.63
C GLU D 60 -20.55 -7.52 -24.10
N ALA D 61 -19.97 -6.42 -24.56
CA ALA D 61 -20.27 -5.97 -25.91
C ALA D 61 -19.18 -5.05 -26.43
N VAL D 62 -18.91 -5.19 -27.72
CA VAL D 62 -18.23 -4.18 -28.51
CA VAL D 62 -18.22 -4.20 -28.53
C VAL D 62 -19.24 -3.68 -29.54
N GLY D 63 -19.31 -2.36 -29.72
CA GLY D 63 -20.36 -1.82 -30.55
C GLY D 63 -19.95 -0.61 -31.35
N GLU D 64 -20.91 -0.09 -32.12
CA GLU D 64 -20.78 1.12 -32.89
C GLU D 64 -21.68 2.19 -32.30
N VAL D 65 -21.11 3.36 -32.04
CA VAL D 65 -21.91 4.47 -31.54
C VAL D 65 -22.83 4.96 -32.66
N VAL D 66 -24.12 5.05 -32.36
CA VAL D 66 -25.08 5.57 -33.33
C VAL D 66 -25.63 6.94 -32.93
N GLU D 67 -25.62 7.30 -31.65
CA GLU D 67 -26.13 8.61 -31.25
C GLU D 67 -25.45 9.01 -29.95
N VAL D 68 -25.16 10.30 -29.81
CA VAL D 68 -24.54 10.85 -28.61
C VAL D 68 -25.32 12.07 -28.15
N GLY D 69 -25.19 12.39 -26.87
CA GLY D 69 -25.82 13.57 -26.32
C GLY D 69 -25.05 14.84 -26.66
N SER D 70 -25.68 15.98 -26.38
CA SER D 70 -25.10 17.27 -26.76
C SER D 70 -23.80 17.58 -26.02
N GLU D 71 -23.53 16.91 -24.90
CA GLU D 71 -22.33 17.18 -24.13
C GLU D 71 -21.23 16.15 -24.33
N VAL D 72 -21.44 15.17 -25.20
CA VAL D 72 -20.44 14.14 -25.44
C VAL D 72 -19.37 14.69 -26.37
N LYS D 73 -18.11 14.59 -25.95
CA LYS D 73 -17.02 15.28 -26.63
C LYS D 73 -15.96 14.37 -27.23
N ASP D 74 -15.96 13.07 -26.95
CA ASP D 74 -14.90 12.18 -27.39
C ASP D 74 -15.36 11.07 -28.31
N PHE D 75 -16.66 10.91 -28.55
CA PHE D 75 -17.19 9.82 -29.36
C PHE D 75 -18.29 10.38 -30.26
N LYS D 76 -18.28 9.93 -31.50
CA LYS D 76 -19.22 10.34 -32.55
C LYS D 76 -19.94 9.12 -33.07
N PRO D 77 -21.09 9.29 -33.73
CA PRO D 77 -21.72 8.15 -34.41
C PRO D 77 -20.76 7.54 -35.43
N GLY D 78 -20.69 6.21 -35.42
CA GLY D 78 -19.77 5.49 -36.27
C GLY D 78 -18.53 5.00 -35.57
N ASP D 79 -18.23 5.51 -34.38
CA ASP D 79 -17.05 5.08 -33.65
C ASP D 79 -17.26 3.67 -33.12
N ARG D 80 -16.26 2.81 -33.35
CA ARG D 80 -16.26 1.46 -32.80
C ARG D 80 -15.62 1.49 -31.41
N VAL D 81 -16.32 0.95 -30.42
CA VAL D 81 -15.95 1.15 -29.04
C VAL D 81 -16.06 -0.16 -28.26
N VAL D 82 -15.20 -0.29 -27.25
CA VAL D 82 -15.28 -1.34 -26.26
C VAL D 82 -16.06 -0.79 -25.07
N VAL D 83 -17.18 -1.42 -24.75
CA VAL D 83 -18.07 -0.97 -23.68
C VAL D 83 -17.79 -1.82 -22.45
N PRO D 84 -17.32 -1.25 -21.35
CA PRO D 84 -17.09 -2.03 -20.14
C PRO D 84 -18.40 -2.53 -19.56
N ALA D 85 -18.33 -3.70 -18.90
CA ALA D 85 -19.49 -4.21 -18.19
C ALA D 85 -19.91 -3.30 -17.06
N ILE D 86 -18.94 -2.65 -16.41
CA ILE D 86 -19.17 -1.74 -15.30
C ILE D 86 -19.09 -0.33 -15.85
N THR D 87 -20.21 0.39 -15.83
CA THR D 87 -20.30 1.76 -16.36
C THR D 87 -20.92 2.64 -15.27
N PRO D 88 -20.10 3.13 -14.34
CA PRO D 88 -20.67 3.79 -13.17
C PRO D 88 -21.08 5.21 -13.48
N ASP D 89 -21.91 5.76 -12.60
CA ASP D 89 -22.06 7.20 -12.50
C ASP D 89 -20.82 7.73 -11.80
N TRP D 90 -20.11 8.65 -12.44
CA TRP D 90 -18.84 9.05 -11.88
C TRP D 90 -18.95 10.19 -10.87
N ARG D 91 -20.10 10.82 -10.72
CA ARG D 91 -20.23 11.90 -9.75
C ARG D 91 -20.98 11.41 -8.50
N THR D 92 -20.25 10.64 -7.69
CA THR D 92 -20.76 10.15 -6.41
C THR D 92 -19.65 10.22 -5.37
N SER D 93 -20.02 9.99 -4.10
CA SER D 93 -19.02 9.97 -3.03
C SER D 93 -18.17 8.71 -3.07
N GLU D 94 -18.73 7.59 -3.56
CA GLU D 94 -17.98 6.34 -3.63
C GLU D 94 -16.82 6.43 -4.59
N VAL D 95 -17.02 7.12 -5.72
CA VAL D 95 -15.90 7.47 -6.59
C VAL D 95 -14.87 8.32 -5.84
N GLN D 96 -15.34 9.26 -5.02
CA GLN D 96 -14.42 10.07 -4.22
C GLN D 96 -13.67 9.22 -3.18
N ARG D 97 -14.32 8.17 -2.65
CA ARG D 97 -13.67 7.21 -1.76
C ARG D 97 -12.76 6.22 -2.48
N GLY D 98 -12.76 6.21 -3.81
CA GLY D 98 -11.91 5.31 -4.56
C GLY D 98 -12.53 4.01 -5.01
N TYR D 99 -13.87 3.92 -5.03
CA TYR D 99 -14.55 2.65 -5.37
C TYR D 99 -15.67 2.93 -6.38
N HIS D 100 -15.31 3.07 -7.65
CA HIS D 100 -16.35 3.33 -8.65
C HIS D 100 -17.27 2.13 -8.84
N GLN D 101 -16.80 0.91 -8.57
CA GLN D 101 -17.64 -0.27 -8.70
C GLN D 101 -18.92 -0.17 -7.88
N HIS D 102 -18.93 0.65 -6.83
CA HIS D 102 -20.06 0.73 -5.92
C HIS D 102 -20.63 2.15 -5.88
N SER D 103 -20.45 2.87 -6.97
CA SER D 103 -20.97 4.23 -7.13
C SER D 103 -22.49 4.22 -7.06
N GLY D 104 -23.05 4.79 -6.00
CA GLY D 104 -24.49 4.74 -5.78
C GLY D 104 -24.98 3.58 -4.95
N GLY D 105 -24.10 2.67 -4.55
CA GLY D 105 -24.51 1.57 -3.69
C GLY D 105 -23.75 0.31 -4.01
N MET D 106 -23.94 -0.74 -3.20
CA MET D 106 -23.23 -1.98 -3.42
C MET D 106 -23.51 -2.53 -4.81
N LEU D 107 -22.43 -2.84 -5.54
CA LEU D 107 -22.45 -3.36 -6.91
C LEU D 107 -23.06 -2.39 -7.91
N ALA D 108 -23.39 -1.15 -7.52
CA ALA D 108 -24.21 -0.31 -8.38
C ALA D 108 -23.47 0.23 -9.59
N GLY D 109 -22.14 0.17 -9.59
CA GLY D 109 -21.39 0.48 -10.79
C GLY D 109 -21.58 -0.54 -11.90
N TRP D 110 -22.07 -1.72 -11.57
CA TRP D 110 -22.45 -2.72 -12.57
C TRP D 110 -23.91 -2.49 -12.91
N LYS D 111 -24.17 -1.92 -14.09
CA LYS D 111 -25.55 -1.57 -14.47
C LYS D 111 -26.19 -2.59 -15.42
N PHE D 112 -25.53 -2.88 -16.56
CA PHE D 112 -26.11 -3.77 -17.57
C PHE D 112 -26.52 -5.11 -16.97
N SER D 113 -27.78 -5.50 -17.20
CA SER D 113 -28.34 -6.76 -16.70
C SER D 113 -28.17 -6.90 -15.19
N ASN D 114 -28.17 -5.77 -14.49
CA ASN D 114 -28.23 -5.72 -13.04
C ASN D 114 -29.33 -4.75 -12.62
N VAL D 115 -29.18 -3.48 -12.98
CA VAL D 115 -30.18 -2.44 -12.67
C VAL D 115 -30.48 -1.67 -13.95
N LYS D 116 -30.23 -2.27 -15.11
CA LYS D 116 -30.33 -1.55 -16.37
C LYS D 116 -30.41 -2.56 -17.51
N ASP D 117 -31.17 -2.21 -18.54
CA ASP D 117 -31.26 -3.04 -19.73
C ASP D 117 -29.88 -3.27 -20.33
N GLY D 118 -29.58 -4.54 -20.64
CA GLY D 118 -28.26 -4.93 -21.09
C GLY D 118 -28.07 -4.82 -22.59
N VAL D 119 -26.96 -5.39 -23.05
CA VAL D 119 -26.49 -5.21 -24.42
C VAL D 119 -27.14 -6.16 -25.42
N PHE D 120 -27.94 -7.12 -24.95
CA PHE D 120 -28.60 -8.04 -25.87
C PHE D 120 -29.83 -7.44 -26.52
N GLY D 121 -29.69 -6.23 -27.09
CA GLY D 121 -30.75 -5.61 -27.85
C GLY D 121 -30.19 -4.96 -29.09
N GLU D 122 -31.10 -4.57 -29.99
CA GLU D 122 -30.66 -3.95 -31.24
C GLU D 122 -29.82 -2.70 -30.98
N PHE D 123 -30.12 -1.97 -29.91
CA PHE D 123 -29.29 -0.89 -29.42
C PHE D 123 -29.26 -0.94 -27.90
N PHE D 124 -28.31 -0.22 -27.30
CA PHE D 124 -28.31 -0.09 -25.86
C PHE D 124 -27.77 1.28 -25.48
N HIS D 125 -27.97 1.62 -24.22
CA HIS D 125 -27.69 2.92 -23.65
C HIS D 125 -26.42 2.82 -22.81
N VAL D 126 -25.44 3.67 -23.09
CA VAL D 126 -24.24 3.79 -22.28
C VAL D 126 -24.28 5.14 -21.60
N ASN D 127 -24.31 5.13 -20.27
CA ASN D 127 -24.34 6.37 -19.50
C ASN D 127 -22.94 6.97 -19.42
N ASP D 128 -22.86 8.30 -19.52
CA ASP D 128 -21.60 9.04 -19.47
C ASP D 128 -20.60 8.46 -20.45
N ALA D 129 -20.78 8.75 -21.74
CA ALA D 129 -19.99 8.11 -22.79
C ALA D 129 -18.51 8.47 -22.70
N ASP D 130 -18.21 9.76 -22.45
CA ASP D 130 -16.82 10.20 -22.37
C ASP D 130 -16.05 9.51 -21.26
N MET D 131 -16.74 9.04 -20.22
CA MET D 131 -16.09 8.40 -19.09
C MET D 131 -16.15 6.88 -19.13
N ASN D 132 -17.04 6.30 -19.94
CA ASN D 132 -17.32 4.88 -19.85
C ASN D 132 -17.21 4.15 -21.19
N LEU D 133 -16.67 4.79 -22.22
CA LEU D 133 -16.41 4.10 -23.48
C LEU D 133 -14.92 4.17 -23.78
N ALA D 134 -14.42 3.18 -24.51
CA ALA D 134 -13.06 3.24 -25.03
C ALA D 134 -13.06 2.98 -26.52
N HIS D 135 -12.29 3.77 -27.26
CA HIS D 135 -12.09 3.52 -28.68
C HIS D 135 -11.42 2.17 -28.91
N LEU D 136 -11.86 1.45 -29.95
CA LEU D 136 -11.33 0.12 -30.23
C LEU D 136 -10.37 0.18 -31.41
N PRO D 137 -9.08 -0.10 -31.22
CA PRO D 137 -8.15 -0.05 -32.36
C PRO D 137 -8.53 -1.09 -33.42
N LYS D 138 -8.35 -0.72 -34.67
CA LYS D 138 -8.68 -1.61 -35.78
C LYS D 138 -7.87 -2.90 -35.75
N GLU D 139 -6.74 -2.91 -35.05
CA GLU D 139 -5.85 -4.07 -35.03
C GLU D 139 -6.38 -5.21 -34.16
N ILE D 140 -7.42 -4.99 -33.38
CA ILE D 140 -7.90 -6.00 -32.45
C ILE D 140 -9.21 -6.56 -33.00
N PRO D 141 -9.30 -7.86 -33.27
CA PRO D 141 -10.53 -8.42 -33.84
C PRO D 141 -11.68 -8.35 -32.84
N LEU D 142 -12.90 -8.45 -33.37
CA LEU D 142 -14.09 -8.30 -32.54
C LEU D 142 -14.19 -9.37 -31.46
N GLU D 143 -13.83 -10.62 -31.79
CA GLU D 143 -14.04 -11.70 -30.83
C GLU D 143 -13.08 -11.59 -29.65
N ALA D 144 -11.87 -11.07 -29.88
CA ALA D 144 -10.95 -10.88 -28.77
C ALA D 144 -11.32 -9.65 -27.96
N ALA D 145 -11.74 -8.58 -28.64
CA ALA D 145 -12.04 -7.35 -27.94
C ALA D 145 -13.20 -7.52 -26.97
N VAL D 146 -14.20 -8.35 -27.32
CA VAL D 146 -15.34 -8.53 -26.44
C VAL D 146 -14.99 -9.34 -25.21
N MET D 147 -13.76 -9.85 -25.11
CA MET D 147 -13.30 -10.44 -23.86
C MET D 147 -12.82 -9.40 -22.87
N ILE D 148 -12.60 -8.17 -23.31
CA ILE D 148 -12.08 -7.12 -22.44
C ILE D 148 -13.14 -6.60 -21.47
N PRO D 149 -14.40 -6.39 -21.87
CA PRO D 149 -15.34 -5.72 -20.95
C PRO D 149 -15.51 -6.43 -19.62
N ASP D 150 -15.35 -7.75 -19.57
CA ASP D 150 -15.71 -8.45 -18.34
C ASP D 150 -14.73 -9.55 -17.96
N MET D 151 -14.44 -10.46 -18.90
CA MET D 151 -13.56 -11.58 -18.58
C MET D 151 -12.18 -11.09 -18.18
N MET D 152 -11.59 -10.22 -19.01
CA MET D 152 -10.22 -9.80 -18.76
C MET D 152 -10.12 -8.89 -17.55
N THR D 153 -11.07 -7.98 -17.36
CA THR D 153 -10.94 -7.07 -16.24
C THR D 153 -11.25 -7.75 -14.91
N THR D 154 -12.07 -8.81 -14.95
CA THR D 154 -12.35 -9.57 -13.73
C THR D 154 -11.18 -10.47 -13.33
N GLY D 155 -10.72 -11.29 -14.27
CA GLY D 155 -9.58 -12.14 -13.98
C GLY D 155 -8.35 -11.34 -13.58
N PHE D 156 -8.09 -10.24 -14.28
CA PHE D 156 -6.96 -9.40 -13.89
C PHE D 156 -7.19 -8.76 -12.54
N HIS D 157 -8.44 -8.42 -12.21
CA HIS D 157 -8.71 -7.84 -10.91
C HIS D 157 -8.41 -8.84 -9.80
N GLY D 158 -8.66 -10.11 -10.06
CA GLY D 158 -8.25 -11.14 -9.11
C GLY D 158 -6.76 -11.15 -8.86
N ALA D 159 -5.96 -11.07 -9.94
CA ALA D 159 -4.51 -10.99 -9.75
C ALA D 159 -4.11 -9.71 -9.02
N GLU D 160 -4.81 -8.61 -9.28
CA GLU D 160 -4.54 -7.37 -8.57
C GLU D 160 -4.85 -7.50 -7.09
N LEU D 161 -6.03 -8.03 -6.76
CA LEU D 161 -6.40 -8.18 -5.36
C LEU D 161 -5.48 -9.16 -4.63
N ALA D 162 -4.86 -10.09 -5.35
CA ALA D 162 -4.02 -11.11 -4.72
C ALA D 162 -2.71 -10.54 -4.18
N ASP D 163 -2.34 -9.31 -4.52
CA ASP D 163 -1.11 -8.68 -4.04
C ASP D 163 0.12 -9.54 -4.33
N ILE D 164 0.30 -9.85 -5.61
CA ILE D 164 1.29 -10.84 -6.02
C ILE D 164 2.68 -10.21 -6.05
N GLU D 165 3.63 -10.86 -5.40
CA GLU D 165 5.03 -10.47 -5.44
C GLU D 165 5.78 -11.30 -6.48
N LEU D 166 6.85 -10.70 -7.01
CA LEU D 166 7.64 -11.38 -8.02
C LEU D 166 8.10 -12.75 -7.53
N GLY D 167 7.91 -13.77 -8.37
CA GLY D 167 8.32 -15.11 -8.03
C GLY D 167 7.35 -15.89 -7.16
N ALA D 168 6.29 -15.25 -6.67
CA ALA D 168 5.38 -15.91 -5.74
C ALA D 168 4.65 -17.07 -6.41
N THR D 169 4.21 -18.02 -5.59
CA THR D 169 3.39 -19.15 -6.04
C THR D 169 1.91 -18.83 -5.85
N VAL D 170 1.14 -18.98 -6.92
CA VAL D 170 -0.26 -18.57 -6.95
C VAL D 170 -1.10 -19.76 -7.38
N ALA D 171 -2.25 -19.93 -6.72
CA ALA D 171 -3.24 -20.91 -7.12
C ALA D 171 -4.46 -20.19 -7.67
N VAL D 172 -5.05 -20.73 -8.73
CA VAL D 172 -6.29 -20.21 -9.29
C VAL D 172 -7.33 -21.31 -9.21
N LEU D 173 -8.39 -21.06 -8.42
CA LEU D 173 -9.42 -22.05 -8.16
C LEU D 173 -10.55 -21.82 -9.16
N GLY D 174 -10.62 -22.69 -10.17
CA GLY D 174 -11.58 -22.53 -11.24
C GLY D 174 -10.93 -21.92 -12.48
N ILE D 175 -11.10 -22.57 -13.63
CA ILE D 175 -10.46 -22.10 -14.85
C ILE D 175 -11.47 -22.06 -15.99
N GLY D 176 -12.63 -21.49 -15.74
CA GLY D 176 -13.46 -20.97 -16.80
C GLY D 176 -12.85 -19.70 -17.31
N PRO D 177 -13.57 -18.96 -18.15
CA PRO D 177 -12.98 -17.73 -18.73
C PRO D 177 -12.43 -16.75 -17.71
N VAL D 178 -13.15 -16.49 -16.62
CA VAL D 178 -12.63 -15.60 -15.58
C VAL D 178 -11.35 -16.16 -14.97
N GLY D 179 -11.35 -17.46 -14.66
CA GLY D 179 -10.17 -18.06 -14.04
C GLY D 179 -8.97 -18.16 -14.97
N LEU D 180 -9.21 -18.39 -16.26
CA LEU D 180 -8.13 -18.35 -17.23
C LEU D 180 -7.48 -16.98 -17.30
N MET D 181 -8.27 -15.91 -17.22
CA MET D 181 -7.70 -14.57 -17.21
C MET D 181 -7.04 -14.27 -15.88
N ALA D 182 -7.48 -14.92 -14.80
CA ALA D 182 -6.74 -14.79 -13.56
C ALA D 182 -5.39 -15.47 -13.66
N VAL D 183 -5.29 -16.52 -14.46
CA VAL D 183 -4.00 -17.17 -14.70
C VAL D 183 -3.09 -16.23 -15.49
N ALA D 184 -3.61 -15.63 -16.56
CA ALA D 184 -2.82 -14.67 -17.30
C ALA D 184 -2.51 -13.44 -16.45
N GLY D 185 -3.51 -12.97 -15.70
CA GLY D 185 -3.27 -11.85 -14.80
C GLY D 185 -2.16 -12.14 -13.80
N ALA D 186 -2.19 -13.33 -13.19
CA ALA D 186 -1.13 -13.68 -12.25
C ALA D 186 0.23 -13.68 -12.91
N LYS D 187 0.31 -14.13 -14.17
CA LYS D 187 1.57 -14.07 -14.89
C LYS D 187 1.99 -12.64 -15.18
N LEU D 188 1.03 -11.76 -15.46
CA LEU D 188 1.34 -10.35 -15.65
C LEU D 188 1.71 -9.64 -14.36
N ARG D 189 1.53 -10.27 -13.20
CA ARG D 189 2.01 -9.71 -11.95
C ARG D 189 3.35 -10.29 -11.54
N GLY D 190 3.90 -11.20 -12.33
CA GLY D 190 5.22 -11.75 -12.04
C GLY D 190 5.21 -13.02 -11.22
N ALA D 191 4.10 -13.75 -11.20
CA ALA D 191 4.07 -15.00 -10.47
C ALA D 191 5.08 -15.98 -11.04
N GLY D 192 5.68 -16.77 -10.16
CA GLY D 192 6.53 -17.85 -10.61
C GLY D 192 5.69 -19.05 -10.98
N ARG D 193 5.51 -19.96 -10.03
CA ARG D 193 4.64 -21.11 -10.23
C ARG D 193 3.18 -20.67 -10.20
N ILE D 194 2.36 -21.30 -11.04
CA ILE D 194 0.93 -21.01 -11.09
C ILE D 194 0.19 -22.34 -11.15
N ILE D 195 -0.60 -22.62 -10.12
CA ILE D 195 -1.28 -23.90 -9.94
C ILE D 195 -2.75 -23.67 -10.30
N ALA D 196 -3.17 -24.13 -11.48
CA ALA D 196 -4.56 -23.99 -11.91
C ALA D 196 -5.36 -25.21 -11.46
N VAL D 197 -6.59 -24.96 -10.97
CA VAL D 197 -7.47 -26.03 -10.49
C VAL D 197 -8.71 -26.06 -11.38
N GLY D 198 -8.81 -27.11 -12.18
CA GLY D 198 -9.96 -27.33 -13.03
C GLY D 198 -9.96 -28.77 -13.49
N SER D 199 -10.89 -29.10 -14.38
CA SER D 199 -10.95 -30.47 -14.90
C SER D 199 -11.32 -30.57 -16.37
N ARG D 200 -12.05 -29.63 -16.94
CA ARG D 200 -12.42 -29.72 -18.35
C ARG D 200 -11.17 -29.64 -19.21
N PRO D 201 -10.93 -30.62 -20.10
CA PRO D 201 -9.69 -30.59 -20.90
C PRO D 201 -9.48 -29.32 -21.68
N VAL D 202 -10.55 -28.72 -22.23
CA VAL D 202 -10.37 -27.49 -22.99
C VAL D 202 -9.89 -26.35 -22.08
N CYS D 203 -10.34 -26.33 -20.82
CA CYS D 203 -9.88 -25.29 -19.90
C CYS D 203 -8.45 -25.53 -19.45
N VAL D 204 -8.06 -26.80 -19.31
CA VAL D 204 -6.68 -27.11 -18.91
C VAL D 204 -5.70 -26.64 -19.98
N ASP D 205 -6.03 -26.87 -21.25
CA ASP D 205 -5.16 -26.42 -22.35
C ASP D 205 -4.96 -24.91 -22.31
N ALA D 206 -6.06 -24.17 -22.17
CA ALA D 206 -5.98 -22.72 -22.12
C ALA D 206 -5.23 -22.24 -20.89
N ALA D 207 -5.39 -22.94 -19.77
CA ALA D 207 -4.67 -22.55 -18.57
C ALA D 207 -3.17 -22.71 -18.75
N LYS D 208 -2.75 -23.83 -19.34
CA LYS D 208 -1.34 -23.98 -19.70
C LYS D 208 -0.90 -22.89 -20.67
N TYR D 209 -1.77 -22.53 -21.61
CA TYR D 209 -1.44 -21.46 -22.56
C TYR D 209 -1.20 -20.14 -21.86
N TYR D 210 -2.03 -19.79 -20.87
CA TYR D 210 -1.88 -18.49 -20.22
C TYR D 210 -0.84 -18.49 -19.11
N GLY D 211 -0.24 -19.63 -18.78
CA GLY D 211 0.90 -19.61 -17.88
C GLY D 211 0.84 -20.57 -16.71
N ALA D 212 -0.17 -21.44 -16.65
CA ALA D 212 -0.23 -22.42 -15.58
C ALA D 212 0.94 -23.39 -15.69
N THR D 213 1.61 -23.62 -14.56
CA THR D 213 2.71 -24.57 -14.48
C THR D 213 2.28 -25.91 -13.88
N ASP D 214 1.10 -25.97 -13.25
CA ASP D 214 0.63 -27.17 -12.61
C ASP D 214 -0.89 -27.21 -12.72
N ILE D 215 -1.45 -28.40 -12.92
CA ILE D 215 -2.88 -28.60 -13.07
C ILE D 215 -3.35 -29.55 -11.97
N VAL D 216 -4.32 -29.11 -11.18
CA VAL D 216 -4.93 -29.94 -10.14
C VAL D 216 -6.37 -30.27 -10.54
N ASN D 217 -6.65 -31.56 -10.69
CA ASN D 217 -7.99 -32.03 -11.04
C ASN D 217 -8.73 -32.40 -9.76
N TYR D 218 -9.85 -31.72 -9.50
CA TYR D 218 -10.66 -32.06 -8.31
C TYR D 218 -11.42 -33.36 -8.57
N LYS D 219 -10.68 -34.35 -9.04
CA LYS D 219 -11.11 -35.72 -9.21
C LYS D 219 -10.08 -36.71 -8.74
N ASP D 220 -8.80 -36.33 -8.70
CA ASP D 220 -7.73 -37.14 -8.12
C ASP D 220 -7.64 -36.98 -6.61
N GLY D 221 -8.63 -36.34 -5.99
CA GLY D 221 -8.64 -36.17 -4.56
C GLY D 221 -8.95 -34.75 -4.14
N PRO D 222 -8.98 -34.50 -2.83
CA PRO D 222 -9.20 -33.14 -2.34
C PRO D 222 -8.18 -32.16 -2.91
N ILE D 223 -8.69 -31.00 -3.33
CA ILE D 223 -7.83 -29.92 -3.79
C ILE D 223 -6.79 -29.57 -2.72
N GLU D 224 -7.23 -29.40 -1.47
CA GLU D 224 -6.33 -28.96 -0.40
C GLU D 224 -5.17 -29.92 -0.23
N SER D 225 -5.46 -31.22 -0.20
CA SER D 225 -4.40 -32.22 -0.07
C SER D 225 -3.41 -32.13 -1.23
N GLN D 226 -3.91 -32.16 -2.46
CA GLN D 226 -3.01 -32.14 -3.61
C GLN D 226 -2.12 -30.90 -3.61
N ILE D 227 -2.69 -29.74 -3.32
CA ILE D 227 -1.91 -28.51 -3.38
C ILE D 227 -0.87 -28.47 -2.27
N MET D 228 -1.19 -29.02 -1.09
CA MET D 228 -0.18 -29.11 -0.04
C MET D 228 0.96 -30.04 -0.44
N ASN D 229 0.67 -31.11 -1.20
CA ASN D 229 1.74 -31.98 -1.68
C ASN D 229 2.65 -31.25 -2.67
N LEU D 230 2.06 -30.45 -3.56
CA LEU D 230 2.85 -29.73 -4.55
C LEU D 230 3.76 -28.70 -3.89
N THR D 231 3.35 -28.12 -2.78
CA THR D 231 4.11 -27.05 -2.13
C THR D 231 4.90 -27.54 -0.93
N GLU D 232 5.00 -28.85 -0.73
CA GLU D 232 5.70 -29.42 0.43
C GLU D 232 5.15 -28.86 1.74
N GLY D 233 3.82 -28.81 1.84
CA GLY D 233 3.18 -28.34 3.04
C GLY D 233 3.28 -26.86 3.30
N LYS D 234 3.95 -26.10 2.42
CA LYS D 234 4.11 -24.67 2.65
C LYS D 234 2.88 -23.88 2.24
N GLY D 235 2.15 -24.34 1.23
CA GLY D 235 1.03 -23.60 0.71
C GLY D 235 1.44 -22.59 -0.36
N VAL D 236 0.45 -21.81 -0.80
CA VAL D 236 0.64 -20.84 -1.87
C VAL D 236 0.64 -19.44 -1.26
N ASP D 237 1.29 -18.51 -1.98
CA ASP D 237 1.37 -17.13 -1.49
C ASP D 237 0.06 -16.40 -1.67
N ALA D 238 -0.75 -16.83 -2.64
CA ALA D 238 -2.06 -16.24 -2.86
C ALA D 238 -2.93 -17.27 -3.55
N ALA D 239 -4.23 -17.18 -3.30
CA ALA D 239 -5.21 -18.00 -4.01
C ALA D 239 -6.27 -17.08 -4.58
N ILE D 240 -6.52 -17.20 -5.88
CA ILE D 240 -7.53 -16.42 -6.58
C ILE D 240 -8.72 -17.32 -6.81
N ILE D 241 -9.87 -16.97 -6.23
CA ILE D 241 -11.09 -17.76 -6.39
C ILE D 241 -11.83 -17.27 -7.62
N ALA D 242 -12.12 -18.20 -8.56
CA ALA D 242 -12.79 -17.83 -9.79
C ALA D 242 -13.88 -18.82 -10.17
N GLY D 243 -14.39 -19.58 -9.20
CA GLY D 243 -15.41 -20.57 -9.45
C GLY D 243 -15.61 -21.44 -8.22
N GLY D 244 -16.69 -22.20 -8.16
CA GLY D 244 -16.95 -23.11 -7.06
C GLY D 244 -18.12 -22.67 -6.20
N ASN D 245 -18.56 -23.59 -5.35
CA ASN D 245 -19.62 -23.31 -4.39
C ASN D 245 -19.03 -22.51 -3.23
N ALA D 246 -19.84 -22.29 -2.18
CA ALA D 246 -19.36 -21.50 -1.06
C ALA D 246 -18.20 -22.18 -0.34
N ASP D 247 -18.12 -23.51 -0.41
CA ASP D 247 -17.04 -24.24 0.22
C ASP D 247 -15.67 -23.84 -0.33
N ILE D 248 -15.61 -23.29 -1.54
CA ILE D 248 -14.33 -22.93 -2.12
C ILE D 248 -13.63 -21.87 -1.29
N MET D 249 -14.38 -21.08 -0.51
CA MET D 249 -13.75 -20.14 0.41
C MET D 249 -12.92 -20.88 1.45
N ALA D 250 -13.46 -21.97 2.01
CA ALA D 250 -12.68 -22.74 2.97
C ALA D 250 -11.46 -23.36 2.31
N THR D 251 -11.63 -23.92 1.10
CA THR D 251 -10.49 -24.47 0.37
C THR D 251 -9.38 -23.45 0.21
N ALA D 252 -9.73 -22.21 -0.16
CA ALA D 252 -8.71 -21.20 -0.39
C ALA D 252 -7.95 -20.89 0.90
N VAL D 253 -8.67 -20.73 2.02
CA VAL D 253 -8.01 -20.44 3.28
C VAL D 253 -7.05 -21.57 3.66
N LYS D 254 -7.44 -22.82 3.39
CA LYS D 254 -6.64 -23.96 3.80
C LYS D 254 -5.36 -24.11 2.99
N ILE D 255 -5.27 -23.50 1.80
CA ILE D 255 -4.09 -23.67 0.95
C ILE D 255 -3.17 -22.46 0.95
N VAL D 256 -3.56 -21.35 1.55
CA VAL D 256 -2.77 -20.12 1.56
C VAL D 256 -1.90 -20.11 2.82
N LYS D 257 -0.63 -19.75 2.66
CA LYS D 257 0.26 -19.69 3.82
C LYS D 257 -0.06 -18.46 4.67
N PRO D 258 0.33 -18.46 5.94
CA PRO D 258 0.13 -17.27 6.78
C PRO D 258 0.77 -16.05 6.14
N GLY D 259 0.04 -14.93 6.15
CA GLY D 259 0.49 -13.74 5.47
C GLY D 259 0.10 -13.66 4.01
N GLY D 260 -0.41 -14.74 3.42
CA GLY D 260 -0.87 -14.70 2.05
C GLY D 260 -2.29 -14.15 1.92
N THR D 261 -2.74 -14.04 0.67
CA THR D 261 -3.99 -13.37 0.37
C THR D 261 -4.95 -14.29 -0.36
N ILE D 262 -6.22 -14.24 0.02
CA ILE D 262 -7.30 -14.90 -0.69
C ILE D 262 -8.04 -13.82 -1.49
N ALA D 263 -7.97 -13.90 -2.81
CA ALA D 263 -8.53 -12.86 -3.69
C ALA D 263 -9.68 -13.47 -4.49
N ASN D 264 -10.90 -13.15 -4.09
CA ASN D 264 -12.10 -13.67 -4.74
C ASN D 264 -12.63 -12.72 -5.79
N VAL D 265 -12.99 -13.26 -6.96
CA VAL D 265 -13.76 -12.53 -7.95
C VAL D 265 -14.97 -13.37 -8.36
N ASN D 266 -15.23 -14.44 -7.61
CA ASN D 266 -16.37 -15.31 -7.93
C ASN D 266 -17.67 -14.67 -7.48
N TYR D 267 -18.70 -14.87 -8.27
CA TYR D 267 -20.05 -14.39 -7.96
C TYR D 267 -20.77 -15.58 -7.33
N PHE D 268 -20.85 -15.60 -6.00
CA PHE D 268 -21.54 -16.67 -5.28
C PHE D 268 -23.04 -16.42 -5.34
N GLY D 269 -23.81 -17.39 -5.86
CA GLY D 269 -25.21 -17.15 -6.10
C GLY D 269 -26.14 -17.92 -5.19
N GLU D 270 -25.58 -18.77 -4.34
CA GLU D 270 -26.37 -19.58 -3.42
C GLU D 270 -25.64 -19.69 -2.09
N GLY D 271 -26.41 -20.01 -1.06
CA GLY D 271 -25.82 -20.22 0.26
C GLY D 271 -25.91 -18.98 1.12
N GLU D 272 -26.27 -19.16 2.39
CA GLU D 272 -26.43 -17.99 3.26
C GLU D 272 -25.09 -17.41 3.68
N VAL D 273 -24.08 -18.26 3.91
CA VAL D 273 -22.78 -17.81 4.40
C VAL D 273 -21.66 -18.48 3.61
N LEU D 274 -20.54 -17.75 3.49
CA LEU D 274 -19.31 -18.29 2.94
C LEU D 274 -18.43 -18.70 4.10
N PRO D 275 -18.15 -19.99 4.29
CA PRO D 275 -17.47 -20.43 5.52
C PRO D 275 -15.98 -20.11 5.48
N VAL D 276 -15.49 -19.48 6.53
CA VAL D 276 -14.07 -19.23 6.76
C VAL D 276 -13.61 -20.19 7.86
N PRO D 277 -12.72 -21.14 7.57
CA PRO D 277 -12.39 -22.17 8.57
C PRO D 277 -11.55 -21.59 9.70
N ARG D 278 -12.01 -21.80 10.93
CA ARG D 278 -11.44 -21.10 12.09
C ARG D 278 -9.97 -21.48 12.31
N LEU D 279 -9.68 -22.78 12.35
CA LEU D 279 -8.31 -23.23 12.60
C LEU D 279 -7.35 -22.77 11.50
N GLU D 280 -7.67 -23.08 10.24
CA GLU D 280 -6.76 -22.73 9.16
C GLU D 280 -6.71 -21.24 8.87
N TRP D 281 -7.61 -20.44 9.46
CA TRP D 281 -7.47 -18.99 9.45
C TRP D 281 -6.75 -18.49 10.71
N GLY D 282 -6.05 -19.37 11.42
CA GLY D 282 -5.31 -18.99 12.60
C GLY D 282 -6.16 -18.58 13.78
N CYS D 283 -7.36 -19.15 13.92
CA CYS D 283 -8.30 -18.73 14.96
C CYS D 283 -8.56 -17.21 14.91
N GLY D 284 -8.34 -16.59 13.75
CA GLY D 284 -8.49 -15.16 13.57
C GLY D 284 -7.19 -14.40 13.37
N MET D 285 -6.04 -15.07 13.40
CA MET D 285 -4.76 -14.37 13.55
C MET D 285 -3.69 -14.79 12.53
N ALA D 286 -4.04 -15.47 11.44
CA ALA D 286 -3.04 -16.00 10.51
C ALA D 286 -2.60 -14.99 9.46
N HIS D 287 -3.11 -13.76 9.49
CA HIS D 287 -2.82 -12.75 8.46
C HIS D 287 -3.16 -13.24 7.06
N LYS D 288 -4.19 -14.07 6.94
CA LYS D 288 -4.71 -14.46 5.63
C LYS D 288 -5.79 -13.47 5.26
N THR D 289 -5.41 -12.45 4.50
CA THR D 289 -6.36 -11.44 4.07
C THR D 289 -7.31 -12.01 3.03
N ILE D 290 -8.60 -11.73 3.19
CA ILE D 290 -9.62 -12.16 2.24
C ILE D 290 -10.21 -10.94 1.56
N LYS D 291 -10.08 -10.90 0.24
CA LYS D 291 -10.62 -9.84 -0.59
C LYS D 291 -11.66 -10.42 -1.56
N GLY D 292 -12.55 -9.55 -2.00
CA GLY D 292 -13.57 -9.95 -2.96
C GLY D 292 -14.10 -8.73 -3.68
N GLY D 293 -13.94 -8.68 -5.00
CA GLY D 293 -14.25 -7.45 -5.70
C GLY D 293 -14.97 -7.60 -7.02
N LEU D 294 -15.99 -6.77 -7.22
CA LEU D 294 -16.52 -6.50 -8.55
C LEU D 294 -15.43 -5.88 -9.42
N ALA D 295 -15.39 -6.30 -10.68
CA ALA D 295 -14.28 -5.92 -11.56
C ALA D 295 -14.32 -4.42 -11.86
N PRO D 296 -13.17 -3.78 -12.02
CA PRO D 296 -13.17 -2.37 -12.43
C PRO D 296 -13.76 -2.21 -13.83
N GLY D 297 -14.30 -1.03 -14.07
CA GLY D 297 -14.82 -0.68 -15.37
C GLY D 297 -14.42 0.73 -15.76
N GLY D 298 -15.16 1.35 -16.66
CA GLY D 298 -14.89 2.70 -17.10
C GLY D 298 -13.86 2.77 -18.22
N ARG D 299 -13.75 3.97 -18.79
CA ARG D 299 -12.89 4.19 -19.94
C ARG D 299 -11.44 3.80 -19.64
N LEU D 300 -10.89 4.33 -18.55
CA LEU D 300 -9.46 4.15 -18.29
C LEU D 300 -9.11 2.66 -18.16
N ARG D 301 -9.98 1.88 -17.50
CA ARG D 301 -9.72 0.45 -17.38
C ARG D 301 -9.72 -0.24 -18.73
N MET D 302 -10.68 0.09 -19.60
CA MET D 302 -10.71 -0.53 -20.93
C MET D 302 -9.49 -0.14 -21.75
N GLU D 303 -9.07 1.12 -21.68
CA GLU D 303 -7.92 1.57 -22.45
C GLU D 303 -6.66 0.80 -22.05
N ARG D 304 -6.45 0.58 -20.76
CA ARG D 304 -5.23 -0.09 -20.33
C ARG D 304 -5.23 -1.56 -20.73
N LEU D 305 -6.39 -2.22 -20.69
CA LEU D 305 -6.46 -3.61 -21.12
C LEU D 305 -6.37 -3.72 -22.64
N ILE D 306 -6.92 -2.74 -23.36
CA ILE D 306 -6.72 -2.68 -24.81
C ILE D 306 -5.23 -2.65 -25.14
N ASP D 307 -4.44 -1.91 -24.34
CA ASP D 307 -3.00 -1.84 -24.59
C ASP D 307 -2.31 -3.18 -24.33
N LEU D 308 -2.73 -3.89 -23.28
CA LEU D 308 -2.17 -5.21 -23.01
C LEU D 308 -2.46 -6.18 -24.15
N VAL D 309 -3.60 -6.01 -24.82
CA VAL D 309 -3.89 -6.80 -26.01
C VAL D 309 -3.09 -6.28 -27.20
N PHE D 310 -3.09 -4.95 -27.38
CA PHE D 310 -2.46 -4.34 -28.54
C PHE D 310 -0.96 -4.66 -28.59
N TYR D 311 -0.28 -4.54 -27.44
CA TYR D 311 1.15 -4.82 -27.37
C TYR D 311 1.44 -6.29 -27.06
N LYS D 312 0.46 -7.18 -27.31
CA LYS D 312 0.66 -8.63 -27.27
C LYS D 312 1.10 -9.13 -25.90
N ARG D 313 0.64 -8.47 -24.83
CA ARG D 313 0.91 -9.02 -23.50
C ARG D 313 -0.05 -10.15 -23.16
N VAL D 314 -1.27 -10.11 -23.71
CA VAL D 314 -2.25 -11.17 -23.49
C VAL D 314 -3.07 -11.34 -24.76
N ASP D 315 -3.40 -12.57 -25.09
CA ASP D 315 -4.25 -12.89 -26.23
C ASP D 315 -5.50 -13.57 -25.72
N PRO D 316 -6.63 -12.85 -25.61
CA PRO D 316 -7.84 -13.45 -25.05
C PRO D 316 -8.67 -14.24 -26.06
N SER D 317 -8.25 -14.34 -27.32
CA SER D 317 -9.08 -15.05 -28.29
C SER D 317 -9.13 -16.54 -28.00
N LYS D 318 -8.18 -17.06 -27.22
CA LYS D 318 -8.22 -18.48 -26.85
C LYS D 318 -9.39 -18.81 -25.94
N LEU D 319 -9.97 -17.80 -25.28
CA LEU D 319 -11.18 -18.00 -24.49
C LEU D 319 -12.36 -18.35 -25.36
N VAL D 320 -12.35 -17.92 -26.61
CA VAL D 320 -13.52 -18.01 -27.49
C VAL D 320 -13.47 -19.36 -28.20
N THR D 321 -14.40 -20.25 -27.86
CA THR D 321 -14.49 -21.57 -28.45
C THR D 321 -15.64 -21.73 -29.44
N HIS D 322 -16.68 -20.90 -29.31
CA HIS D 322 -17.83 -20.94 -30.21
C HIS D 322 -18.10 -19.53 -30.70
N VAL D 323 -18.21 -19.36 -32.02
CA VAL D 323 -18.63 -18.09 -32.61
C VAL D 323 -19.81 -18.37 -33.53
N PHE D 324 -20.92 -17.72 -33.25
CA PHE D 324 -22.08 -17.72 -34.15
C PHE D 324 -22.27 -16.32 -34.69
N ARG D 325 -23.17 -16.19 -35.65
CA ARG D 325 -23.50 -14.86 -36.10
C ARG D 325 -25.00 -14.76 -36.29
N GLY D 326 -25.55 -13.62 -35.91
CA GLY D 326 -26.98 -13.42 -36.05
C GLY D 326 -27.61 -13.07 -34.72
N PHE D 327 -28.49 -12.07 -34.74
CA PHE D 327 -29.16 -11.64 -33.52
C PHE D 327 -29.87 -12.79 -32.82
N ASP D 328 -30.51 -13.68 -33.58
CA ASP D 328 -31.24 -14.78 -32.99
C ASP D 328 -30.33 -15.71 -32.20
N ASN D 329 -29.06 -15.80 -32.58
CA ASN D 329 -28.14 -16.72 -31.92
C ASN D 329 -27.68 -16.23 -30.56
N ILE D 330 -28.11 -15.04 -30.14
CA ILE D 330 -27.92 -14.63 -28.75
C ILE D 330 -28.60 -15.63 -27.83
N GLU D 331 -29.82 -16.05 -28.18
CA GLU D 331 -30.48 -17.09 -27.39
C GLU D 331 -29.66 -18.38 -27.38
N LYS D 332 -29.14 -18.78 -28.54
CA LYS D 332 -28.37 -20.02 -28.60
C LYS D 332 -27.14 -19.95 -27.71
N ALA D 333 -26.40 -18.83 -27.77
CA ALA D 333 -25.17 -18.73 -26.99
C ALA D 333 -25.46 -18.70 -25.49
N PHE D 334 -26.52 -17.99 -25.10
CA PHE D 334 -26.89 -17.89 -23.69
C PHE D 334 -27.18 -19.27 -23.09
N MET D 335 -27.91 -20.11 -23.82
CA MET D 335 -28.22 -21.44 -23.29
C MET D 335 -27.00 -22.33 -23.18
N LEU D 336 -26.02 -22.17 -24.09
CA LEU D 336 -24.75 -22.85 -23.91
CA LEU D 336 -24.74 -22.84 -23.93
C LEU D 336 -24.10 -22.50 -22.59
N MET D 337 -24.26 -21.24 -22.14
CA MET D 337 -23.73 -20.81 -20.85
C MET D 337 -24.46 -21.49 -19.69
N LYS D 338 -25.73 -21.86 -19.90
CA LYS D 338 -26.49 -22.57 -18.87
C LYS D 338 -26.00 -24.01 -18.78
N ASP D 339 -26.26 -24.81 -19.82
CA ASP D 339 -25.79 -26.19 -19.88
C ASP D 339 -24.44 -26.19 -20.57
N LYS D 340 -23.37 -26.06 -19.79
CA LYS D 340 -22.03 -25.86 -20.32
C LYS D 340 -21.48 -27.14 -20.94
N PRO D 341 -21.40 -27.26 -22.26
CA PRO D 341 -20.75 -28.42 -22.85
C PRO D 341 -19.27 -28.43 -22.50
N LYS D 342 -18.69 -29.63 -22.49
CA LYS D 342 -17.33 -29.77 -22.01
C LYS D 342 -16.30 -29.09 -22.90
N ASP D 343 -16.68 -28.71 -24.13
CA ASP D 343 -15.76 -28.01 -25.04
C ASP D 343 -15.96 -26.51 -25.03
N LEU D 344 -16.80 -25.99 -24.14
CA LEU D 344 -17.13 -24.58 -24.10
C LEU D 344 -16.21 -23.83 -23.16
N ILE D 345 -15.80 -22.64 -23.56
CA ILE D 345 -15.18 -21.72 -22.63
C ILE D 345 -16.01 -20.46 -22.64
N LYS D 346 -16.07 -19.81 -23.79
CA LYS D 346 -16.83 -18.59 -23.91
C LYS D 346 -17.35 -18.51 -25.34
N PRO D 347 -18.64 -18.30 -25.53
CA PRO D 347 -19.18 -18.08 -26.87
C PRO D 347 -19.31 -16.60 -27.21
N VAL D 348 -19.23 -16.29 -28.50
CA VAL D 348 -19.38 -14.92 -28.99
C VAL D 348 -20.37 -14.91 -30.14
N VAL D 349 -21.23 -13.89 -30.19
CA VAL D 349 -22.16 -13.71 -31.29
C VAL D 349 -21.76 -12.46 -32.07
N ILE D 350 -21.57 -12.63 -33.37
CA ILE D 350 -21.15 -11.56 -34.27
C ILE D 350 -22.38 -11.00 -34.97
N LEU D 351 -22.58 -9.69 -34.87
CA LEU D 351 -23.75 -9.04 -35.44
C LEU D 351 -23.45 -8.13 -36.63
N ALA D 352 -22.18 -7.88 -36.92
CA ALA D 352 -21.84 -7.07 -38.08
C ALA D 352 -20.44 -7.40 -38.57
#